data_3NDZ
#
_entry.id   3NDZ
#
_cell.length_a   85.297
_cell.length_b   119.050
_cell.length_c   198.487
_cell.angle_alpha   90.00
_cell.angle_beta   90.00
_cell.angle_gamma   90.00
#
_symmetry.space_group_name_H-M   'P 21 21 21'
#
loop_
_entity.id
_entity.type
_entity.pdbx_description
1 polymer 'Endoglucanase D'
2 polymer 'Endoglucanase D'
3 branched beta-D-glucopyranose-(1-4)-beta-D-glucopyranose-(1-4)-beta-D-glucopyranose
4 water water
#
loop_
_entity_poly.entity_id
_entity_poly.type
_entity_poly.pdbx_seq_one_letter_code
_entity_poly.pdbx_strand_id
1 'polypeptide(L)'
;STAFTGVRDVPAQQIVNEMKVGWNLGNTMDAIGGETNWGNPMTTHAMINKIKEAGFNTLRLPVTWDGHMGAAPEYTIDQT
WMKRVEEIANYAFDNDMYVIINLHHENEWLKPFYANEAQVKAQLTKVWTQIANNFKKYGDHLIFETMNEPRPVGASLQWT
GGSYENREVVNRYNLTAVNAIRATGGNNATRYIMVPTLAASAMSTTINDLVIPNNDSKVIVSLHMYSPYFFAMDINGTSS
WGSDYDKSSLDSEFDAVYNKFVKNGRAVVIGEMGSINKNNTAARVTHAEYYAKSAKARGLTPIWWDNGYSVAGKAETFGI
FNRSNLTWDAPEVMKAFIKGIGGSS
;
A,B,C,D
2 'polypeptide(L)'
;SAVEVTYAITNSWGSGASVNVTIKNNGTTPINGWTLKWTMPINQTITNMWSASFVASGTTLSVTNAGYNGTIAANGGTQS
FGFNINYSGVLSKPTGFTVNGTECTVK
;
E,F,G,H
#
loop_
_chem_comp.id
_chem_comp.type
_chem_comp.name
_chem_comp.formula
BGC D-saccharide, beta linking beta-D-glucopyranose 'C6 H12 O6'
#
# COMPACT_ATOMS: atom_id res chain seq x y z
N SER A 1 16.48 -22.66 31.45
CA SER A 1 17.10 -21.52 30.77
C SER A 1 16.54 -21.27 29.36
N THR A 2 16.43 -20.00 28.99
CA THR A 2 16.02 -19.63 27.65
C THR A 2 17.23 -19.29 26.76
N ALA A 3 18.43 -19.61 27.24
CA ALA A 3 19.64 -19.27 26.50
C ALA A 3 19.68 -19.94 25.14
N PHE A 4 19.36 -21.24 25.11
CA PHE A 4 19.59 -22.04 23.91
C PHE A 4 18.32 -22.75 23.44
N THR A 5 17.27 -21.98 23.18
CA THR A 5 15.98 -22.54 22.77
C THR A 5 15.78 -22.59 21.26
N GLY A 6 16.83 -22.34 20.49
CA GLY A 6 16.70 -22.28 19.04
C GLY A 6 16.00 -21.03 18.55
N VAL A 7 15.85 -20.88 17.24
CA VAL A 7 15.25 -19.67 16.66
C VAL A 7 14.01 -19.96 15.83
N ARG A 8 12.91 -19.35 16.24
CA ARG A 8 11.62 -19.48 15.58
C ARG A 8 11.52 -18.66 14.31
N ASP A 9 10.45 -18.89 13.55
CA ASP A 9 10.20 -18.10 12.36
C ASP A 9 8.90 -17.33 12.49
N VAL A 10 8.49 -17.09 13.73
CA VAL A 10 7.27 -16.32 13.99
C VAL A 10 7.47 -14.85 13.64
N PRO A 11 6.36 -14.12 13.46
CA PRO A 11 6.46 -12.67 13.19
C PRO A 11 7.02 -11.94 14.41
N ALA A 12 7.78 -10.88 14.16
CA ALA A 12 8.48 -10.19 15.22
C ALA A 12 7.50 -9.65 16.29
N GLN A 13 6.30 -9.32 15.87
CA GLN A 13 5.29 -8.83 16.79
C GLN A 13 5.07 -9.87 17.91
N GLN A 14 5.12 -11.14 17.56
CA GLN A 14 4.94 -12.19 18.55
C GLN A 14 6.08 -12.21 19.59
N ILE A 15 7.31 -12.08 19.09
CA ILE A 15 8.47 -11.88 19.96
C ILE A 15 8.33 -10.65 20.84
N VAL A 16 7.90 -9.54 20.25
CA VAL A 16 7.77 -8.31 21.02
C VAL A 16 6.71 -8.52 22.11
N ASN A 17 5.63 -9.22 21.78
CA ASN A 17 4.60 -9.54 22.77
C ASN A 17 5.14 -10.35 23.94
N GLU A 18 5.98 -11.35 23.64
CA GLU A 18 6.53 -12.20 24.68
C GLU A 18 7.55 -11.45 25.52
N MET A 19 8.28 -10.54 24.88
CA MET A 19 9.21 -9.68 25.60
C MET A 19 8.46 -8.94 26.71
N LYS A 20 7.27 -8.46 26.36
CA LYS A 20 6.25 -8.00 27.32
C LYS A 20 6.51 -6.65 27.99
N VAL A 21 7.53 -6.62 28.84
CA VAL A 21 7.95 -5.41 29.53
C VAL A 21 9.36 -5.65 30.04
N GLY A 22 10.23 -4.65 29.92
CA GLY A 22 11.64 -4.85 30.20
C GLY A 22 12.22 -3.88 31.20
N TRP A 23 13.46 -4.14 31.58
CA TRP A 23 14.19 -3.31 32.54
C TRP A 23 15.62 -3.18 32.01
N ASN A 24 16.15 -1.95 31.99
CA ASN A 24 17.56 -1.71 31.64
C ASN A 24 18.54 -1.79 32.82
N LEU A 25 19.61 -2.55 32.64
CA LEU A 25 20.77 -2.48 33.51
C LEU A 25 21.60 -1.25 33.09
N GLY A 26 21.10 -0.06 33.42
CA GLY A 26 21.72 1.17 32.97
C GLY A 26 22.95 1.57 33.76
N ASN A 27 23.81 2.36 33.15
CA ASN A 27 25.01 2.89 33.79
C ASN A 27 25.87 1.79 34.35
N THR A 28 25.96 0.71 33.58
CA THR A 28 26.65 -0.48 34.02
C THR A 28 27.66 -0.90 32.95
N MET A 29 27.28 -1.83 32.07
CA MET A 29 28.19 -2.26 31.02
C MET A 29 28.30 -1.16 29.96
N ASP A 30 27.36 -0.21 30.03
CA ASP A 30 27.40 0.99 29.19
C ASP A 30 28.25 2.13 29.79
N ALA A 31 28.65 2.00 31.06
CA ALA A 31 29.42 3.06 31.70
C ALA A 31 30.81 3.21 31.08
N ILE A 32 31.20 4.44 30.75
CA ILE A 32 32.52 4.69 30.22
C ILE A 32 33.53 4.34 31.31
N GLY A 33 34.49 3.49 31.00
CA GLY A 33 35.48 3.10 31.98
C GLY A 33 35.21 1.79 32.70
N GLY A 34 34.10 1.13 32.40
CA GLY A 34 33.85 -0.17 33.02
C GLY A 34 32.61 -0.30 33.88
N GLU A 35 32.28 -1.54 34.23
CA GLU A 35 31.01 -1.89 34.86
C GLU A 35 30.67 -1.09 36.13
N THR A 36 31.67 -0.78 36.94
CA THR A 36 31.39 -0.17 38.22
C THR A 36 31.84 1.29 38.26
N ASN A 37 32.24 1.80 37.10
CA ASN A 37 32.81 3.13 37.05
C ASN A 37 31.83 4.27 37.26
N TRP A 38 30.54 3.99 37.12
CA TRP A 38 29.53 5.02 37.30
C TRP A 38 28.66 4.78 38.53
N GLY A 39 29.24 4.12 39.54
CA GLY A 39 28.58 3.99 40.82
C GLY A 39 27.63 2.83 41.05
N ASN A 40 27.51 1.92 40.09
CA ASN A 40 26.73 0.73 40.35
C ASN A 40 27.62 -0.39 40.87
N PRO A 41 27.06 -1.29 41.70
CA PRO A 41 27.87 -2.41 42.17
C PRO A 41 28.05 -3.40 41.04
N MET A 42 29.00 -4.31 41.20
CA MET A 42 29.15 -5.39 40.26
C MET A 42 27.82 -6.14 40.21
N THR A 43 27.33 -6.41 39.00
CA THR A 43 26.03 -7.05 38.80
C THR A 43 26.02 -8.52 39.26
N THR A 44 24.99 -8.94 39.97
CA THR A 44 24.89 -10.33 40.43
C THR A 44 23.65 -11.04 39.87
N HIS A 45 23.70 -12.36 39.82
CA HIS A 45 22.53 -13.19 39.52
C HIS A 45 21.33 -12.84 40.42
N ALA A 46 21.59 -12.57 41.69
CA ALA A 46 20.51 -12.28 42.62
C ALA A 46 19.73 -11.01 42.23
N MET A 47 20.44 -9.98 41.80
CA MET A 47 19.81 -8.77 41.25
C MET A 47 18.80 -9.07 40.14
N ILE A 48 19.25 -9.79 39.12
CA ILE A 48 18.40 -10.14 37.99
C ILE A 48 17.22 -11.03 38.40
N ASN A 49 17.44 -11.95 39.35
CA ASN A 49 16.33 -12.71 39.92
C ASN A 49 15.19 -11.80 40.38
N LYS A 50 15.54 -10.73 41.09
CA LYS A 50 14.56 -9.76 41.57
C LYS A 50 13.84 -9.08 40.42
N ILE A 51 14.57 -8.75 39.36
CA ILE A 51 13.95 -8.14 38.19
C ILE A 51 12.87 -9.06 37.61
N LYS A 52 13.20 -10.33 37.43
CA LYS A 52 12.20 -11.30 36.98
C LYS A 52 11.01 -11.44 37.95
N GLU A 53 11.30 -11.52 39.25
CA GLU A 53 10.24 -11.70 40.23
C GLU A 53 9.23 -10.56 40.23
N ALA A 54 9.71 -9.35 39.92
CA ALA A 54 8.84 -8.16 39.86
C ALA A 54 7.83 -8.20 38.70
N GLY A 55 8.12 -9.00 37.66
CA GLY A 55 7.21 -9.09 36.52
C GLY A 55 7.83 -8.70 35.18
N PHE A 56 9.09 -8.32 35.20
CA PHE A 56 9.79 -7.99 33.96
C PHE A 56 10.21 -9.26 33.22
N ASN A 57 10.05 -9.28 31.91
CA ASN A 57 10.46 -10.46 31.15
C ASN A 57 11.63 -10.23 30.19
N THR A 58 12.08 -8.99 30.10
CA THR A 58 13.21 -8.65 29.25
C THR A 58 14.22 -7.85 30.05
N LEU A 59 15.49 -8.24 29.91
CA LEU A 59 16.59 -7.46 30.42
C LEU A 59 17.27 -6.82 29.23
N ARG A 60 17.21 -5.50 29.11
CA ARG A 60 18.06 -4.83 28.14
C ARG A 60 19.40 -4.60 28.79
N LEU A 61 20.44 -4.98 28.06
CA LEU A 61 21.80 -5.02 28.56
C LEU A 61 22.66 -4.11 27.70
N PRO A 62 22.61 -2.80 27.95
CA PRO A 62 23.37 -1.85 27.13
C PRO A 62 24.88 -1.98 27.38
N VAL A 63 25.66 -2.04 26.29
CA VAL A 63 27.10 -2.23 26.43
C VAL A 63 27.87 -1.17 25.64
N THR A 64 28.79 -0.49 26.32
CA THR A 64 29.69 0.41 25.61
C THR A 64 30.97 -0.33 25.32
N TRP A 65 31.28 -0.51 24.04
CA TRP A 65 32.45 -1.28 23.62
C TRP A 65 33.68 -0.40 23.45
N ASP A 66 33.46 0.86 23.10
CA ASP A 66 34.57 1.81 23.00
C ASP A 66 35.29 1.80 24.35
N GLY A 67 36.60 1.73 24.32
CA GLY A 67 37.38 1.58 25.54
C GLY A 67 37.76 0.14 25.84
N HIS A 68 37.15 -0.80 25.13
CA HIS A 68 37.46 -2.22 25.32
C HIS A 68 37.95 -2.87 24.04
N MET A 69 38.34 -2.08 23.05
CA MET A 69 38.80 -2.67 21.81
C MET A 69 40.08 -2.04 21.29
N GLY A 70 40.84 -2.82 20.54
CA GLY A 70 42.09 -2.35 19.97
C GLY A 70 41.87 -1.55 18.71
N ALA A 71 42.96 -1.29 17.99
CA ALA A 71 42.91 -0.39 16.84
C ALA A 71 42.58 -1.13 15.54
N ALA A 72 42.34 -0.35 14.48
CA ALA A 72 42.19 -0.90 13.14
C ALA A 72 43.43 -1.75 12.85
N PRO A 73 43.28 -2.77 12.01
CA PRO A 73 42.06 -3.10 11.28
C PRO A 73 41.12 -4.04 12.04
N GLU A 74 41.62 -4.71 13.08
CA GLU A 74 40.83 -5.77 13.69
C GLU A 74 39.86 -5.32 14.77
N TYR A 75 40.20 -4.22 15.44
CA TYR A 75 39.40 -3.68 16.54
C TYR A 75 39.07 -4.77 17.55
N THR A 76 40.08 -5.50 17.95
CA THR A 76 39.86 -6.67 18.79
C THR A 76 39.29 -6.27 20.13
N ILE A 77 38.15 -6.87 20.46
CA ILE A 77 37.45 -6.58 21.70
C ILE A 77 38.07 -7.41 22.83
N ASP A 78 38.31 -6.78 23.97
CA ASP A 78 38.86 -7.49 25.11
C ASP A 78 38.00 -8.72 25.49
N GLN A 79 38.65 -9.87 25.61
CA GLN A 79 37.96 -11.14 25.83
C GLN A 79 37.24 -11.21 27.18
N THR A 80 37.86 -10.66 28.23
CA THR A 80 37.24 -10.63 29.55
C THR A 80 35.96 -9.80 29.52
N TRP A 81 36.01 -8.65 28.88
CA TRP A 81 34.82 -7.84 28.68
C TRP A 81 33.70 -8.61 27.97
N MET A 82 34.04 -9.21 26.84
CA MET A 82 33.08 -10.01 26.07
C MET A 82 32.42 -11.09 26.95
N LYS A 83 33.24 -11.87 27.67
CA LYS A 83 32.70 -12.94 28.50
C LYS A 83 31.91 -12.44 29.72
N ARG A 84 32.19 -11.23 30.18
CA ARG A 84 31.43 -10.65 31.28
C ARG A 84 30.02 -10.25 30.83
N VAL A 85 29.92 -9.66 29.64
CA VAL A 85 28.61 -9.38 29.06
C VAL A 85 27.80 -10.68 28.96
N GLU A 86 28.47 -11.74 28.53
CA GLU A 86 27.80 -13.04 28.37
C GLU A 86 27.34 -13.61 29.71
N GLU A 87 28.19 -13.48 30.73
CA GLU A 87 27.84 -13.91 32.08
C GLU A 87 26.56 -13.22 32.56
N ILE A 88 26.50 -11.90 32.42
CA ILE A 88 25.32 -11.16 32.85
C ILE A 88 24.08 -11.58 32.04
N ALA A 89 24.24 -11.76 30.73
CA ALA A 89 23.11 -12.21 29.91
C ALA A 89 22.52 -13.52 30.47
N ASN A 90 23.40 -14.43 30.86
CA ASN A 90 22.94 -15.70 31.39
C ASN A 90 22.22 -15.60 32.74
N TYR A 91 22.50 -14.55 33.51
CA TYR A 91 21.72 -14.29 34.73
C TYR A 91 20.27 -14.20 34.32
N ALA A 92 20.02 -13.53 33.21
CA ALA A 92 18.66 -13.31 32.72
C ALA A 92 18.08 -14.57 32.08
N PHE A 93 18.88 -15.26 31.27
CA PHE A 93 18.41 -16.48 30.61
C PHE A 93 18.04 -17.55 31.64
N ASP A 94 18.77 -17.60 32.75
CA ASP A 94 18.45 -18.51 33.86
C ASP A 94 17.05 -18.23 34.38
N ASN A 95 16.59 -16.99 34.20
CA ASN A 95 15.26 -16.59 34.63
C ASN A 95 14.23 -16.64 33.51
N ASP A 96 14.61 -17.28 32.41
CA ASP A 96 13.69 -17.44 31.27
C ASP A 96 13.29 -16.12 30.64
N MET A 97 14.22 -15.18 30.61
CA MET A 97 13.97 -13.86 30.08
C MET A 97 14.47 -13.69 28.65
N TYR A 98 14.06 -12.59 28.02
CA TYR A 98 14.72 -12.10 26.82
C TYR A 98 15.85 -11.17 27.24
N VAL A 99 16.89 -11.09 26.43
CA VAL A 99 18.00 -10.18 26.67
C VAL A 99 18.25 -9.43 25.38
N ILE A 100 18.44 -8.12 25.50
CA ILE A 100 18.87 -7.29 24.38
C ILE A 100 20.27 -6.79 24.64
N ILE A 101 21.16 -7.00 23.68
CA ILE A 101 22.52 -6.51 23.78
C ILE A 101 22.75 -5.53 22.64
N ASN A 102 23.28 -4.34 22.96
CA ASN A 102 23.50 -3.33 21.92
C ASN A 102 24.94 -2.85 21.85
N LEU A 103 25.17 -1.80 21.05
CA LEU A 103 26.35 -0.93 21.17
C LEU A 103 25.80 0.37 21.75
N HIS A 104 26.42 0.89 22.80
CA HIS A 104 25.79 2.03 23.49
C HIS A 104 26.46 3.39 23.28
N HIS A 105 27.33 3.79 24.19
CA HIS A 105 27.99 5.08 24.11
C HIS A 105 29.21 5.09 23.17
N GLU A 106 28.96 4.89 21.89
CA GLU A 106 30.02 4.71 20.90
C GLU A 106 30.29 5.96 20.09
N ASN A 107 29.89 7.12 20.61
CA ASN A 107 29.97 8.37 19.84
C ASN A 107 31.37 8.83 19.45
N GLU A 108 32.40 8.37 20.15
CA GLU A 108 33.76 8.74 19.80
C GLU A 108 34.19 8.11 18.48
N TRP A 109 33.47 7.10 18.00
CA TRP A 109 33.82 6.48 16.72
C TRP A 109 32.66 6.32 15.74
N LEU A 110 31.44 6.15 16.26
CA LEU A 110 30.29 5.91 15.42
CA LEU A 110 30.29 5.91 15.41
C LEU A 110 29.66 7.24 15.00
N LYS A 111 30.11 7.78 13.87
CA LYS A 111 29.76 9.14 13.44
C LYS A 111 29.01 9.11 12.10
N PRO A 112 27.74 9.50 12.11
CA PRO A 112 26.91 9.39 10.90
C PRO A 112 27.12 10.54 9.90
N PHE A 113 28.30 10.57 9.28
CA PHE A 113 28.61 11.53 8.22
C PHE A 113 29.27 10.83 7.03
N TYR A 114 29.04 11.35 5.83
CA TYR A 114 29.59 10.78 4.62
C TYR A 114 31.09 10.63 4.73
N ALA A 115 31.75 11.62 5.32
CA ALA A 115 33.20 11.61 5.42
C ALA A 115 33.78 10.52 6.34
N ASN A 116 32.99 10.09 7.33
CA ASN A 116 33.43 9.04 8.26
C ASN A 116 32.96 7.66 7.84
N GLU A 117 32.05 7.61 6.88
CA GLU A 117 31.31 6.38 6.57
C GLU A 117 32.19 5.14 6.31
N ALA A 118 33.15 5.26 5.41
CA ALA A 118 33.97 4.12 5.06
C ALA A 118 34.65 3.49 6.27
N GLN A 119 35.32 4.32 7.08
CA GLN A 119 36.04 3.81 8.24
C GLN A 119 35.10 3.29 9.34
N VAL A 120 34.00 4.00 9.57
CA VAL A 120 33.03 3.58 10.58
C VAL A 120 32.44 2.21 10.21
N LYS A 121 32.06 2.04 8.95
CA LYS A 121 31.58 0.75 8.47
C LYS A 121 32.58 -0.37 8.76
N ALA A 122 33.85 -0.15 8.46
CA ALA A 122 34.88 -1.14 8.74
C ALA A 122 34.91 -1.49 10.23
N GLN A 123 34.85 -0.49 11.09
CA GLN A 123 34.85 -0.77 12.52
C GLN A 123 33.55 -1.47 12.97
N LEU A 124 32.42 -1.02 12.46
CA LEU A 124 31.13 -1.61 12.81
C LEU A 124 31.09 -3.08 12.46
N THR A 125 31.65 -3.40 11.29
CA THR A 125 31.69 -4.77 10.81
C THR A 125 32.52 -5.65 11.76
N LYS A 126 33.71 -5.19 12.11
CA LYS A 126 34.58 -5.93 13.02
C LYS A 126 33.97 -6.07 14.40
N VAL A 127 33.36 -4.99 14.90
CA VAL A 127 32.74 -5.04 16.20
C VAL A 127 31.57 -6.03 16.25
N TRP A 128 30.66 -5.93 15.29
CA TRP A 128 29.50 -6.84 15.30
C TRP A 128 29.88 -8.28 14.96
N THR A 129 30.88 -8.45 14.10
CA THR A 129 31.37 -9.77 13.79
C THR A 129 31.80 -10.47 15.09
N GLN A 130 32.57 -9.77 15.93
CA GLN A 130 33.05 -10.38 17.18
C GLN A 130 31.93 -10.64 18.18
N ILE A 131 31.02 -9.70 18.33
CA ILE A 131 29.92 -9.89 19.27
C ILE A 131 29.04 -11.06 18.84
N ALA A 132 28.67 -11.06 17.56
CA ALA A 132 27.81 -12.10 17.02
C ALA A 132 28.48 -13.46 17.14
N ASN A 133 29.76 -13.52 16.81
CA ASN A 133 30.51 -14.76 16.95
C ASN A 133 30.48 -15.30 18.38
N ASN A 134 30.66 -14.42 19.36
CA ASN A 134 30.63 -14.89 20.74
C ASN A 134 29.28 -15.47 21.17
N PHE A 135 28.20 -14.95 20.60
CA PHE A 135 26.86 -15.32 21.06
C PHE A 135 26.14 -16.23 20.08
N LYS A 136 26.89 -16.83 19.17
CA LYS A 136 26.31 -17.56 18.07
C LYS A 136 25.33 -18.67 18.50
N LYS A 137 25.62 -19.37 19.59
CA LYS A 137 24.80 -20.50 19.98
C LYS A 137 23.46 -20.12 20.60
N TYR A 138 23.36 -18.89 21.08
CA TYR A 138 22.15 -18.47 21.79
C TYR A 138 20.94 -18.40 20.87
N GLY A 139 19.79 -18.80 21.39
CA GLY A 139 18.57 -18.83 20.60
C GLY A 139 17.87 -17.49 20.47
N ASP A 140 16.58 -17.53 20.11
CA ASP A 140 15.89 -16.29 19.79
C ASP A 140 15.53 -15.42 20.99
N HIS A 141 15.83 -15.88 22.21
CA HIS A 141 15.66 -15.03 23.38
C HIS A 141 16.78 -14.00 23.52
N LEU A 142 17.83 -14.14 22.71
CA LEU A 142 18.87 -13.12 22.58
C LEU A 142 18.57 -12.24 21.38
N ILE A 143 18.40 -10.95 21.64
CA ILE A 143 18.15 -10.00 20.58
C ILE A 143 19.32 -9.02 20.52
N PHE A 144 19.85 -8.76 19.33
CA PHE A 144 20.89 -7.75 19.17
C PHE A 144 20.24 -6.44 18.75
N GLU A 145 20.75 -5.33 19.29
CA GLU A 145 20.30 -4.01 18.87
C GLU A 145 21.52 -3.34 18.24
N THR A 146 21.43 -2.97 16.96
CA THR A 146 22.61 -2.63 16.18
C THR A 146 23.40 -1.42 16.71
N MET A 147 22.68 -0.43 17.22
CA MET A 147 23.28 0.78 17.78
C MET A 147 22.27 1.37 18.73
N ASN A 148 22.69 2.38 19.49
CA ASN A 148 21.86 2.98 20.52
C ASN A 148 21.15 4.23 20.00
N GLU A 149 21.86 5.35 20.01
CA GLU A 149 21.29 6.61 19.54
C GLU A 149 22.25 7.35 18.60
N PRO A 150 22.53 6.75 17.44
CA PRO A 150 23.48 7.36 16.50
C PRO A 150 22.94 8.71 16.06
N ARG A 151 23.78 9.74 16.09
CA ARG A 151 23.33 11.10 15.86
C ARG A 151 24.54 12.01 15.68
N PRO A 152 24.32 13.21 15.09
CA PRO A 152 25.36 14.24 15.14
C PRO A 152 25.45 14.73 16.58
N VAL A 153 26.67 14.91 17.09
CA VAL A 153 26.82 15.42 18.44
C VAL A 153 26.78 16.92 18.28
N GLY A 154 26.78 17.67 19.37
CA GLY A 154 26.69 19.11 19.24
C GLY A 154 25.40 19.54 19.90
N ALA A 155 25.52 20.38 20.92
CA ALA A 155 24.42 20.66 21.80
C ALA A 155 23.15 21.09 21.05
N SER A 156 23.29 21.98 20.07
CA SER A 156 22.12 22.55 19.42
C SER A 156 21.34 21.51 18.62
N LEU A 157 21.97 20.37 18.37
CA LEU A 157 21.35 19.31 17.56
C LEU A 157 20.74 18.19 18.40
N GLN A 158 20.85 18.27 19.72
CA GLN A 158 20.49 17.16 20.59
C GLN A 158 19.06 16.61 20.41
N TRP A 159 18.08 17.49 20.26
CA TRP A 159 16.70 17.02 20.09
C TRP A 159 16.19 17.22 18.67
N THR A 160 17.09 17.17 17.69
CA THR A 160 16.69 17.34 16.31
C THR A 160 16.68 16.01 15.56
N GLY A 161 16.14 16.03 14.36
CA GLY A 161 16.19 14.87 13.48
C GLY A 161 17.47 14.79 12.68
N GLY A 162 18.45 15.63 13.00
CA GLY A 162 19.69 15.68 12.24
C GLY A 162 19.49 16.12 10.80
N SER A 163 20.49 15.89 9.93
CA SER A 163 20.34 16.21 8.50
C SER A 163 19.93 14.97 7.71
N TYR A 164 19.49 15.18 6.47
CA TYR A 164 19.26 14.08 5.56
C TYR A 164 20.54 13.22 5.50
N GLU A 165 21.69 13.88 5.44
CA GLU A 165 22.97 13.18 5.52
C GLU A 165 23.04 12.22 6.70
N ASN A 166 22.78 12.73 7.90
CA ASN A 166 22.87 11.88 9.08
C ASN A 166 21.90 10.69 9.00
N ARG A 167 20.67 10.96 8.59
CA ARG A 167 19.65 9.91 8.57
C ARG A 167 20.00 8.85 7.54
N GLU A 168 20.50 9.29 6.37
CA GLU A 168 20.96 8.38 5.33
C GLU A 168 22.10 7.51 5.83
N VAL A 169 23.08 8.12 6.49
CA VAL A 169 24.22 7.34 6.94
C VAL A 169 23.82 6.39 8.06
N VAL A 170 22.85 6.77 8.89
CA VAL A 170 22.40 5.87 9.94
C VAL A 170 21.77 4.62 9.31
N ASN A 171 20.97 4.83 8.27
CA ASN A 171 20.39 3.70 7.55
C ASN A 171 21.47 2.79 6.99
N ARG A 172 22.54 3.38 6.45
CA ARG A 172 23.64 2.58 5.91
C ARG A 172 24.34 1.80 7.02
N TYR A 173 24.54 2.42 8.18
CA TYR A 173 25.15 1.73 9.34
C TYR A 173 24.30 0.54 9.82
N ASN A 174 22.98 0.73 9.92
CA ASN A 174 22.09 -0.37 10.30
C ASN A 174 22.22 -1.56 9.33
N LEU A 175 22.31 -1.27 8.04
CA LEU A 175 22.50 -2.34 7.07
C LEU A 175 23.85 -3.07 7.28
N THR A 176 24.91 -2.29 7.44
CA THR A 176 26.25 -2.83 7.71
C THR A 176 26.25 -3.70 8.96
N ALA A 177 25.63 -3.21 10.03
CA ALA A 177 25.54 -3.95 11.28
C ALA A 177 24.74 -5.25 11.12
N VAL A 178 23.57 -5.18 10.50
CA VAL A 178 22.77 -6.37 10.28
C VAL A 178 23.50 -7.41 9.41
N ASN A 179 24.12 -6.96 8.32
CA ASN A 179 24.84 -7.90 7.47
C ASN A 179 26.01 -8.55 8.21
N ALA A 180 26.73 -7.78 9.02
CA ALA A 180 27.84 -8.31 9.81
C ALA A 180 27.33 -9.39 10.76
N ILE A 181 26.22 -9.12 11.43
CA ILE A 181 25.63 -10.09 12.33
C ILE A 181 25.26 -11.37 11.57
N ARG A 182 24.54 -11.20 10.47
CA ARG A 182 24.02 -12.34 9.71
C ARG A 182 25.14 -13.15 9.06
N ALA A 183 26.20 -12.48 8.64
CA ALA A 183 27.32 -13.16 8.00
C ALA A 183 28.07 -14.16 8.90
N THR A 184 27.91 -14.05 10.21
CA THR A 184 28.56 -15.02 11.09
C THR A 184 27.83 -16.37 11.06
N GLY A 185 26.60 -16.38 10.54
CA GLY A 185 25.87 -17.60 10.31
C GLY A 185 25.20 -18.19 11.53
N GLY A 186 24.77 -19.43 11.43
CA GLY A 186 24.10 -20.11 12.53
C GLY A 186 22.86 -19.35 12.94
N ASN A 187 22.56 -19.36 14.24
CA ASN A 187 21.42 -18.65 14.79
C ASN A 187 21.45 -17.13 14.52
N ASN A 188 22.64 -16.59 14.29
CA ASN A 188 22.74 -15.17 13.94
C ASN A 188 22.12 -14.83 12.58
N ALA A 189 22.04 -15.82 11.68
CA ALA A 189 21.40 -15.59 10.38
C ALA A 189 19.89 -15.45 10.51
N THR A 190 19.33 -15.91 11.63
CA THR A 190 17.88 -15.93 11.76
C THR A 190 17.36 -15.26 13.02
N ARG A 191 18.22 -14.82 13.92
CA ARG A 191 17.72 -14.18 15.13
C ARG A 191 17.04 -12.83 14.87
N TYR A 192 16.25 -12.38 15.83
CA TYR A 192 15.58 -11.09 15.76
C TYR A 192 16.58 -10.00 16.09
N ILE A 193 16.49 -8.87 15.38
CA ILE A 193 17.43 -7.77 15.51
C ILE A 193 16.67 -6.45 15.61
N MET A 194 17.08 -5.60 16.55
CA MET A 194 16.52 -4.27 16.69
C MET A 194 17.41 -3.23 16.00
N VAL A 195 16.81 -2.28 15.30
CA VAL A 195 17.57 -1.18 14.73
C VAL A 195 16.91 0.15 15.07
N PRO A 196 17.73 1.16 15.41
CA PRO A 196 17.17 2.46 15.77
C PRO A 196 17.01 3.40 14.57
N THR A 197 16.11 4.36 14.71
CA THR A 197 16.09 5.56 13.91
C THR A 197 17.25 6.44 14.37
N LEU A 198 17.48 7.56 13.68
CA LEU A 198 18.46 8.52 14.15
C LEU A 198 18.08 8.93 15.57
N ALA A 199 19.06 8.87 16.49
CA ALA A 199 18.86 9.18 17.90
C ALA A 199 17.80 8.29 18.58
N ALA A 200 17.41 7.20 17.93
CA ALA A 200 16.27 6.38 18.40
C ALA A 200 15.03 7.24 18.65
N SER A 201 14.92 8.33 17.90
CA SER A 201 13.81 9.25 18.06
C SER A 201 12.58 8.73 17.36
N ALA A 202 11.43 8.93 18.00
CA ALA A 202 10.15 8.59 17.40
C ALA A 202 9.53 9.78 16.65
N MET A 203 10.27 10.89 16.52
CA MET A 203 9.69 12.05 15.84
C MET A 203 9.43 11.71 14.37
N SER A 204 8.49 12.40 13.74
CA SER A 204 8.11 12.08 12.37
C SER A 204 9.30 12.03 11.42
N THR A 205 10.20 13.00 11.56
CA THR A 205 11.31 13.12 10.62
C THR A 205 12.13 11.84 10.58
N THR A 206 12.40 11.29 11.76
CA THR A 206 13.29 10.13 11.86
C THR A 206 12.56 8.81 11.60
N ILE A 207 11.32 8.66 12.07
CA ILE A 207 10.61 7.41 11.77
C ILE A 207 10.21 7.33 10.30
N ASN A 208 9.90 8.47 9.69
CA ASN A 208 9.61 8.51 8.24
C ASN A 208 10.82 8.18 7.38
N ASP A 209 12.03 8.38 7.90
CA ASP A 209 13.23 8.14 7.09
C ASP A 209 13.92 6.83 7.40
N LEU A 210 13.40 6.07 8.35
CA LEU A 210 13.96 4.77 8.65
C LEU A 210 13.84 3.80 7.46
N VAL A 211 14.95 3.16 7.10
CA VAL A 211 14.93 2.09 6.11
C VAL A 211 15.35 0.78 6.77
N ILE A 212 14.49 -0.23 6.70
CA ILE A 212 14.78 -1.53 7.29
C ILE A 212 15.79 -2.30 6.43
N PRO A 213 16.95 -2.66 7.02
CA PRO A 213 17.95 -3.44 6.30
C PRO A 213 17.35 -4.66 5.63
N ASN A 214 17.48 -4.76 4.32
CA ASN A 214 17.00 -5.89 3.54
C ASN A 214 15.49 -6.12 3.65
N ASN A 215 14.77 -5.14 4.20
CA ASN A 215 13.34 -5.31 4.42
C ASN A 215 13.04 -6.52 5.29
N ASP A 216 14.04 -6.93 6.05
CA ASP A 216 14.02 -8.15 6.85
C ASP A 216 12.87 -8.15 7.88
N SER A 217 11.98 -9.13 7.78
CA SER A 217 10.85 -9.23 8.71
C SER A 217 11.30 -9.59 10.14
N LYS A 218 12.53 -10.08 10.29
CA LYS A 218 13.06 -10.32 11.63
C LYS A 218 13.55 -9.03 12.30
N VAL A 219 13.47 -7.90 11.61
CA VAL A 219 13.95 -6.66 12.19
C VAL A 219 12.86 -5.94 13.00
N ILE A 220 13.24 -5.47 14.18
CA ILE A 220 12.33 -4.76 15.07
C ILE A 220 12.85 -3.33 15.21
N VAL A 221 11.95 -2.36 15.27
CA VAL A 221 12.38 -0.97 15.39
C VAL A 221 12.62 -0.62 16.86
N SER A 222 13.71 0.10 17.10
CA SER A 222 14.08 0.51 18.44
C SER A 222 13.85 2.00 18.60
N LEU A 223 12.99 2.38 19.54
CA LEU A 223 12.73 3.79 19.84
C LEU A 223 12.94 4.08 21.32
N HIS A 224 13.42 5.27 21.62
CA HIS A 224 13.50 5.70 23.01
C HIS A 224 12.51 6.82 23.19
N MET A 225 11.57 6.64 24.12
CA MET A 225 10.51 7.63 24.28
C MET A 225 10.29 8.01 25.73
N TYR A 226 11.12 8.93 26.22
CA TYR A 226 10.95 9.47 27.57
C TYR A 226 9.88 10.57 27.56
N SER A 227 8.61 10.18 27.43
CA SER A 227 7.54 11.16 27.24
C SER A 227 6.63 11.23 28.44
N PRO A 228 6.10 12.42 28.73
CA PRO A 228 6.43 13.68 28.05
C PRO A 228 7.74 14.23 28.58
N TYR A 229 8.47 14.99 27.77
CA TYR A 229 9.80 15.42 28.13
C TYR A 229 9.91 16.15 29.47
N PHE A 230 9.09 17.17 29.64
CA PHE A 230 9.26 18.01 30.82
C PHE A 230 8.96 17.25 32.11
N PHE A 231 7.95 16.39 32.09
CA PHE A 231 7.66 15.58 33.26
C PHE A 231 8.72 14.52 33.49
N ALA A 232 9.05 13.77 32.46
CA ALA A 232 9.84 12.56 32.64
C ALA A 232 11.32 12.82 32.81
N MET A 233 11.81 13.87 32.18
CA MET A 233 13.26 14.05 32.05
C MET A 233 13.82 15.34 32.65
N ASP A 234 13.03 16.42 32.65
CA ASP A 234 13.56 17.73 33.00
C ASP A 234 13.47 18.01 34.49
N ILE A 235 14.62 18.11 35.15
CA ILE A 235 14.66 18.38 36.58
C ILE A 235 13.90 19.66 36.92
N ASN A 236 13.75 20.56 35.94
CA ASN A 236 13.04 21.82 36.16
C ASN A 236 11.64 21.84 35.55
N GLY A 237 11.24 20.74 34.92
CA GLY A 237 9.91 20.63 34.36
C GLY A 237 8.89 20.19 35.39
N THR A 238 7.62 20.28 35.04
CA THR A 238 6.53 19.97 35.97
C THR A 238 6.69 18.65 36.71
N SER A 239 6.16 18.58 37.93
CA SER A 239 6.18 17.36 38.72
CA SER A 239 6.20 17.34 38.68
C SER A 239 4.82 16.68 38.69
N SER A 240 3.90 17.23 37.91
CA SER A 240 2.55 16.70 37.85
C SER A 240 2.28 16.03 36.51
N TRP A 241 1.45 14.98 36.52
CA TRP A 241 1.05 14.31 35.30
C TRP A 241 -0.27 13.62 35.53
N GLY A 242 -1.18 13.70 34.56
CA GLY A 242 -2.40 12.93 34.63
C GLY A 242 -3.67 13.58 34.10
N SER A 243 -3.55 14.80 33.58
CA SER A 243 -4.71 15.49 33.00
C SER A 243 -5.16 14.80 31.73
N ASP A 244 -6.35 15.15 31.27
CA ASP A 244 -6.86 14.62 30.01
C ASP A 244 -5.89 14.96 28.90
N TYR A 245 -5.35 16.18 28.94
CA TYR A 245 -4.38 16.62 27.94
C TYR A 245 -3.12 15.76 27.97
N ASP A 246 -2.63 15.45 29.17
CA ASP A 246 -1.44 14.61 29.34
C ASP A 246 -1.67 13.25 28.70
N LYS A 247 -2.80 12.65 29.00
CA LYS A 247 -3.10 11.32 28.50
C LYS A 247 -3.20 11.34 26.97
N SER A 248 -3.96 12.29 26.47
CA SER A 248 -4.19 12.40 25.04
C SER A 248 -2.87 12.61 24.30
N SER A 249 -2.00 13.43 24.88
CA SER A 249 -0.71 13.74 24.26
C SER A 249 0.15 12.48 24.21
N LEU A 250 0.16 11.72 25.29
CA LEU A 250 0.97 10.51 25.31
C LEU A 250 0.41 9.48 24.31
N ASP A 251 -0.91 9.30 24.31
CA ASP A 251 -1.55 8.44 23.33
C ASP A 251 -1.12 8.79 21.91
N SER A 252 -1.11 10.09 21.61
CA SER A 252 -0.84 10.54 20.26
C SER A 252 0.57 10.17 19.84
N GLU A 253 1.54 10.33 20.73
CA GLU A 253 2.91 9.92 20.42
C GLU A 253 2.95 8.45 20.02
N PHE A 254 2.26 7.60 20.78
CA PHE A 254 2.24 6.17 20.47
C PHE A 254 1.48 5.88 19.17
N ASP A 255 0.40 6.63 18.92
CA ASP A 255 -0.39 6.47 17.70
C ASP A 255 0.46 6.70 16.46
N ALA A 256 1.43 7.63 16.54
CA ALA A 256 2.33 7.88 15.42
C ALA A 256 3.15 6.64 15.13
N VAL A 257 3.58 5.96 16.19
CA VAL A 257 4.39 4.76 16.03
C VAL A 257 3.53 3.58 15.58
N TYR A 258 2.33 3.48 16.14
CA TYR A 258 1.39 2.43 15.73
C TYR A 258 1.11 2.55 14.23
N ASN A 259 0.79 3.75 13.78
CA ASN A 259 0.39 3.93 12.39
C ASN A 259 1.52 3.75 11.40
N LYS A 260 2.71 4.18 11.78
CA LYS A 260 3.89 4.05 10.91
C LYS A 260 4.37 2.60 10.79
N PHE A 261 4.44 1.90 11.92
CA PHE A 261 5.06 0.59 11.98
C PHE A 261 4.11 -0.56 12.37
N VAL A 262 3.56 -0.51 13.58
CA VAL A 262 2.90 -1.68 14.16
C VAL A 262 1.76 -2.18 13.30
N LYS A 263 0.89 -1.29 12.85
CA LYS A 263 -0.29 -1.75 12.13
C LYS A 263 0.06 -2.28 10.74
N ASN A 264 1.28 -2.00 10.28
CA ASN A 264 1.75 -2.56 9.01
C ASN A 264 2.56 -3.84 9.19
N GLY A 265 2.59 -4.38 10.40
CA GLY A 265 3.33 -5.59 10.69
C GLY A 265 4.77 -5.42 11.12
N ARG A 266 5.23 -4.17 11.28
CA ARG A 266 6.60 -3.92 11.73
C ARG A 266 6.60 -3.71 13.22
N ALA A 267 7.20 -4.65 13.95
CA ALA A 267 7.16 -4.62 15.41
C ALA A 267 8.10 -3.55 15.98
N VAL A 268 7.76 -3.04 17.15
CA VAL A 268 8.50 -1.94 17.78
C VAL A 268 8.71 -2.15 19.27
N VAL A 269 9.93 -1.94 19.72
CA VAL A 269 10.27 -1.94 21.14
C VAL A 269 10.70 -0.54 21.56
N ILE A 270 10.09 -0.03 22.62
CA ILE A 270 10.56 1.18 23.29
C ILE A 270 11.64 0.76 24.28
N GLY A 271 12.89 0.81 23.84
CA GLY A 271 13.98 0.22 24.60
C GLY A 271 14.38 1.04 25.80
N GLU A 272 13.96 2.31 25.84
CA GLU A 272 14.20 3.16 26.99
C GLU A 272 13.04 4.10 27.19
N MET A 273 12.64 4.25 28.45
CA MET A 273 11.66 5.25 28.83
C MET A 273 11.74 5.31 30.36
N GLY A 274 10.90 6.13 30.97
CA GLY A 274 10.90 6.23 32.41
C GLY A 274 10.76 7.66 32.85
N SER A 275 10.71 7.87 34.16
CA SER A 275 10.66 9.22 34.72
C SER A 275 11.70 9.38 35.81
N ILE A 276 12.19 10.61 35.99
CA ILE A 276 13.12 10.89 37.08
C ILE A 276 12.35 11.16 38.36
N ASN A 277 13.07 11.19 39.47
CA ASN A 277 12.44 11.33 40.78
C ASN A 277 12.38 12.78 41.23
N LYS A 278 11.23 13.41 41.03
CA LYS A 278 11.00 14.74 41.54
C LYS A 278 10.26 14.69 42.88
N ASN A 279 10.50 13.63 43.64
CA ASN A 279 9.84 13.47 44.92
C ASN A 279 8.33 13.51 44.72
N ASN A 280 7.89 13.01 43.57
CA ASN A 280 6.49 13.06 43.15
C ASN A 280 5.93 11.68 42.86
N THR A 281 5.85 10.84 43.88
CA THR A 281 5.50 9.44 43.67
C THR A 281 4.13 9.23 43.03
N ALA A 282 3.11 9.94 43.51
CA ALA A 282 1.76 9.73 43.00
C ALA A 282 1.66 10.05 41.51
N ALA A 283 2.36 11.09 41.07
CA ALA A 283 2.38 11.46 39.66
C ALA A 283 3.13 10.44 38.83
N ARG A 284 4.29 10.00 39.33
CA ARG A 284 5.06 8.98 38.64
C ARG A 284 4.31 7.63 38.55
N VAL A 285 3.52 7.32 39.58
CA VAL A 285 2.64 6.16 39.55
C VAL A 285 1.56 6.29 38.46
N THR A 286 0.86 7.41 38.44
CA THR A 286 -0.18 7.64 37.42
C THR A 286 0.41 7.55 36.02
N HIS A 287 1.55 8.20 35.81
CA HIS A 287 2.23 8.21 34.54
C HIS A 287 2.71 6.81 34.13
N ALA A 288 3.38 6.11 35.04
CA ALA A 288 3.92 4.79 34.69
C ALA A 288 2.82 3.81 34.31
N GLU A 289 1.71 3.81 35.04
CA GLU A 289 0.65 2.84 34.76
C GLU A 289 -0.01 3.16 33.43
N TYR A 290 -0.25 4.45 33.19
CA TYR A 290 -0.88 4.87 31.93
C TYR A 290 0.04 4.65 30.72
N TYR A 291 1.32 4.96 30.88
CA TYR A 291 2.29 4.74 29.83
C TYR A 291 2.22 3.27 29.43
N ALA A 292 2.31 2.39 30.42
CA ALA A 292 2.31 0.96 30.15
C ALA A 292 1.07 0.49 29.40
N LYS A 293 -0.12 0.87 29.86
CA LYS A 293 -1.32 0.36 29.21
C LYS A 293 -1.57 1.02 27.86
N SER A 294 -1.20 2.29 27.73
CA SER A 294 -1.35 3.01 26.47
C SER A 294 -0.38 2.44 25.42
N ALA A 295 0.86 2.21 25.82
CA ALA A 295 1.85 1.65 24.90
C ALA A 295 1.45 0.22 24.49
N LYS A 296 1.04 -0.58 25.47
CA LYS A 296 0.66 -1.96 25.19
C LYS A 296 -0.51 -1.99 24.21
N ALA A 297 -1.43 -1.04 24.34
CA ALA A 297 -2.60 -0.98 23.44
C ALA A 297 -2.20 -0.65 21.99
N ARG A 298 -0.97 -0.19 21.79
CA ARG A 298 -0.45 0.03 20.43
C ARG A 298 0.56 -1.05 20.05
N GLY A 299 0.56 -2.17 20.75
CA GLY A 299 1.45 -3.28 20.45
C GLY A 299 2.91 -3.08 20.86
N LEU A 300 3.17 -2.08 21.68
CA LEU A 300 4.53 -1.70 22.03
C LEU A 300 4.97 -2.34 23.34
N THR A 301 6.23 -2.77 23.38
CA THR A 301 6.82 -3.23 24.63
C THR A 301 7.80 -2.19 25.16
N PRO A 302 7.49 -1.61 26.32
CA PRO A 302 8.32 -0.56 26.93
C PRO A 302 9.36 -1.14 27.88
N ILE A 303 10.52 -0.50 27.90
CA ILE A 303 11.62 -0.96 28.75
C ILE A 303 12.13 0.22 29.59
N TRP A 304 12.04 0.07 30.91
CA TRP A 304 12.36 1.14 31.84
C TRP A 304 13.85 1.36 31.89
N TRP A 305 14.28 2.63 31.85
CA TRP A 305 15.69 2.97 32.00
C TRP A 305 16.03 3.05 33.49
N ASP A 306 16.86 2.14 33.97
CA ASP A 306 17.22 2.16 35.37
C ASP A 306 18.72 2.30 35.49
N ASN A 307 19.18 3.48 35.91
CA ASN A 307 20.62 3.74 35.97
C ASN A 307 21.19 3.58 37.39
N GLY A 308 20.35 3.11 38.31
CA GLY A 308 20.80 2.84 39.67
C GLY A 308 20.88 4.07 40.55
N TYR A 309 20.28 5.17 40.09
CA TYR A 309 20.36 6.43 40.82
C TYR A 309 18.94 6.91 41.08
N SER A 310 18.52 6.96 42.34
CA SER A 310 17.10 7.18 42.62
C SER A 310 16.80 8.32 43.60
N VAL A 311 17.81 9.13 43.88
CA VAL A 311 17.70 10.20 44.87
C VAL A 311 16.68 11.27 44.48
N ALA A 312 15.67 11.46 45.31
CA ALA A 312 14.65 12.47 45.06
C ALA A 312 15.24 13.86 44.90
N GLY A 313 14.79 14.59 43.90
CA GLY A 313 15.20 15.97 43.69
C GLY A 313 16.42 16.17 42.82
N LYS A 314 17.06 15.11 42.34
CA LYS A 314 18.22 15.26 41.46
C LYS A 314 17.90 14.86 40.04
N ALA A 315 18.60 15.46 39.09
CA ALA A 315 18.48 15.10 37.67
C ALA A 315 18.89 13.65 37.42
N GLU A 316 18.40 13.09 36.32
CA GLU A 316 18.80 11.76 35.90
C GLU A 316 18.53 10.67 36.93
N THR A 317 17.57 10.87 37.82
CA THR A 317 17.29 9.88 38.85
C THR A 317 16.23 8.89 38.37
N PHE A 318 16.60 8.12 37.36
CA PHE A 318 15.68 7.16 36.74
C PHE A 318 15.64 5.82 37.46
N GLY A 319 16.52 5.63 38.44
CA GLY A 319 16.63 4.35 39.13
C GLY A 319 15.43 4.04 39.99
N ILE A 320 14.95 2.80 39.91
CA ILE A 320 13.82 2.34 40.71
C ILE A 320 14.16 1.10 41.53
N PHE A 321 15.21 0.38 41.13
CA PHE A 321 15.65 -0.82 41.83
C PHE A 321 16.89 -0.54 42.66
N ASN A 322 16.91 -1.05 43.88
CA ASN A 322 18.08 -0.91 44.74
C ASN A 322 18.92 -2.18 44.67
N ARG A 323 20.02 -2.07 43.94
CA ARG A 323 20.85 -3.22 43.63
C ARG A 323 21.63 -3.74 44.85
N SER A 324 22.06 -2.83 45.71
CA SER A 324 22.76 -3.21 46.93
C SER A 324 21.85 -3.90 47.96
N ASN A 325 20.57 -3.50 48.01
CA ASN A 325 19.60 -4.05 48.97
C ASN A 325 18.77 -5.18 48.41
N LEU A 326 18.75 -5.30 47.08
CA LEU A 326 17.83 -6.22 46.43
C LEU A 326 16.39 -5.88 46.80
N THR A 327 16.10 -4.60 46.97
CA THR A 327 14.73 -4.12 47.19
C THR A 327 14.43 -3.03 46.17
N TRP A 328 13.19 -2.57 46.12
CA TRP A 328 12.80 -1.51 45.19
C TRP A 328 12.81 -0.14 45.86
N ASP A 329 13.64 0.77 45.34
CA ASP A 329 13.67 2.15 45.80
C ASP A 329 12.37 2.90 45.46
N ALA A 330 11.72 2.49 44.39
CA ALA A 330 10.44 3.06 43.99
C ALA A 330 9.43 1.94 43.80
N PRO A 331 9.00 1.30 44.89
CA PRO A 331 8.11 0.14 44.79
C PRO A 331 6.79 0.47 44.11
N GLU A 332 6.20 1.62 44.43
CA GLU A 332 4.89 1.94 43.88
C GLU A 332 4.97 2.16 42.36
N VAL A 333 6.00 2.88 41.93
CA VAL A 333 6.18 3.16 40.52
C VAL A 333 6.37 1.85 39.76
N MET A 334 7.28 1.00 40.24
CA MET A 334 7.52 -0.29 39.62
C MET A 334 6.24 -1.09 39.52
N LYS A 335 5.50 -1.16 40.61
CA LYS A 335 4.31 -1.99 40.63
C LYS A 335 3.27 -1.44 39.66
N ALA A 336 3.15 -0.13 39.61
CA ALA A 336 2.18 0.50 38.74
C ALA A 336 2.51 0.21 37.27
N PHE A 337 3.79 0.31 36.91
CA PHE A 337 4.26 0.04 35.55
C PHE A 337 3.88 -1.37 35.12
N ILE A 338 4.30 -2.34 35.94
CA ILE A 338 3.95 -3.75 35.74
C ILE A 338 2.43 -3.99 35.69
N LYS A 339 1.69 -3.31 36.57
CA LYS A 339 0.23 -3.48 36.61
C LYS A 339 -0.39 -3.02 35.30
N GLY A 340 0.10 -1.90 34.77
CA GLY A 340 -0.36 -1.37 33.51
C GLY A 340 -0.13 -2.30 32.32
N ILE A 341 0.95 -3.08 32.37
CA ILE A 341 1.26 -4.01 31.31
C ILE A 341 0.21 -5.13 31.19
N GLY A 342 -0.34 -5.55 32.33
CA GLY A 342 -1.34 -6.60 32.31
C GLY A 342 -0.67 -7.95 32.03
N GLY A 343 -1.45 -8.91 31.56
CA GLY A 343 -0.93 -10.25 31.35
C GLY A 343 -1.94 -11.22 30.76
N SER A 344 -1.52 -12.45 30.55
CA SER A 344 -2.36 -13.44 29.90
C SER A 344 -2.92 -14.48 30.87
N SER A 345 -2.66 -14.27 32.17
CA SER A 345 -3.19 -15.15 33.21
C SER A 345 -3.00 -14.53 34.58
N SER B 1 -25.42 1.64 18.73
CA SER B 1 -23.97 1.74 18.51
C SER B 1 -23.56 1.08 17.20
N ALA B 2 -22.41 1.50 16.68
CA ALA B 2 -21.86 0.88 15.49
C ALA B 2 -20.82 -0.19 15.81
N VAL B 3 -20.54 -0.41 17.10
CA VAL B 3 -19.63 -1.50 17.50
C VAL B 3 -20.41 -2.60 18.22
N GLU B 4 -20.24 -3.84 17.77
CA GLU B 4 -20.97 -4.99 18.33
C GLU B 4 -20.01 -5.98 18.98
N VAL B 5 -20.37 -6.47 20.15
CA VAL B 5 -19.54 -7.46 20.81
C VAL B 5 -20.31 -8.78 20.89
N THR B 6 -19.68 -9.84 20.39
CA THR B 6 -20.26 -11.19 20.48
C THR B 6 -19.48 -12.01 21.49
N TYR B 7 -20.15 -12.41 22.56
CA TYR B 7 -19.53 -13.14 23.66
C TYR B 7 -20.12 -14.55 23.63
N ALA B 8 -19.30 -15.54 23.30
CA ALA B 8 -19.81 -16.89 23.05
C ALA B 8 -19.04 -17.97 23.78
N ILE B 9 -19.75 -19.04 24.13
CA ILE B 9 -19.15 -20.12 24.90
C ILE B 9 -18.70 -21.25 23.98
N THR B 10 -17.39 -21.46 23.93
CA THR B 10 -16.83 -22.50 23.09
C THR B 10 -17.04 -23.89 23.70
N ASN B 11 -16.88 -23.96 25.02
CA ASN B 11 -16.86 -25.24 25.72
C ASN B 11 -17.01 -24.93 27.20
N SER B 12 -17.63 -25.85 27.95
CA SER B 12 -17.67 -25.73 29.40
C SER B 12 -17.64 -27.09 30.09
N TRP B 13 -17.13 -27.10 31.32
CA TRP B 13 -16.94 -28.35 32.04
C TRP B 13 -17.35 -28.20 33.50
N GLY B 14 -18.43 -27.46 33.72
CA GLY B 14 -19.04 -27.35 35.04
C GLY B 14 -18.33 -26.40 35.99
N SER B 15 -17.03 -26.58 36.13
CA SER B 15 -16.21 -25.75 37.01
C SER B 15 -15.47 -24.68 36.22
N GLY B 16 -15.36 -24.86 34.92
CA GLY B 16 -14.74 -23.87 34.05
C GLY B 16 -15.36 -23.81 32.66
N ALA B 17 -14.95 -22.82 31.87
CA ALA B 17 -15.44 -22.70 30.50
C ALA B 17 -14.44 -21.94 29.64
N SER B 18 -14.61 -22.07 28.33
CA SER B 18 -13.75 -21.38 27.38
C SER B 18 -14.60 -20.42 26.57
N VAL B 19 -14.15 -19.18 26.48
CA VAL B 19 -14.94 -18.12 25.84
C VAL B 19 -14.22 -17.61 24.60
N ASN B 20 -15.01 -17.28 23.59
CA ASN B 20 -14.51 -16.60 22.42
C ASN B 20 -15.27 -15.29 22.28
N VAL B 21 -14.52 -14.20 22.13
CA VAL B 21 -15.13 -12.88 21.94
C VAL B 21 -14.77 -12.32 20.55
N THR B 22 -15.78 -11.82 19.86
CA THR B 22 -15.58 -11.18 18.57
C THR B 22 -16.11 -9.76 18.63
N ILE B 23 -15.25 -8.81 18.31
CA ILE B 23 -15.65 -7.41 18.24
C ILE B 23 -15.80 -7.01 16.79
N LYS B 24 -16.97 -6.48 16.45
CA LYS B 24 -17.25 -6.05 15.09
C LYS B 24 -17.43 -4.55 14.98
N ASN B 25 -16.68 -3.94 14.08
CA ASN B 25 -16.76 -2.51 13.84
C ASN B 25 -17.59 -2.18 12.60
N ASN B 26 -18.83 -1.74 12.80
CA ASN B 26 -19.69 -1.36 11.68
C ASN B 26 -19.66 0.15 11.36
N GLY B 27 -18.84 0.91 12.06
CA GLY B 27 -18.78 2.34 11.82
C GLY B 27 -17.87 2.66 10.63
N THR B 28 -17.58 3.93 10.42
CA THR B 28 -16.80 4.34 9.25
C THR B 28 -15.29 4.45 9.53
N THR B 29 -14.93 4.54 10.81
CA THR B 29 -13.54 4.77 11.22
C THR B 29 -12.89 3.50 11.78
N PRO B 30 -11.72 3.12 11.25
CA PRO B 30 -11.04 1.97 11.87
C PRO B 30 -10.67 2.24 13.33
N ILE B 31 -10.73 1.20 14.15
CA ILE B 31 -10.31 1.31 15.53
C ILE B 31 -8.85 0.86 15.59
N ASN B 32 -7.95 1.82 15.74
CA ASN B 32 -6.51 1.54 15.68
C ASN B 32 -5.90 1.26 17.04
N GLY B 33 -6.01 0.01 17.49
CA GLY B 33 -5.49 -0.39 18.79
C GLY B 33 -6.65 -0.55 19.76
N TRP B 34 -7.46 -1.57 19.53
CA TRP B 34 -8.67 -1.75 20.32
C TRP B 34 -8.39 -2.16 21.74
N THR B 35 -9.27 -1.71 22.63
CA THR B 35 -9.31 -2.17 24.01
C THR B 35 -10.77 -2.45 24.30
N LEU B 36 -11.03 -3.42 25.17
CA LEU B 36 -12.38 -3.84 25.49
C LEU B 36 -12.54 -3.97 27.02
N LYS B 37 -13.57 -3.35 27.57
CA LYS B 37 -13.78 -3.34 29.01
C LYS B 37 -15.17 -3.86 29.36
N TRP B 38 -15.26 -4.66 30.42
CA TRP B 38 -16.56 -5.04 30.95
C TRP B 38 -16.50 -5.30 32.45
N THR B 39 -17.67 -5.50 33.06
CA THR B 39 -17.75 -5.83 34.48
C THR B 39 -17.79 -7.34 34.63
N MET B 40 -16.77 -7.89 35.28
CA MET B 40 -16.70 -9.33 35.48
C MET B 40 -17.82 -9.81 36.38
N PRO B 41 -18.61 -10.78 35.90
CA PRO B 41 -19.68 -11.37 36.69
C PRO B 41 -19.10 -11.98 37.96
N ILE B 42 -19.87 -11.96 39.03
CA ILE B 42 -19.42 -12.54 40.29
C ILE B 42 -19.19 -14.05 40.13
N ASN B 43 -18.19 -14.56 40.85
CA ASN B 43 -17.90 -15.99 40.85
C ASN B 43 -17.19 -16.47 39.59
N GLN B 44 -16.59 -15.52 38.86
CA GLN B 44 -15.87 -15.83 37.63
C GLN B 44 -14.45 -15.32 37.70
N THR B 45 -13.50 -16.14 37.23
CA THR B 45 -12.11 -15.75 37.21
C THR B 45 -11.46 -16.18 35.91
N ILE B 46 -10.80 -15.24 35.22
CA ILE B 46 -10.09 -15.59 34.00
C ILE B 46 -8.81 -16.32 34.36
N THR B 47 -8.60 -17.51 33.79
CA THR B 47 -7.42 -18.29 34.14
C THR B 47 -6.30 -18.08 33.15
N ASN B 48 -6.64 -18.04 31.86
CA ASN B 48 -5.68 -17.59 30.87
C ASN B 48 -6.33 -17.13 29.57
N MET B 49 -5.60 -16.32 28.80
CA MET B 49 -6.17 -15.63 27.64
C MET B 49 -5.21 -15.75 26.46
N TRP B 50 -5.74 -15.74 25.24
CA TRP B 50 -4.90 -15.74 24.04
C TRP B 50 -5.34 -14.69 23.02
N SER B 51 -4.41 -14.22 22.19
CA SER B 51 -4.68 -13.20 21.18
C SER B 51 -5.05 -11.87 21.81
N ALA B 52 -4.76 -11.74 23.09
CA ALA B 52 -5.01 -10.53 23.85
C ALA B 52 -4.43 -10.70 25.24
N SER B 53 -4.39 -9.61 25.99
CA SER B 53 -3.96 -9.65 27.39
C SER B 53 -4.96 -8.86 28.21
N PHE B 54 -4.93 -9.00 29.54
CA PHE B 54 -5.92 -8.31 30.33
C PHE B 54 -5.38 -7.81 31.65
N VAL B 55 -6.14 -6.89 32.23
CA VAL B 55 -5.92 -6.43 33.58
C VAL B 55 -7.25 -6.53 34.30
N ALA B 56 -7.28 -7.31 35.37
CA ALA B 56 -8.47 -7.43 36.20
C ALA B 56 -8.31 -6.52 37.40
N SER B 57 -9.21 -5.55 37.53
CA SER B 57 -9.16 -4.64 38.66
C SER B 57 -10.54 -4.50 39.30
N GLY B 58 -10.71 -5.10 40.46
CA GLY B 58 -12.00 -5.16 41.11
C GLY B 58 -12.93 -6.05 40.30
N THR B 59 -14.10 -5.54 39.97
CA THR B 59 -15.02 -6.26 39.09
C THR B 59 -14.80 -5.82 37.64
N THR B 60 -13.79 -4.98 37.42
CA THR B 60 -13.49 -4.49 36.09
C THR B 60 -12.51 -5.38 35.37
N LEU B 61 -12.86 -5.76 34.16
CA LEU B 61 -11.93 -6.48 33.32
C LEU B 61 -11.58 -5.63 32.09
N SER B 62 -10.30 -5.33 31.92
CA SER B 62 -9.84 -4.57 30.77
C SER B 62 -8.96 -5.43 29.87
N VAL B 63 -9.37 -5.57 28.63
CA VAL B 63 -8.66 -6.39 27.67
C VAL B 63 -8.00 -5.52 26.60
N THR B 64 -6.76 -5.86 26.26
CA THR B 64 -6.01 -5.16 25.23
C THR B 64 -5.61 -6.10 24.09
N ASN B 65 -5.70 -5.61 22.86
CA ASN B 65 -5.27 -6.34 21.67
C ASN B 65 -3.81 -6.81 21.79
N ALA B 66 -3.43 -7.73 20.91
CA ALA B 66 -2.07 -8.29 20.91
C ALA B 66 -1.21 -7.73 19.79
N GLY B 67 -1.57 -6.55 19.27
CA GLY B 67 -0.72 -5.88 18.31
C GLY B 67 -0.97 -6.27 16.86
N TYR B 68 -0.81 -7.55 16.55
CA TYR B 68 -1.01 -7.98 15.18
C TYR B 68 -2.49 -7.93 14.84
N ASN B 69 -3.34 -7.99 15.87
CA ASN B 69 -4.78 -7.87 15.66
C ASN B 69 -5.34 -6.56 16.23
N GLY B 70 -4.50 -5.52 16.30
CA GLY B 70 -4.89 -4.28 16.97
C GLY B 70 -5.90 -3.39 16.23
N THR B 71 -5.96 -3.51 14.90
CA THR B 71 -6.85 -2.67 14.11
C THR B 71 -8.15 -3.37 13.71
N ILE B 72 -9.28 -2.83 14.16
CA ILE B 72 -10.56 -3.38 13.75
C ILE B 72 -11.07 -2.51 12.60
N ALA B 73 -11.04 -3.08 11.42
CA ALA B 73 -11.36 -2.34 10.19
C ALA B 73 -12.81 -1.85 10.22
N ALA B 74 -13.05 -0.76 9.51
CA ALA B 74 -14.37 -0.17 9.45
C ALA B 74 -15.29 -1.01 8.56
N ASN B 75 -16.58 -0.69 8.59
CA ASN B 75 -17.53 -1.29 7.66
C ASN B 75 -17.58 -2.81 7.78
N GLY B 76 -17.50 -3.31 9.01
CA GLY B 76 -17.78 -4.69 9.30
C GLY B 76 -16.57 -5.54 9.67
N GLY B 77 -15.40 -4.92 9.82
CA GLY B 77 -14.22 -5.66 10.23
C GLY B 77 -14.41 -6.26 11.61
N THR B 78 -13.70 -7.35 11.90
CA THR B 78 -13.74 -7.97 13.21
C THR B 78 -12.33 -8.28 13.70
N GLN B 79 -12.19 -8.43 15.01
CA GLN B 79 -11.02 -9.08 15.59
C GLN B 79 -11.59 -9.91 16.72
N SER B 80 -10.88 -10.96 17.10
CA SER B 80 -11.37 -11.88 18.12
C SER B 80 -10.24 -12.31 19.03
N PHE B 81 -10.59 -12.79 20.21
CA PHE B 81 -9.63 -13.32 21.16
C PHE B 81 -10.42 -14.30 22.01
N GLY B 82 -9.75 -15.06 22.87
CA GLY B 82 -10.47 -16.02 23.69
C GLY B 82 -9.80 -16.16 25.03
N PHE B 83 -10.47 -16.84 25.97
CA PHE B 83 -9.91 -17.09 27.29
C PHE B 83 -10.65 -18.21 28.01
N ASN B 84 -10.01 -18.82 29.00
CA ASN B 84 -10.67 -19.73 29.93
C ASN B 84 -11.03 -19.05 31.22
N ILE B 85 -12.13 -19.46 31.83
CA ILE B 85 -12.54 -18.97 33.14
C ILE B 85 -12.83 -20.14 34.08
N ASN B 86 -12.77 -19.87 35.38
CA ASN B 86 -13.37 -20.75 36.37
C ASN B 86 -14.64 -20.06 36.87
N TYR B 87 -15.70 -20.84 37.07
CA TYR B 87 -16.95 -20.29 37.57
C TYR B 87 -17.67 -21.30 38.47
N SER B 88 -18.62 -20.79 39.24
CA SER B 88 -19.43 -21.62 40.13
C SER B 88 -20.90 -21.53 39.78
N GLY B 89 -21.46 -22.65 39.34
CA GLY B 89 -22.88 -22.73 39.06
C GLY B 89 -23.32 -22.10 37.75
N VAL B 90 -24.10 -21.03 37.84
CA VAL B 90 -24.69 -20.40 36.65
C VAL B 90 -23.67 -19.58 35.87
N LEU B 91 -23.36 -20.03 34.65
CA LEU B 91 -22.43 -19.32 33.77
C LEU B 91 -23.04 -18.03 33.21
N SER B 92 -22.86 -16.93 33.94
CA SER B 92 -23.37 -15.63 33.51
C SER B 92 -22.46 -14.98 32.46
N LYS B 93 -23.04 -14.05 31.70
CA LYS B 93 -22.28 -13.32 30.69
C LYS B 93 -22.36 -11.84 30.96
N PRO B 94 -21.23 -11.13 30.83
CA PRO B 94 -21.26 -9.67 30.95
C PRO B 94 -22.45 -9.09 30.19
N THR B 95 -22.98 -7.98 30.69
CA THR B 95 -24.21 -7.38 30.14
C THR B 95 -23.91 -6.15 29.26
N GLY B 96 -22.71 -5.60 29.42
CA GLY B 96 -22.31 -4.45 28.64
C GLY B 96 -20.81 -4.47 28.36
N PHE B 97 -20.42 -3.83 27.26
CA PHE B 97 -19.02 -3.79 26.91
C PHE B 97 -18.70 -2.39 26.41
N THR B 98 -17.50 -1.94 26.73
CA THR B 98 -16.99 -0.70 26.15
C THR B 98 -15.73 -0.98 25.30
N VAL B 99 -15.72 -0.46 24.08
CA VAL B 99 -14.57 -0.56 23.19
C VAL B 99 -14.03 0.84 22.93
N ASN B 100 -12.82 1.11 23.40
CA ASN B 100 -12.22 2.44 23.34
C ASN B 100 -13.21 3.53 23.74
N GLY B 101 -13.90 3.32 24.86
CA GLY B 101 -14.83 4.30 25.40
C GLY B 101 -16.21 4.25 24.78
N THR B 102 -16.33 3.54 23.67
CA THR B 102 -17.61 3.43 22.95
C THR B 102 -18.45 2.25 23.45
N GLU B 103 -19.68 2.53 23.87
CA GLU B 103 -20.59 1.51 24.39
C GLU B 103 -21.08 0.64 23.27
N CYS B 104 -20.99 -0.68 23.45
CA CYS B 104 -21.31 -1.63 22.39
C CYS B 104 -22.72 -2.20 22.46
N THR B 105 -23.15 -2.72 21.32
CA THR B 105 -24.31 -3.60 21.23
C THR B 105 -23.83 -5.03 21.49
N VAL B 106 -24.53 -5.75 22.36
CA VAL B 106 -24.19 -7.16 22.56
C VAL B 106 -25.05 -8.02 21.62
N LYS B 107 -24.39 -8.81 20.78
CA LYS B 107 -25.09 -9.67 19.82
C LYS B 107 -25.11 -11.12 20.28
N SER C 1 -42.17 -2.71 -3.89
CA SER C 1 -41.22 -2.39 -4.95
C SER C 1 -39.92 -1.80 -4.41
N THR C 2 -38.81 -2.09 -5.08
CA THR C 2 -37.52 -1.53 -4.71
C THR C 2 -37.16 -0.33 -5.58
N ALA C 3 -38.15 0.21 -6.30
CA ALA C 3 -37.89 1.32 -7.21
C ALA C 3 -37.41 2.57 -6.48
N PHE C 4 -38.10 2.93 -5.42
CA PHE C 4 -37.90 4.23 -4.77
C PHE C 4 -37.52 4.10 -3.30
N THR C 5 -36.49 3.30 -3.02
CA THR C 5 -36.09 3.02 -1.65
C THR C 5 -34.96 3.93 -1.17
N GLY C 6 -34.62 4.96 -1.95
CA GLY C 6 -33.54 5.88 -1.57
C GLY C 6 -32.17 5.25 -1.72
N VAL C 7 -31.13 5.96 -1.27
CA VAL C 7 -29.75 5.51 -1.47
C VAL C 7 -28.92 5.41 -0.18
N ARG C 8 -28.46 4.21 0.12
CA ARG C 8 -27.63 3.96 1.31
C ARG C 8 -26.18 4.39 1.10
N ASP C 9 -25.43 4.53 2.19
CA ASP C 9 -24.01 4.86 2.10
C ASP C 9 -23.13 3.64 2.39
N VAL C 10 -23.70 2.45 2.22
CA VAL C 10 -22.96 1.21 2.49
C VAL C 10 -21.85 0.93 1.46
N PRO C 11 -20.89 0.06 1.83
CA PRO C 11 -19.77 -0.28 0.94
C PRO C 11 -20.26 -0.99 -0.31
N ALA C 12 -19.65 -0.72 -1.46
CA ALA C 12 -20.14 -1.28 -2.71
C ALA C 12 -20.18 -2.81 -2.68
N GLN C 13 -19.31 -3.43 -1.89
CA GLN C 13 -19.27 -4.89 -1.82
C GLN C 13 -20.59 -5.43 -1.25
N GLN C 14 -21.19 -4.67 -0.33
CA GLN C 14 -22.48 -5.08 0.22
C GLN C 14 -23.57 -5.03 -0.86
N ILE C 15 -23.53 -3.98 -1.67
CA ILE C 15 -24.44 -3.86 -2.80
C ILE C 15 -24.32 -5.07 -3.72
N VAL C 16 -23.08 -5.38 -4.09
CA VAL C 16 -22.83 -6.52 -4.97
C VAL C 16 -23.29 -7.85 -4.32
N ASN C 17 -23.11 -7.99 -3.01
CA ASN C 17 -23.58 -9.18 -2.32
C ASN C 17 -25.10 -9.33 -2.44
N GLU C 18 -25.80 -8.21 -2.30
CA GLU C 18 -27.26 -8.20 -2.39
C GLU C 18 -27.76 -8.45 -3.82
N MET C 19 -27.05 -7.93 -4.82
CA MET C 19 -27.37 -8.24 -6.20
C MET C 19 -27.36 -9.75 -6.40
N LYS C 20 -26.35 -10.39 -5.78
CA LYS C 20 -26.32 -11.84 -5.56
C LYS C 20 -26.03 -12.66 -6.82
N VAL C 21 -26.97 -12.62 -7.76
CA VAL C 21 -26.84 -13.34 -9.01
C VAL C 21 -27.84 -12.76 -10.01
N GLY C 22 -27.45 -12.69 -11.28
CA GLY C 22 -28.28 -11.96 -12.22
C GLY C 22 -28.53 -12.60 -13.57
N TRP C 23 -29.46 -12.02 -14.31
CA TRP C 23 -29.85 -12.54 -15.60
C TRP C 23 -29.96 -11.38 -16.57
N ASN C 24 -29.42 -11.53 -17.78
CA ASN C 24 -29.46 -10.49 -18.79
C ASN C 24 -30.69 -10.61 -19.68
N LEU C 25 -31.40 -9.50 -19.87
CA LEU C 25 -32.41 -9.41 -20.90
C LEU C 25 -31.70 -9.15 -22.23
N GLY C 26 -31.02 -10.18 -22.75
CA GLY C 26 -30.16 -10.01 -23.91
C GLY C 26 -30.88 -9.96 -25.26
N ASN C 27 -30.23 -9.37 -26.26
CA ASN C 27 -30.78 -9.28 -27.60
C ASN C 27 -32.20 -8.73 -27.60
N THR C 28 -32.41 -7.72 -26.77
CA THR C 28 -33.73 -7.08 -26.61
C THR C 28 -33.61 -5.56 -26.80
N MET C 29 -33.48 -4.80 -25.72
CA MET C 29 -33.32 -3.35 -25.84
C MET C 29 -31.94 -2.99 -26.39
N ASP C 30 -31.05 -3.98 -26.37
CA ASP C 30 -29.72 -3.85 -26.99
C ASP C 30 -29.76 -4.16 -28.48
N ALA C 31 -30.85 -4.76 -28.93
CA ALA C 31 -30.97 -5.17 -30.35
C ALA C 31 -31.00 -3.97 -31.30
N ILE C 32 -30.19 -4.04 -32.35
CA ILE C 32 -30.21 -3.02 -33.40
C ILE C 32 -31.49 -3.13 -34.22
N GLY C 33 -32.31 -2.09 -34.19
CA GLY C 33 -33.53 -2.07 -34.98
C GLY C 33 -34.81 -2.28 -34.19
N GLY C 34 -34.69 -2.34 -32.86
CA GLY C 34 -35.88 -2.44 -32.03
C GLY C 34 -35.96 -3.67 -31.15
N GLU C 35 -36.79 -3.59 -30.12
CA GLU C 35 -36.88 -4.59 -29.07
C GLU C 35 -37.05 -6.01 -29.60
N THR C 36 -37.86 -6.17 -30.63
CA THR C 36 -38.18 -7.50 -31.15
C THR C 36 -37.44 -7.83 -32.43
N ASN C 37 -36.56 -6.93 -32.87
CA ASN C 37 -35.93 -7.10 -34.17
C ASN C 37 -34.89 -8.21 -34.22
N TRP C 38 -34.51 -8.76 -33.06
CA TRP C 38 -33.55 -9.86 -33.05
C TRP C 38 -34.18 -11.15 -32.50
N GLY C 39 -35.49 -11.31 -32.69
CA GLY C 39 -36.12 -12.59 -32.43
C GLY C 39 -36.77 -12.77 -31.08
N ASN C 40 -36.58 -11.84 -30.17
CA ASN C 40 -37.27 -11.95 -28.89
C ASN C 40 -38.64 -11.32 -28.94
N PRO C 41 -39.56 -11.80 -28.10
CA PRO C 41 -40.90 -11.22 -28.04
C PRO C 41 -40.85 -9.95 -27.22
N MET C 42 -41.93 -9.19 -27.26
CA MET C 42 -42.09 -8.00 -26.44
C MET C 42 -42.00 -8.44 -24.99
N THR C 43 -41.22 -7.74 -24.19
CA THR C 43 -40.99 -8.13 -22.79
C THR C 43 -42.21 -7.88 -21.93
N THR C 44 -42.51 -8.81 -21.04
CA THR C 44 -43.67 -8.67 -20.17
C THR C 44 -43.26 -8.81 -18.73
N HIS C 45 -44.10 -8.24 -17.86
CA HIS C 45 -43.93 -8.36 -16.42
C HIS C 45 -43.88 -9.83 -16.04
N ALA C 46 -44.68 -10.66 -16.71
CA ALA C 46 -44.77 -12.08 -16.39
C ALA C 46 -43.41 -12.76 -16.54
N MET C 47 -42.70 -12.42 -17.62
CA MET C 47 -41.37 -12.99 -17.83
C MET C 47 -40.48 -12.63 -16.65
N ILE C 48 -40.40 -11.33 -16.35
CA ILE C 48 -39.55 -10.90 -15.25
C ILE C 48 -39.92 -11.60 -13.95
N ASN C 49 -41.22 -11.80 -13.70
CA ASN C 49 -41.64 -12.54 -12.50
C ASN C 49 -41.00 -13.92 -12.39
N LYS C 50 -40.90 -14.61 -13.52
CA LYS C 50 -40.27 -15.92 -13.57
C LYS C 50 -38.78 -15.83 -13.28
N ILE C 51 -38.12 -14.76 -13.75
CA ILE C 51 -36.71 -14.57 -13.48
C ILE C 51 -36.48 -14.49 -11.98
N LYS C 52 -37.22 -13.62 -11.29
CA LYS C 52 -37.14 -13.55 -9.83
C LYS C 52 -37.42 -14.89 -9.14
N GLU C 53 -38.51 -15.55 -9.54
CA GLU C 53 -38.93 -16.80 -8.91
C GLU C 53 -37.83 -17.87 -8.93
N ALA C 54 -37.05 -17.87 -10.02
CA ALA C 54 -35.98 -18.84 -10.18
C ALA C 54 -34.80 -18.61 -9.24
N GLY C 55 -34.71 -17.41 -8.68
CA GLY C 55 -33.66 -17.14 -7.71
C GLY C 55 -32.72 -16.00 -8.07
N PHE C 56 -32.92 -15.41 -9.24
CA PHE C 56 -32.13 -14.26 -9.65
C PHE C 56 -32.58 -13.00 -8.91
N ASN C 57 -31.63 -12.20 -8.46
CA ASN C 57 -32.03 -10.96 -7.79
C ASN C 57 -31.64 -9.71 -8.57
N THR C 58 -30.97 -9.90 -9.70
CA THR C 58 -30.59 -8.77 -10.52
C THR C 58 -30.97 -8.99 -11.96
N LEU C 59 -31.64 -7.99 -12.54
CA LEU C 59 -31.86 -7.96 -13.97
C LEU C 59 -30.89 -6.97 -14.61
N ARG C 60 -30.04 -7.43 -15.52
CA ARG C 60 -29.26 -6.50 -16.30
C ARG C 60 -30.03 -6.21 -17.57
N LEU C 61 -30.17 -4.93 -17.86
CA LEU C 61 -31.03 -4.48 -18.93
C LEU C 61 -30.16 -3.74 -19.93
N PRO C 62 -29.52 -4.49 -20.85
CA PRO C 62 -28.66 -3.82 -21.84
C PRO C 62 -29.48 -3.01 -22.84
N VAL C 63 -29.02 -1.80 -23.15
CA VAL C 63 -29.78 -0.95 -24.05
C VAL C 63 -28.85 -0.34 -25.07
N THR C 64 -29.16 -0.52 -26.35
CA THR C 64 -28.47 0.22 -27.38
C THR C 64 -29.20 1.54 -27.64
N TRP C 65 -28.50 2.65 -27.45
CA TRP C 65 -29.12 3.94 -27.62
C TRP C 65 -28.88 4.49 -29.02
N ASP C 66 -27.76 4.13 -29.63
CA ASP C 66 -27.56 4.44 -31.05
C ASP C 66 -28.77 3.89 -31.81
N GLY C 67 -29.32 4.69 -32.71
CA GLY C 67 -30.50 4.29 -33.44
C GLY C 67 -31.77 4.87 -32.85
N HIS C 68 -31.63 5.45 -31.65
CA HIS C 68 -32.77 6.08 -31.00
C HIS C 68 -32.46 7.51 -30.55
N MET C 69 -31.42 8.11 -31.14
CA MET C 69 -31.07 9.48 -30.78
C MET C 69 -30.71 10.37 -31.97
N GLY C 70 -30.96 11.66 -31.84
CA GLY C 70 -30.63 12.64 -32.87
C GLY C 70 -29.14 12.91 -32.97
N ALA C 71 -28.76 13.91 -33.77
CA ALA C 71 -27.34 14.27 -33.90
C ALA C 71 -27.00 15.43 -32.97
N ALA C 72 -25.72 15.78 -32.95
CA ALA C 72 -25.24 16.88 -32.13
C ALA C 72 -26.10 18.12 -32.38
N PRO C 73 -26.12 19.05 -31.42
CA PRO C 73 -25.37 18.95 -30.16
C PRO C 73 -26.09 18.13 -29.09
N GLU C 74 -27.39 17.91 -29.24
CA GLU C 74 -28.18 17.41 -28.12
C GLU C 74 -28.30 15.89 -28.06
N TYR C 75 -28.07 15.24 -29.19
CA TYR C 75 -28.19 13.79 -29.25
C TYR C 75 -29.44 13.33 -28.50
N THR C 76 -30.56 13.98 -28.80
CA THR C 76 -31.78 13.75 -28.06
C THR C 76 -32.28 12.31 -28.22
N ILE C 77 -32.62 11.70 -27.09
CA ILE C 77 -33.08 10.32 -27.08
C ILE C 77 -34.60 10.26 -27.20
N ASP C 78 -35.10 9.44 -28.12
CA ASP C 78 -36.53 9.23 -28.31
C ASP C 78 -37.23 8.92 -26.99
N GLN C 79 -38.21 9.74 -26.60
CA GLN C 79 -38.85 9.61 -25.30
C GLN C 79 -39.62 8.29 -25.14
N THR C 80 -40.22 7.82 -26.24
CA THR C 80 -40.90 6.54 -26.23
C THR C 80 -39.93 5.39 -25.89
N TRP C 81 -38.73 5.46 -26.44
CA TRP C 81 -37.69 4.47 -26.14
C TRP C 81 -37.31 4.57 -24.67
N MET C 82 -37.07 5.79 -24.20
CA MET C 82 -36.71 6.01 -22.81
C MET C 82 -37.76 5.42 -21.85
N LYS C 83 -39.03 5.64 -22.15
CA LYS C 83 -40.08 5.17 -21.25
C LYS C 83 -40.28 3.66 -21.31
N ARG C 84 -39.95 3.06 -22.45
CA ARG C 84 -40.06 1.61 -22.57
C ARG C 84 -38.96 0.95 -21.74
N VAL C 85 -37.75 1.50 -21.79
CA VAL C 85 -36.67 1.04 -20.92
C VAL C 85 -37.11 1.13 -19.44
N GLU C 86 -37.69 2.27 -19.05
CA GLU C 86 -38.15 2.47 -17.70
C GLU C 86 -39.26 1.49 -17.31
N GLU C 87 -40.17 1.25 -18.23
CA GLU C 87 -41.25 0.33 -17.99
C GLU C 87 -40.67 -1.05 -17.67
N ILE C 88 -39.74 -1.52 -18.50
CA ILE C 88 -39.13 -2.83 -18.26
C ILE C 88 -38.42 -2.87 -16.90
N ALA C 89 -37.60 -1.87 -16.61
CA ALA C 89 -36.94 -1.80 -15.31
C ALA C 89 -37.93 -1.99 -14.16
N ASN C 90 -39.13 -1.42 -14.30
CA ASN C 90 -40.12 -1.51 -13.22
C ASN C 90 -40.71 -2.92 -13.06
N TYR C 91 -40.71 -3.70 -14.14
CA TYR C 91 -41.09 -5.11 -14.00
C TYR C 91 -40.20 -5.73 -12.95
N ALA C 92 -38.93 -5.31 -12.93
CA ALA C 92 -37.94 -5.90 -12.03
C ALA C 92 -38.03 -5.33 -10.62
N PHE C 93 -38.18 -4.01 -10.52
CA PHE C 93 -38.33 -3.37 -9.19
C PHE C 93 -39.56 -3.89 -8.45
N ASP C 94 -40.63 -4.18 -9.20
CA ASP C 94 -41.84 -4.76 -8.62
C ASP C 94 -41.51 -6.10 -7.97
N ASN C 95 -40.50 -6.77 -8.49
CA ASN C 95 -40.01 -8.02 -7.90
C ASN C 95 -38.86 -7.80 -6.91
N ASP C 96 -38.73 -6.57 -6.42
CA ASP C 96 -37.70 -6.20 -5.46
C ASP C 96 -36.27 -6.58 -5.90
N MET C 97 -36.02 -6.51 -7.20
CA MET C 97 -34.71 -6.86 -7.76
C MET C 97 -33.83 -5.62 -7.95
N TYR C 98 -32.54 -5.83 -8.22
CA TYR C 98 -31.68 -4.76 -8.70
C TYR C 98 -31.81 -4.69 -10.21
N VAL C 99 -31.57 -3.51 -10.77
CA VAL C 99 -31.53 -3.36 -12.23
C VAL C 99 -30.27 -2.62 -12.64
N ILE C 100 -29.60 -3.13 -13.66
CA ILE C 100 -28.49 -2.41 -14.27
C ILE C 100 -28.89 -1.93 -15.65
N ILE C 101 -28.71 -0.64 -15.90
CA ILE C 101 -28.93 -0.10 -17.24
C ILE C 101 -27.60 0.41 -17.78
N ASN C 102 -27.26 0.01 -19.00
CA ASN C 102 -25.99 0.43 -19.60
C ASN C 102 -26.17 1.19 -20.91
N LEU C 103 -25.06 1.53 -21.57
CA LEU C 103 -25.05 1.80 -23.00
C LEU C 103 -24.43 0.56 -23.61
N HIS C 104 -25.05 0.01 -24.66
CA HIS C 104 -24.59 -1.29 -25.15
C HIS C 104 -23.82 -1.24 -26.47
N HIS C 105 -24.50 -1.49 -27.57
CA HIS C 105 -23.83 -1.56 -28.87
C HIS C 105 -23.62 -0.16 -29.45
N GLU C 106 -22.75 0.63 -28.84
CA GLU C 106 -22.53 2.01 -29.28
C GLU C 106 -21.28 2.17 -30.16
N ASN C 107 -20.72 1.05 -30.62
CA ASN C 107 -19.42 1.07 -31.30
C ASN C 107 -19.31 2.01 -32.50
N GLU C 108 -20.42 2.32 -33.13
CA GLU C 108 -20.40 3.21 -34.28
C GLU C 108 -19.98 4.63 -33.92
N TRP C 109 -20.26 5.05 -32.69
CA TRP C 109 -19.82 6.38 -32.26
C TRP C 109 -18.80 6.37 -31.12
N LEU C 110 -18.80 5.31 -30.31
CA LEU C 110 -17.92 5.27 -29.14
C LEU C 110 -16.52 4.77 -29.49
N LYS C 111 -15.66 5.67 -29.96
CA LYS C 111 -14.34 5.30 -30.47
C LYS C 111 -13.20 5.74 -29.54
N PRO C 112 -12.50 4.76 -28.94
CA PRO C 112 -11.48 5.06 -27.91
C PRO C 112 -10.15 5.52 -28.51
N PHE C 113 -10.14 6.66 -29.20
CA PHE C 113 -8.93 7.19 -29.81
C PHE C 113 -8.81 8.69 -29.51
N TYR C 114 -7.60 9.19 -29.35
CA TYR C 114 -7.36 10.62 -29.12
C TYR C 114 -8.13 11.48 -30.13
N ALA C 115 -8.09 11.08 -31.39
CA ALA C 115 -8.72 11.85 -32.47
C ALA C 115 -10.23 12.00 -32.29
N ASN C 116 -10.87 11.02 -31.66
CA ASN C 116 -12.32 11.04 -31.51
C ASN C 116 -12.79 11.58 -30.16
N GLU C 117 -11.85 11.71 -29.23
CA GLU C 117 -12.16 11.95 -27.82
C GLU C 117 -13.13 13.11 -27.57
N ALA C 118 -12.79 14.29 -28.08
CA ALA C 118 -13.62 15.47 -27.90
C ALA C 118 -15.08 15.25 -28.31
N GLN C 119 -15.30 14.74 -29.51
CA GLN C 119 -16.66 14.50 -29.97
C GLN C 119 -17.38 13.38 -29.19
N VAL C 120 -16.67 12.31 -28.89
CA VAL C 120 -17.27 11.21 -28.15
C VAL C 120 -17.65 11.63 -26.73
N LYS C 121 -16.79 12.39 -26.05
CA LYS C 121 -17.10 12.90 -24.71
C LYS C 121 -18.37 13.77 -24.73
N ALA C 122 -18.50 14.62 -25.74
CA ALA C 122 -19.69 15.45 -25.88
C ALA C 122 -20.95 14.59 -25.97
N GLN C 123 -20.89 13.56 -26.80
CA GLN C 123 -22.06 12.68 -26.95
C GLN C 123 -22.35 11.92 -25.65
N LEU C 124 -21.33 11.29 -25.09
CA LEU C 124 -21.44 10.58 -23.81
C LEU C 124 -22.11 11.43 -22.75
N THR C 125 -21.66 12.68 -22.63
CA THR C 125 -22.21 13.61 -21.67
C THR C 125 -23.70 13.81 -21.93
N LYS C 126 -24.07 14.08 -23.18
CA LYS C 126 -25.47 14.27 -23.55
C LYS C 126 -26.29 13.01 -23.29
N VAL C 127 -25.78 11.86 -23.70
CA VAL C 127 -26.50 10.61 -23.49
C VAL C 127 -26.76 10.30 -22.00
N TRP C 128 -25.72 10.39 -21.17
CA TRP C 128 -25.87 10.03 -19.76
C TRP C 128 -26.66 11.06 -18.95
N THR C 129 -26.55 12.33 -19.33
CA THR C 129 -27.37 13.36 -18.71
C THR C 129 -28.85 13.04 -18.88
N GLN C 130 -29.23 12.63 -20.08
CA GLN C 130 -30.63 12.28 -20.35
C GLN C 130 -31.07 11.05 -19.58
N ILE C 131 -30.26 9.99 -19.62
CA ILE C 131 -30.64 8.77 -18.93
C ILE C 131 -30.73 9.04 -17.43
N ALA C 132 -29.69 9.65 -16.88
CA ALA C 132 -29.66 9.97 -15.46
C ALA C 132 -30.86 10.80 -15.05
N ASN C 133 -31.16 11.84 -15.82
CA ASN C 133 -32.30 12.69 -15.48
C ASN C 133 -33.62 11.91 -15.44
N ASN C 134 -33.83 11.08 -16.46
CA ASN C 134 -35.05 10.27 -16.49
C ASN C 134 -35.21 9.38 -15.26
N PHE C 135 -34.10 8.88 -14.71
CA PHE C 135 -34.16 7.90 -13.62
C PHE C 135 -33.72 8.47 -12.28
N LYS C 136 -33.69 9.79 -12.18
CA LYS C 136 -33.13 10.47 -11.02
C LYS C 136 -33.79 10.07 -9.70
N LYS C 137 -35.09 9.80 -9.73
CA LYS C 137 -35.79 9.49 -8.47
C LYS C 137 -35.60 8.06 -7.97
N TYR C 138 -35.16 7.15 -8.83
CA TYR C 138 -34.96 5.77 -8.40
C TYR C 138 -33.85 5.65 -7.33
N GLY C 139 -34.03 4.73 -6.37
CA GLY C 139 -33.04 4.51 -5.33
C GLY C 139 -31.85 3.65 -5.76
N ASP C 140 -31.13 3.13 -4.76
CA ASP C 140 -29.88 2.41 -5.03
C ASP C 140 -30.02 1.01 -5.62
N HIS C 141 -31.26 0.58 -5.86
CA HIS C 141 -31.49 -0.67 -6.58
C HIS C 141 -31.38 -0.46 -8.09
N LEU C 142 -31.24 0.79 -8.51
CA LEU C 142 -30.91 1.07 -9.90
C LEU C 142 -29.44 1.43 -10.02
N ILE C 143 -28.74 0.69 -10.86
CA ILE C 143 -27.31 0.89 -11.07
C ILE C 143 -27.09 1.23 -12.54
N PHE C 144 -26.25 2.24 -12.81
CA PHE C 144 -25.91 2.55 -14.20
C PHE C 144 -24.56 1.94 -14.52
N GLU C 145 -24.46 1.36 -15.70
CA GLU C 145 -23.19 0.86 -16.21
C GLU C 145 -22.77 1.77 -17.37
N THR C 146 -21.65 2.47 -17.20
CA THR C 146 -21.32 3.59 -18.09
C THR C 146 -21.19 3.24 -19.57
N MET C 147 -20.63 2.07 -19.86
CA MET C 147 -20.42 1.62 -21.23
C MET C 147 -20.39 0.10 -21.17
N ASN C 148 -20.49 -0.55 -22.32
CA ASN C 148 -20.51 -2.01 -22.36
C ASN C 148 -19.09 -2.57 -22.56
N GLU C 149 -18.64 -2.62 -23.81
CA GLU C 149 -17.30 -3.13 -24.09
C GLU C 149 -16.54 -2.19 -25.01
N PRO C 150 -16.16 -1.01 -24.50
CA PRO C 150 -15.49 -0.02 -25.34
C PRO C 150 -14.13 -0.54 -25.76
N ARG C 151 -13.84 -0.48 -27.05
CA ARG C 151 -12.63 -1.09 -27.58
C ARG C 151 -12.38 -0.58 -29.01
N PRO C 152 -11.13 -0.67 -29.48
CA PRO C 152 -10.85 -0.26 -30.85
C PRO C 152 -11.56 -1.22 -31.80
N VAL C 153 -12.15 -0.69 -32.86
CA VAL C 153 -12.91 -1.52 -33.79
C VAL C 153 -11.96 -2.43 -34.59
N GLY C 154 -12.45 -3.60 -34.99
CA GLY C 154 -11.63 -4.51 -35.77
C GLY C 154 -11.69 -5.93 -35.25
N ALA C 155 -11.93 -6.87 -36.16
CA ALA C 155 -12.01 -8.27 -35.82
C ALA C 155 -10.71 -8.78 -35.19
N SER C 156 -9.58 -8.32 -35.73
CA SER C 156 -8.28 -8.80 -35.30
C SER C 156 -7.93 -8.30 -33.90
N LEU C 157 -8.66 -7.28 -33.44
CA LEU C 157 -8.37 -6.67 -32.14
C LEU C 157 -9.37 -7.15 -31.09
N GLN C 158 -10.34 -7.95 -31.52
CA GLN C 158 -11.42 -8.41 -30.66
C GLN C 158 -11.00 -8.87 -29.25
N TRP C 159 -10.01 -9.74 -29.19
CA TRP C 159 -9.58 -10.31 -27.92
C TRP C 159 -8.26 -9.72 -27.44
N THR C 160 -8.01 -8.46 -27.75
CA THR C 160 -6.78 -7.82 -27.30
C THR C 160 -7.07 -6.80 -26.20
N GLY C 161 -6.02 -6.27 -25.59
CA GLY C 161 -6.18 -5.19 -24.63
C GLY C 161 -6.01 -3.82 -25.26
N GLY C 162 -6.15 -3.74 -26.58
CA GLY C 162 -5.98 -2.47 -27.28
C GLY C 162 -4.61 -1.87 -27.07
N SER C 163 -4.42 -0.60 -27.43
CA SER C 163 -3.17 0.10 -27.20
C SER C 163 -3.26 0.90 -25.90
N TYR C 164 -2.15 1.44 -25.43
CA TYR C 164 -2.20 2.36 -24.30
C TYR C 164 -3.18 3.51 -24.60
N GLU C 165 -3.08 4.07 -25.80
CA GLU C 165 -4.03 5.10 -26.22
C GLU C 165 -5.48 4.67 -25.97
N ASN C 166 -5.83 3.47 -26.39
CA ASN C 166 -7.20 3.01 -26.24
C ASN C 166 -7.60 2.94 -24.78
N ARG C 167 -6.72 2.38 -23.95
CA ARG C 167 -7.04 2.20 -22.53
C ARG C 167 -7.09 3.54 -21.80
N GLU C 168 -6.19 4.45 -22.15
CA GLU C 168 -6.23 5.80 -21.58
C GLU C 168 -7.57 6.47 -21.89
N VAL C 169 -7.98 6.39 -23.15
CA VAL C 169 -9.21 7.05 -23.58
C VAL C 169 -10.46 6.38 -22.99
N VAL C 170 -10.45 5.05 -22.88
CA VAL C 170 -11.56 4.40 -22.16
C VAL C 170 -11.68 4.94 -20.72
N ASN C 171 -10.55 5.11 -20.04
CA ASN C 171 -10.58 5.69 -18.69
C ASN C 171 -11.13 7.12 -18.70
N ARG C 172 -10.77 7.90 -19.72
CA ARG C 172 -11.31 9.26 -19.85
C ARG C 172 -12.83 9.22 -20.07
N TYR C 173 -13.30 8.27 -20.87
CA TYR C 173 -14.74 8.16 -21.13
C TYR C 173 -15.49 7.78 -19.85
N ASN C 174 -14.95 6.85 -19.06
CA ASN C 174 -15.62 6.46 -17.81
C ASN C 174 -15.79 7.65 -16.86
N LEU C 175 -14.78 8.50 -16.79
CA LEU C 175 -14.86 9.68 -15.93
C LEU C 175 -15.89 10.65 -16.49
N THR C 176 -15.89 10.83 -17.82
CA THR C 176 -16.89 11.68 -18.46
C THR C 176 -18.30 11.19 -18.15
N ALA C 177 -18.54 9.90 -18.27
CA ALA C 177 -19.86 9.31 -18.00
C ALA C 177 -20.27 9.47 -16.55
N VAL C 178 -19.36 9.11 -15.64
CA VAL C 178 -19.63 9.26 -14.21
C VAL C 178 -19.92 10.71 -13.82
N ASN C 179 -19.10 11.64 -14.31
CA ASN C 179 -19.32 13.05 -14.03
C ASN C 179 -20.69 13.52 -14.55
N ALA C 180 -21.06 13.06 -15.74
CA ALA C 180 -22.37 13.42 -16.29
C ALA C 180 -23.49 12.95 -15.39
N ILE C 181 -23.43 11.69 -14.98
CA ILE C 181 -24.41 11.12 -14.07
C ILE C 181 -24.48 11.93 -12.78
N ARG C 182 -23.33 12.14 -12.14
CA ARG C 182 -23.27 12.82 -10.85
C ARG C 182 -23.75 14.28 -10.92
N ALA C 183 -23.46 14.94 -12.03
CA ALA C 183 -23.83 16.34 -12.18
C ALA C 183 -25.33 16.60 -12.14
N THR C 184 -26.14 15.56 -12.41
CA THR C 184 -27.59 15.73 -12.37
C THR C 184 -28.12 15.79 -10.93
N GLY C 185 -27.29 15.40 -9.98
CA GLY C 185 -27.60 15.60 -8.57
C GLY C 185 -28.60 14.61 -8.00
N GLY C 186 -29.09 14.88 -6.80
CA GLY C 186 -30.02 13.98 -6.13
C GLY C 186 -29.47 12.59 -5.98
N ASN C 187 -30.31 11.57 -6.16
CA ASN C 187 -29.87 10.17 -6.05
C ASN C 187 -28.76 9.83 -7.04
N ASN C 188 -28.71 10.53 -8.17
CA ASN C 188 -27.63 10.32 -9.11
C ASN C 188 -26.24 10.67 -8.55
N ALA C 189 -26.19 11.57 -7.57
CA ALA C 189 -24.91 11.93 -6.96
C ALA C 189 -24.35 10.83 -6.04
N THR C 190 -25.20 9.90 -5.60
CA THR C 190 -24.80 8.90 -4.62
C THR C 190 -25.08 7.45 -5.02
N ARG C 191 -25.77 7.21 -6.14
CA ARG C 191 -26.04 5.83 -6.53
C ARG C 191 -24.74 5.10 -6.94
N TYR C 192 -24.81 3.77 -6.96
CA TYR C 192 -23.68 2.93 -7.37
C TYR C 192 -23.60 2.86 -8.88
N ILE C 193 -22.38 2.97 -9.39
CA ILE C 193 -22.17 2.98 -10.84
C ILE C 193 -21.14 1.95 -11.23
N MET C 194 -21.43 1.21 -12.29
CA MET C 194 -20.48 0.23 -12.82
C MET C 194 -19.68 0.83 -13.98
N VAL C 195 -18.38 0.57 -14.01
CA VAL C 195 -17.54 0.96 -15.15
C VAL C 195 -16.71 -0.22 -15.61
N PRO C 196 -16.60 -0.38 -16.94
CA PRO C 196 -15.83 -1.45 -17.60
C PRO C 196 -14.38 -1.07 -17.84
N THR C 197 -13.53 -2.09 -17.81
CA THR C 197 -12.21 -2.02 -18.41
C THR C 197 -12.40 -1.97 -19.91
N LEU C 198 -11.31 -1.74 -20.65
CA LEU C 198 -11.38 -1.82 -22.09
C LEU C 198 -11.93 -3.20 -22.44
N ALA C 199 -12.94 -3.24 -23.30
CA ALA C 199 -13.58 -4.49 -23.73
C ALA C 199 -14.26 -5.26 -22.60
N ALA C 200 -14.41 -4.63 -21.44
CA ALA C 200 -14.88 -5.32 -20.25
C ALA C 200 -14.05 -6.58 -20.00
N SER C 201 -12.79 -6.53 -20.41
CA SER C 201 -11.90 -7.68 -20.28
C SER C 201 -11.28 -7.79 -18.90
N ALA C 202 -11.17 -9.01 -18.40
CA ALA C 202 -10.53 -9.26 -17.11
C ALA C 202 -9.04 -9.57 -17.26
N MET C 203 -8.51 -9.49 -18.48
CA MET C 203 -7.10 -9.80 -18.71
C MET C 203 -6.20 -8.79 -17.97
N SER C 204 -4.96 -9.21 -17.64
CA SER C 204 -4.06 -8.39 -16.83
C SER C 204 -3.87 -6.99 -17.38
N THR C 205 -3.67 -6.90 -18.69
CA THR C 205 -3.39 -5.61 -19.33
C THR C 205 -4.49 -4.60 -18.98
N THR C 206 -5.73 -5.03 -19.10
CA THR C 206 -6.87 -4.11 -18.97
C THR C 206 -7.28 -3.84 -17.53
N ILE C 207 -7.27 -4.86 -16.69
CA ILE C 207 -7.56 -4.62 -15.27
C ILE C 207 -6.46 -3.79 -14.58
N ASN C 208 -5.21 -3.99 -14.98
CA ASN C 208 -4.10 -3.19 -14.46
C ASN C 208 -4.16 -1.73 -14.85
N ASP C 209 -4.77 -1.42 -16.01
CA ASP C 209 -4.78 -0.04 -16.47
C ASP C 209 -6.09 0.69 -16.19
N LEU C 210 -7.03 0.01 -15.53
CA LEU C 210 -8.29 0.64 -15.18
C LEU C 210 -8.02 1.74 -14.16
N VAL C 211 -8.63 2.90 -14.38
CA VAL C 211 -8.56 3.99 -13.42
C VAL C 211 -9.97 4.31 -12.97
N ILE C 212 -10.22 4.24 -11.67
CA ILE C 212 -11.55 4.51 -11.13
C ILE C 212 -11.82 6.01 -11.13
N PRO C 213 -12.88 6.45 -11.85
CA PRO C 213 -13.20 7.89 -11.89
C PRO C 213 -13.26 8.56 -10.51
N ASN C 214 -12.43 9.58 -10.29
CA ASN C 214 -12.41 10.29 -9.01
C ASN C 214 -12.13 9.38 -7.80
N ASN C 215 -11.61 8.18 -8.05
CA ASN C 215 -11.40 7.23 -6.97
C ASN C 215 -12.71 6.94 -6.22
N ASP C 216 -13.83 7.22 -6.86
CA ASP C 216 -15.16 7.13 -6.24
C ASP C 216 -15.43 5.75 -5.63
N SER C 217 -15.78 5.73 -4.35
CA SER C 217 -15.94 4.45 -3.65
C SER C 217 -17.25 3.76 -4.03
N LYS C 218 -18.13 4.48 -4.70
CA LYS C 218 -19.42 3.91 -5.11
C LYS C 218 -19.33 3.36 -6.51
N VAL C 219 -18.11 3.25 -7.02
CA VAL C 219 -17.93 2.67 -8.34
C VAL C 219 -17.61 1.17 -8.28
N ILE C 220 -18.27 0.41 -9.13
CA ILE C 220 -18.13 -1.04 -9.18
C ILE C 220 -17.51 -1.39 -10.53
N VAL C 221 -16.54 -2.28 -10.53
CA VAL C 221 -15.93 -2.67 -11.81
C VAL C 221 -16.83 -3.66 -12.53
N SER C 222 -16.99 -3.44 -13.83
CA SER C 222 -17.78 -4.32 -14.66
C SER C 222 -16.86 -5.15 -15.54
N LEU C 223 -16.95 -6.48 -15.42
CA LEU C 223 -16.20 -7.40 -16.25
C LEU C 223 -17.11 -8.44 -16.90
N HIS C 224 -16.79 -8.82 -18.12
CA HIS C 224 -17.47 -9.91 -18.80
C HIS C 224 -16.51 -11.06 -18.92
N MET C 225 -16.91 -12.24 -18.43
CA MET C 225 -16.00 -13.38 -18.40
C MET C 225 -16.67 -14.67 -18.84
N TYR C 226 -16.75 -14.87 -20.15
CA TYR C 226 -17.27 -16.12 -20.69
C TYR C 226 -16.15 -17.15 -20.70
N SER C 227 -15.81 -17.68 -19.52
CA SER C 227 -14.66 -18.56 -19.38
C SER C 227 -15.10 -19.97 -19.06
N PRO C 228 -14.36 -20.98 -19.54
CA PRO C 228 -13.22 -20.78 -20.44
C PRO C 228 -13.73 -20.61 -21.87
N TYR C 229 -13.02 -19.85 -22.68
CA TYR C 229 -13.49 -19.50 -24.02
C TYR C 229 -13.98 -20.68 -24.87
N PHE C 230 -13.14 -21.70 -25.01
CA PHE C 230 -13.44 -22.81 -25.91
C PHE C 230 -14.69 -23.57 -25.53
N PHE C 231 -14.87 -23.83 -24.24
CA PHE C 231 -16.07 -24.49 -23.78
C PHE C 231 -17.27 -23.56 -23.85
N ALA C 232 -17.15 -22.38 -23.24
CA ALA C 232 -18.31 -21.52 -23.05
C ALA C 232 -18.83 -20.92 -24.36
N MET C 233 -17.91 -20.61 -25.27
CA MET C 233 -18.22 -19.68 -26.33
C MET C 233 -17.96 -20.22 -27.72
N ASP C 234 -16.93 -21.03 -27.88
CA ASP C 234 -16.52 -21.50 -29.21
C ASP C 234 -17.33 -22.71 -29.68
N ILE C 235 -18.11 -22.52 -30.74
CA ILE C 235 -18.96 -23.58 -31.27
C ILE C 235 -18.11 -24.75 -31.76
N ASN C 236 -16.86 -24.47 -32.12
CA ASN C 236 -15.94 -25.50 -32.57
C ASN C 236 -14.98 -25.92 -31.47
N GLY C 237 -15.35 -25.66 -30.22
CA GLY C 237 -14.50 -26.00 -29.11
C GLY C 237 -15.06 -27.14 -28.27
N THR C 238 -14.28 -27.60 -27.31
CA THR C 238 -14.69 -28.75 -26.50
C THR C 238 -16.11 -28.62 -25.95
N SER C 239 -16.77 -29.76 -25.78
CA SER C 239 -18.11 -29.82 -25.21
C SER C 239 -18.07 -30.29 -23.78
N SER C 240 -16.86 -30.64 -23.32
CA SER C 240 -16.68 -31.16 -21.97
C SER C 240 -16.09 -30.13 -21.01
N TRP C 241 -16.48 -30.22 -19.75
CA TRP C 241 -15.93 -29.36 -18.72
C TRP C 241 -16.03 -30.08 -17.40
N GLY C 242 -14.95 -30.04 -16.62
CA GLY C 242 -15.02 -30.57 -15.27
C GLY C 242 -13.77 -31.19 -14.68
N SER C 243 -12.67 -31.21 -15.44
CA SER C 243 -11.42 -31.78 -14.93
C SER C 243 -10.77 -30.91 -13.84
N ASP C 244 -9.74 -31.44 -13.19
CA ASP C 244 -9.00 -30.67 -12.19
C ASP C 244 -8.40 -29.44 -12.83
N TYR C 245 -7.97 -29.59 -14.08
CA TYR C 245 -7.39 -28.47 -14.83
C TYR C 245 -8.42 -27.39 -15.15
N ASP C 246 -9.64 -27.81 -15.51
CA ASP C 246 -10.70 -26.86 -15.86
C ASP C 246 -11.02 -26.01 -14.64
N LYS C 247 -11.14 -26.66 -13.50
CA LYS C 247 -11.52 -25.98 -12.26
C LYS C 247 -10.42 -25.03 -11.81
N SER C 248 -9.19 -25.50 -11.82
CA SER C 248 -8.05 -24.67 -11.45
C SER C 248 -7.93 -23.44 -12.37
N SER C 249 -8.17 -23.63 -13.67
CA SER C 249 -8.05 -22.52 -14.63
C SER C 249 -9.11 -21.46 -14.38
N LEU C 250 -10.33 -21.89 -14.11
CA LEU C 250 -11.40 -20.97 -13.77
C LEU C 250 -11.09 -20.25 -12.45
N ASP C 251 -10.77 -21.00 -11.41
CA ASP C 251 -10.36 -20.40 -10.14
C ASP C 251 -9.35 -19.28 -10.40
N SER C 252 -8.36 -19.55 -11.26
CA SER C 252 -7.26 -18.61 -11.45
C SER C 252 -7.69 -17.31 -12.10
N GLU C 253 -8.63 -17.39 -13.05
CA GLU C 253 -9.18 -16.17 -13.66
C GLU C 253 -9.86 -15.31 -12.61
N PHE C 254 -10.64 -15.94 -11.74
CA PHE C 254 -11.29 -15.21 -10.66
C PHE C 254 -10.27 -14.70 -9.66
N ASP C 255 -9.19 -15.46 -9.42
CA ASP C 255 -8.14 -15.03 -8.50
C ASP C 255 -7.47 -13.72 -8.92
N ALA C 256 -7.32 -13.50 -10.23
CA ALA C 256 -6.71 -12.26 -10.71
C ALA C 256 -7.59 -11.07 -10.34
N VAL C 257 -8.90 -11.29 -10.45
CA VAL C 257 -9.87 -10.24 -10.16
C VAL C 257 -9.96 -10.01 -8.66
N TYR C 258 -9.91 -11.09 -7.90
CA TYR C 258 -10.00 -11.02 -6.46
C TYR C 258 -8.82 -10.20 -5.95
N ASN C 259 -7.64 -10.52 -6.47
CA ASN C 259 -6.43 -9.90 -5.98
C ASN C 259 -6.27 -8.45 -6.43
N LYS C 260 -6.64 -8.15 -7.67
CA LYS C 260 -6.59 -6.78 -8.15
C LYS C 260 -7.62 -5.88 -7.47
N PHE C 261 -8.86 -6.36 -7.35
CA PHE C 261 -9.96 -5.49 -6.93
C PHE C 261 -10.59 -5.86 -5.59
N VAL C 262 -11.25 -7.01 -5.56
CA VAL C 262 -12.12 -7.36 -4.45
C VAL C 262 -11.43 -7.26 -3.07
N LYS C 263 -10.22 -7.80 -2.95
CA LYS C 263 -9.56 -7.84 -1.64
C LYS C 263 -9.09 -6.46 -1.20
N ASN C 264 -9.02 -5.52 -2.14
CA ASN C 264 -8.69 -4.14 -1.81
C ASN C 264 -9.94 -3.30 -1.56
N GLY C 265 -11.10 -3.94 -1.53
CA GLY C 265 -12.35 -3.24 -1.25
C GLY C 265 -13.05 -2.65 -2.48
N ARG C 266 -12.50 -2.91 -3.66
CA ARG C 266 -13.14 -2.50 -4.90
C ARG C 266 -14.02 -3.64 -5.42
N ALA C 267 -15.33 -3.42 -5.45
CA ALA C 267 -16.30 -4.48 -5.78
C ALA C 267 -16.41 -4.72 -7.28
N VAL C 268 -16.83 -5.92 -7.67
CA VAL C 268 -16.79 -6.34 -9.07
C VAL C 268 -18.02 -7.17 -9.39
N VAL C 269 -18.65 -6.84 -10.51
CA VAL C 269 -19.76 -7.61 -11.04
C VAL C 269 -19.34 -8.20 -12.37
N ILE C 270 -19.49 -9.51 -12.53
CA ILE C 270 -19.35 -10.13 -13.82
C ILE C 270 -20.70 -9.99 -14.53
N GLY C 271 -20.81 -8.96 -15.36
CA GLY C 271 -22.07 -8.57 -15.96
C GLY C 271 -22.55 -9.48 -17.06
N GLU C 272 -21.63 -10.22 -17.65
CA GLU C 272 -21.97 -11.21 -18.66
C GLU C 272 -21.08 -12.45 -18.50
N MET C 273 -21.69 -13.63 -18.62
CA MET C 273 -20.96 -14.89 -18.73
C MET C 273 -21.99 -15.94 -19.17
N GLY C 274 -21.57 -17.19 -19.31
CA GLY C 274 -22.47 -18.25 -19.69
C GLY C 274 -21.85 -19.22 -20.69
N SER C 275 -22.64 -20.19 -21.14
CA SER C 275 -22.16 -21.19 -22.10
C SER C 275 -23.23 -21.41 -23.16
N ILE C 276 -22.78 -21.71 -24.37
CA ILE C 276 -23.70 -21.99 -25.46
C ILE C 276 -24.16 -23.45 -25.37
N ASN C 277 -25.15 -23.79 -26.18
CA ASN C 277 -25.72 -25.13 -26.18
C ASN C 277 -25.01 -26.03 -27.20
N LYS C 278 -24.12 -26.90 -26.72
CA LYS C 278 -23.48 -27.90 -27.58
C LYS C 278 -24.07 -29.28 -27.29
N ASN C 279 -25.35 -29.30 -26.96
CA ASN C 279 -26.03 -30.54 -26.61
C ASN C 279 -25.27 -31.28 -25.53
N ASN C 280 -24.85 -30.52 -24.52
CA ASN C 280 -23.97 -31.01 -23.47
C ASN C 280 -24.47 -30.57 -22.12
N THR C 281 -25.72 -30.90 -21.80
CA THR C 281 -26.35 -30.40 -20.58
C THR C 281 -25.57 -30.76 -19.31
N ALA C 282 -25.08 -31.99 -19.22
CA ALA C 282 -24.37 -32.42 -18.01
C ALA C 282 -23.14 -31.56 -17.78
N ALA C 283 -22.36 -31.35 -18.84
CA ALA C 283 -21.17 -30.52 -18.77
C ALA C 283 -21.53 -29.08 -18.36
N ARG C 284 -22.53 -28.50 -19.02
CA ARG C 284 -22.94 -27.13 -18.75
C ARG C 284 -23.46 -26.98 -17.32
N VAL C 285 -24.06 -28.04 -16.80
CA VAL C 285 -24.53 -28.05 -15.42
C VAL C 285 -23.34 -28.06 -14.46
N THR C 286 -22.33 -28.83 -14.81
CA THR C 286 -21.14 -28.92 -13.98
C THR C 286 -20.41 -27.56 -14.00
N HIS C 287 -20.28 -27.01 -15.19
CA HIS C 287 -19.65 -25.71 -15.37
C HIS C 287 -20.42 -24.60 -14.68
N ALA C 288 -21.73 -24.55 -14.88
CA ALA C 288 -22.53 -23.46 -14.35
C ALA C 288 -22.48 -23.42 -12.83
N GLU C 289 -22.53 -24.59 -12.20
CA GLU C 289 -22.56 -24.64 -10.74
C GLU C 289 -21.21 -24.30 -10.13
N TYR C 290 -20.15 -24.79 -10.75
CA TYR C 290 -18.81 -24.47 -10.28
C TYR C 290 -18.46 -22.99 -10.52
N TYR C 291 -18.86 -22.47 -11.68
CA TYR C 291 -18.64 -21.06 -12.00
C TYR C 291 -19.25 -20.19 -10.91
N ALA C 292 -20.51 -20.44 -10.60
CA ALA C 292 -21.22 -19.71 -9.56
C ALA C 292 -20.50 -19.77 -8.21
N LYS C 293 -20.13 -20.96 -7.77
CA LYS C 293 -19.59 -21.05 -6.42
C LYS C 293 -18.15 -20.53 -6.34
N SER C 294 -17.40 -20.70 -7.41
CA SER C 294 -16.03 -20.22 -7.43
C SER C 294 -16.03 -18.69 -7.49
N ALA C 295 -16.88 -18.15 -8.36
CA ALA C 295 -17.03 -16.71 -8.50
C ALA C 295 -17.43 -16.09 -7.17
N LYS C 296 -18.42 -16.70 -6.52
CA LYS C 296 -18.96 -16.19 -5.28
C LYS C 296 -17.92 -16.26 -4.16
N ALA C 297 -17.07 -17.29 -4.19
CA ALA C 297 -16.01 -17.46 -3.21
C ALA C 297 -14.98 -16.33 -3.30
N ARG C 298 -15.00 -15.61 -4.42
CA ARG C 298 -14.11 -14.46 -4.59
C ARG C 298 -14.89 -13.13 -4.57
N GLY C 299 -16.09 -13.16 -3.99
CA GLY C 299 -16.91 -11.97 -3.82
C GLY C 299 -17.59 -11.45 -5.07
N LEU C 300 -17.57 -12.24 -6.14
CA LEU C 300 -18.07 -11.81 -7.43
C LEU C 300 -19.52 -12.19 -7.61
N THR C 301 -20.31 -11.26 -8.15
CA THR C 301 -21.69 -11.56 -8.54
C THR C 301 -21.76 -11.76 -10.06
N PRO C 302 -22.10 -12.98 -10.51
CA PRO C 302 -22.14 -13.25 -11.94
C PRO C 302 -23.55 -13.08 -12.51
N ILE C 303 -23.62 -12.69 -13.78
CA ILE C 303 -24.91 -12.44 -14.43
C ILE C 303 -24.94 -13.15 -15.76
N TRP C 304 -25.90 -14.06 -15.91
CA TRP C 304 -25.97 -14.92 -17.09
C TRP C 304 -26.39 -14.12 -18.32
N TRP C 305 -25.70 -14.33 -19.45
CA TRP C 305 -26.10 -13.69 -20.70
C TRP C 305 -27.12 -14.55 -21.43
N ASP C 306 -28.38 -14.12 -21.42
CA ASP C 306 -29.46 -14.85 -22.07
C ASP C 306 -30.00 -14.04 -23.23
N ASN C 307 -29.63 -14.42 -24.45
CA ASN C 307 -30.11 -13.73 -25.65
C ASN C 307 -31.38 -14.36 -26.22
N GLY C 308 -32.01 -15.24 -25.45
CA GLY C 308 -33.24 -15.89 -25.86
C GLY C 308 -33.08 -16.91 -26.97
N TYR C 309 -31.86 -17.32 -27.24
CA TYR C 309 -31.56 -18.26 -28.31
C TYR C 309 -30.88 -19.51 -27.74
N SER C 310 -31.61 -20.62 -27.70
CA SER C 310 -31.15 -21.81 -26.98
C SER C 310 -31.00 -23.07 -27.84
N VAL C 311 -30.96 -22.91 -29.16
CA VAL C 311 -30.93 -24.06 -30.07
C VAL C 311 -29.63 -24.86 -30.00
N ALA C 312 -29.75 -26.16 -29.72
CA ALA C 312 -28.57 -27.02 -29.58
C ALA C 312 -27.77 -27.12 -30.88
N GLY C 313 -26.45 -27.10 -30.75
CA GLY C 313 -25.56 -27.29 -31.90
C GLY C 313 -25.24 -26.01 -32.65
N LYS C 314 -25.77 -24.89 -32.16
CA LYS C 314 -25.62 -23.61 -32.85
C LYS C 314 -24.81 -22.62 -32.03
N ALA C 315 -24.04 -21.78 -32.72
CA ALA C 315 -23.30 -20.70 -32.07
C ALA C 315 -24.22 -19.71 -31.37
N GLU C 316 -23.69 -19.00 -30.37
CA GLU C 316 -24.41 -17.93 -29.68
C GLU C 316 -25.67 -18.40 -29.00
N THR C 317 -25.76 -19.68 -28.70
CA THR C 317 -26.95 -20.19 -28.03
C THR C 317 -26.88 -20.11 -26.51
N PHE C 318 -26.84 -18.88 -25.99
CA PHE C 318 -26.76 -18.64 -24.55
C PHE C 318 -28.11 -18.69 -23.85
N GLY C 319 -29.20 -18.69 -24.61
CA GLY C 319 -30.52 -18.62 -24.01
C GLY C 319 -30.84 -19.78 -23.09
N ILE C 320 -31.40 -19.49 -21.93
CA ILE C 320 -31.81 -20.53 -21.00
C ILE C 320 -33.27 -20.34 -20.53
N PHE C 321 -33.79 -19.14 -20.71
CA PHE C 321 -35.20 -18.88 -20.37
C PHE C 321 -36.05 -18.83 -21.63
N ASN C 322 -37.18 -19.53 -21.62
CA ASN C 322 -38.11 -19.48 -22.75
C ASN C 322 -39.15 -18.40 -22.47
N ARG C 323 -38.98 -17.25 -23.10
CA ARG C 323 -39.80 -16.10 -22.80
C ARG C 323 -41.26 -16.29 -23.24
N SER C 324 -41.44 -16.86 -24.42
CA SER C 324 -42.78 -17.07 -24.97
C SER C 324 -43.61 -18.02 -24.11
N ASN C 325 -42.95 -18.91 -23.39
CA ASN C 325 -43.63 -19.95 -22.63
C ASN C 325 -43.64 -19.75 -21.12
N LEU C 326 -42.81 -18.85 -20.63
CA LEU C 326 -42.67 -18.69 -19.18
C LEU C 326 -42.18 -20.00 -18.56
N THR C 327 -41.30 -20.69 -19.28
CA THR C 327 -40.60 -21.85 -18.73
C THR C 327 -39.11 -21.72 -19.06
N TRP C 328 -38.31 -22.65 -18.57
CA TRP C 328 -36.89 -22.65 -18.88
C TRP C 328 -36.53 -23.65 -19.97
N ASP C 329 -35.89 -23.15 -21.02
CA ASP C 329 -35.31 -24.00 -22.07
C ASP C 329 -34.17 -24.87 -21.53
N ALA C 330 -33.52 -24.39 -20.47
CA ALA C 330 -32.40 -25.13 -19.89
C ALA C 330 -32.52 -25.15 -18.38
N PRO C 331 -33.53 -25.87 -17.88
CA PRO C 331 -33.91 -25.85 -16.46
C PRO C 331 -32.77 -26.31 -15.57
N GLU C 332 -32.01 -27.28 -16.05
CA GLU C 332 -30.96 -27.89 -15.24
C GLU C 332 -29.75 -26.97 -15.12
N VAL C 333 -29.38 -26.32 -16.22
CA VAL C 333 -28.31 -25.33 -16.21
C VAL C 333 -28.68 -24.18 -15.28
N MET C 334 -29.87 -23.62 -15.48
CA MET C 334 -30.37 -22.55 -14.62
C MET C 334 -30.35 -22.92 -13.15
N LYS C 335 -30.83 -24.12 -12.83
CA LYS C 335 -30.92 -24.54 -11.42
C LYS C 335 -29.55 -24.74 -10.78
N ALA C 336 -28.62 -25.31 -11.54
CA ALA C 336 -27.26 -25.51 -11.05
C ALA C 336 -26.56 -24.15 -10.79
N PHE C 337 -26.78 -23.20 -11.70
CA PHE C 337 -26.19 -21.87 -11.57
C PHE C 337 -26.67 -21.26 -10.27
N ILE C 338 -27.99 -21.25 -10.07
CA ILE C 338 -28.57 -20.74 -8.83
C ILE C 338 -28.12 -21.52 -7.60
N LYS C 339 -27.98 -22.84 -7.74
CA LYS C 339 -27.59 -23.65 -6.60
C LYS C 339 -26.16 -23.33 -6.20
N GLY C 340 -25.31 -23.12 -7.20
CA GLY C 340 -23.94 -22.72 -6.92
C GLY C 340 -23.82 -21.45 -6.09
N ILE C 341 -24.78 -20.55 -6.26
CA ILE C 341 -24.73 -19.24 -5.62
C ILE C 341 -24.96 -19.30 -4.10
N GLY C 342 -25.74 -20.28 -3.65
CA GLY C 342 -26.08 -20.41 -2.24
C GLY C 342 -26.97 -19.28 -1.73
N GLY C 343 -27.02 -19.11 -0.41
CA GLY C 343 -27.92 -18.12 0.18
C GLY C 343 -27.68 -17.89 1.66
N SER C 344 -28.43 -16.96 2.24
CA SER C 344 -28.27 -16.61 3.65
C SER C 344 -29.31 -17.30 4.52
N SER C 345 -30.16 -18.12 3.91
CA SER C 345 -31.17 -18.89 4.63
C SER C 345 -31.79 -19.97 3.73
N SER D 1 -2.95 -28.74 12.74
CA SER D 1 -3.15 -27.85 11.61
C SER D 1 -2.69 -26.44 11.95
N ALA D 2 -2.33 -25.69 10.92
CA ALA D 2 -2.04 -24.27 11.08
C ALA D 2 -3.31 -23.42 10.95
N VAL D 3 -4.45 -24.07 10.72
CA VAL D 3 -5.73 -23.37 10.71
C VAL D 3 -6.63 -23.87 11.85
N GLU D 4 -7.09 -22.95 12.69
CA GLU D 4 -7.91 -23.28 13.85
C GLU D 4 -9.31 -22.74 13.66
N VAL D 5 -10.30 -23.54 14.01
CA VAL D 5 -11.69 -23.08 13.96
C VAL D 5 -12.29 -23.10 15.36
N THR D 6 -12.84 -21.96 15.76
CA THR D 6 -13.55 -21.84 17.03
C THR D 6 -15.05 -21.73 16.76
N TYR D 7 -15.78 -22.72 17.27
CA TYR D 7 -17.21 -22.83 17.08
C TYR D 7 -17.84 -22.63 18.44
N ALA D 8 -18.55 -21.52 18.63
CA ALA D 8 -18.99 -21.12 19.96
C ALA D 8 -20.48 -20.80 20.02
N ILE D 9 -21.09 -21.01 21.18
CA ILE D 9 -22.51 -20.71 21.35
C ILE D 9 -22.74 -19.35 21.99
N THR D 10 -23.31 -18.44 21.20
CA THR D 10 -23.56 -17.10 21.68
C THR D 10 -24.74 -17.11 22.66
N ASN D 11 -25.74 -17.92 22.33
CA ASN D 11 -26.97 -17.93 23.09
C ASN D 11 -27.78 -19.14 22.64
N SER D 12 -28.53 -19.75 23.54
CA SER D 12 -29.42 -20.82 23.14
C SER D 12 -30.72 -20.78 23.93
N TRP D 13 -31.77 -21.38 23.39
CA TRP D 13 -33.08 -21.29 24.00
C TRP D 13 -33.83 -22.61 23.90
N GLY D 14 -33.10 -23.72 23.97
CA GLY D 14 -33.70 -25.03 24.06
C GLY D 14 -34.05 -25.65 22.72
N SER D 15 -34.76 -24.92 21.88
CA SER D 15 -35.11 -25.41 20.56
C SER D 15 -34.36 -24.68 19.43
N GLY D 16 -33.50 -23.73 19.81
CA GLY D 16 -32.75 -22.97 18.84
C GLY D 16 -31.50 -22.39 19.49
N ALA D 17 -30.55 -21.93 18.69
CA ALA D 17 -29.37 -21.31 19.25
C ALA D 17 -28.72 -20.35 18.28
N SER D 18 -27.86 -19.51 18.81
CA SER D 18 -27.09 -18.60 17.99
C SER D 18 -25.62 -19.00 18.09
N VAL D 19 -24.97 -19.13 16.95
CA VAL D 19 -23.60 -19.63 16.89
C VAL D 19 -22.65 -18.56 16.36
N ASN D 20 -21.46 -18.49 16.93
CA ASN D 20 -20.40 -17.67 16.35
C ASN D 20 -19.22 -18.54 15.93
N VAL D 21 -18.77 -18.40 14.70
CA VAL D 21 -17.62 -19.17 14.20
C VAL D 21 -16.46 -18.25 13.81
N THR D 22 -15.27 -18.53 14.36
CA THR D 22 -14.06 -17.74 14.06
C THR D 22 -13.02 -18.65 13.45
N ILE D 23 -12.51 -18.27 12.30
CA ILE D 23 -11.45 -19.02 11.65
C ILE D 23 -10.15 -18.28 11.86
N LYS D 24 -9.12 -18.99 12.34
CA LYS D 24 -7.83 -18.35 12.59
C LYS D 24 -6.73 -19.00 11.75
N ASN D 25 -6.03 -18.18 10.96
CA ASN D 25 -4.97 -18.65 10.08
C ASN D 25 -3.58 -18.44 10.66
N ASN D 26 -2.98 -19.51 11.18
CA ASN D 26 -1.64 -19.42 11.77
C ASN D 26 -0.52 -19.83 10.83
N GLY D 27 -0.84 -20.04 9.56
CA GLY D 27 0.17 -20.39 8.58
C GLY D 27 0.86 -19.15 8.03
N THR D 28 1.68 -19.34 7.00
CA THR D 28 2.45 -18.24 6.43
C THR D 28 1.75 -17.59 5.24
N THR D 29 0.82 -18.33 4.64
CA THR D 29 0.14 -17.88 3.43
C THR D 29 -1.28 -17.40 3.73
N PRO D 30 -1.62 -16.19 3.27
CA PRO D 30 -3.00 -15.71 3.44
C PRO D 30 -3.97 -16.64 2.72
N ILE D 31 -5.17 -16.75 3.27
CA ILE D 31 -6.24 -17.52 2.62
C ILE D 31 -7.12 -16.54 1.87
N ASN D 32 -6.94 -16.48 0.56
CA ASN D 32 -7.61 -15.51 -0.30
C ASN D 32 -8.93 -15.99 -0.85
N GLY D 33 -10.00 -15.84 -0.06
CA GLY D 33 -11.32 -16.22 -0.50
C GLY D 33 -11.71 -17.50 0.21
N TRP D 34 -11.97 -17.37 1.50
CA TRP D 34 -12.14 -18.56 2.32
C TRP D 34 -13.49 -19.25 2.11
N THR D 35 -13.45 -20.58 2.18
CA THR D 35 -14.66 -21.39 2.24
C THR D 35 -14.45 -22.40 3.36
N LEU D 36 -15.53 -22.65 4.11
CA LEU D 36 -15.44 -23.53 5.27
C LEU D 36 -16.49 -24.62 5.12
N LYS D 37 -16.08 -25.87 5.28
CA LYS D 37 -16.99 -26.99 5.10
C LYS D 37 -16.98 -27.91 6.33
N TRP D 38 -18.17 -28.36 6.72
CA TRP D 38 -18.29 -29.32 7.82
C TRP D 38 -19.60 -30.10 7.80
N THR D 39 -19.72 -31.04 8.73
CA THR D 39 -20.92 -31.84 8.87
C THR D 39 -21.67 -31.34 10.09
N MET D 40 -22.90 -30.89 9.89
CA MET D 40 -23.72 -30.49 11.03
C MET D 40 -24.14 -31.72 11.82
N PRO D 41 -24.24 -31.58 13.14
CA PRO D 41 -24.82 -32.68 13.92
C PRO D 41 -26.26 -32.91 13.47
N ILE D 42 -26.78 -34.11 13.67
CA ILE D 42 -28.16 -34.38 13.28
C ILE D 42 -29.15 -33.56 14.12
N ASN D 43 -30.34 -33.36 13.58
CA ASN D 43 -31.39 -32.62 14.29
C ASN D 43 -31.07 -31.15 14.47
N GLN D 44 -30.30 -30.59 13.56
CA GLN D 44 -29.99 -29.16 13.54
C GLN D 44 -30.24 -28.59 12.16
N THR D 45 -30.91 -27.45 12.11
CA THR D 45 -31.15 -26.77 10.84
C THR D 45 -30.71 -25.33 10.94
N ILE D 46 -30.00 -24.84 9.92
CA ILE D 46 -29.64 -23.42 9.87
C ILE D 46 -30.82 -22.56 9.41
N THR D 47 -31.17 -21.54 10.18
CA THR D 47 -32.31 -20.70 9.83
C THR D 47 -31.86 -19.48 9.06
N ASN D 48 -30.85 -18.77 9.56
CA ASN D 48 -30.23 -17.71 8.78
C ASN D 48 -28.78 -17.48 9.17
N MET D 49 -28.03 -16.84 8.29
CA MET D 49 -26.60 -16.65 8.50
C MET D 49 -26.20 -15.24 8.09
N TRP D 50 -25.18 -14.70 8.74
CA TRP D 50 -24.69 -13.37 8.43
C TRP D 50 -23.17 -13.38 8.30
N SER D 51 -22.67 -12.44 7.49
CA SER D 51 -21.24 -12.31 7.21
C SER D 51 -20.71 -13.47 6.39
N ALA D 52 -21.62 -14.22 5.79
CA ALA D 52 -21.23 -15.34 4.95
C ALA D 52 -22.51 -15.94 4.37
N SER D 53 -22.38 -16.82 3.39
CA SER D 53 -23.55 -17.49 2.84
C SER D 53 -23.28 -18.98 2.88
N PHE D 54 -24.30 -19.80 2.69
CA PHE D 54 -24.09 -21.24 2.73
C PHE D 54 -24.92 -22.02 1.71
N VAL D 55 -24.47 -23.26 1.47
CA VAL D 55 -25.23 -24.26 0.74
C VAL D 55 -25.31 -25.49 1.65
N ALA D 56 -26.51 -25.97 1.90
CA ALA D 56 -26.71 -27.13 2.75
C ALA D 56 -27.16 -28.31 1.92
N SER D 57 -26.49 -29.45 2.11
CA SER D 57 -26.89 -30.67 1.43
C SER D 57 -26.89 -31.80 2.47
N GLY D 58 -28.08 -32.12 2.96
CA GLY D 58 -28.21 -32.98 4.13
C GLY D 58 -27.58 -32.29 5.33
N THR D 59 -26.71 -33.00 6.04
CA THR D 59 -25.98 -32.39 7.13
C THR D 59 -24.67 -31.79 6.64
N THR D 60 -24.40 -31.88 5.35
CA THR D 60 -23.18 -31.29 4.81
C THR D 60 -23.40 -29.81 4.64
N LEU D 61 -22.53 -29.01 5.24
CA LEU D 61 -22.65 -27.57 5.15
C LEU D 61 -21.41 -26.99 4.47
N SER D 62 -21.62 -26.09 3.50
CA SER D 62 -20.53 -25.39 2.84
C SER D 62 -20.80 -23.90 2.97
N VAL D 63 -19.91 -23.21 3.67
CA VAL D 63 -20.05 -21.78 3.93
C VAL D 63 -19.02 -20.98 3.11
N THR D 64 -19.45 -19.84 2.57
CA THR D 64 -18.57 -19.00 1.75
C THR D 64 -18.47 -17.61 2.36
N ASN D 65 -17.30 -17.00 2.24
CA ASN D 65 -17.09 -15.64 2.75
C ASN D 65 -18.02 -14.64 2.08
N ALA D 66 -18.17 -13.46 2.68
CA ALA D 66 -19.02 -12.41 2.10
C ALA D 66 -18.24 -11.34 1.33
N GLY D 67 -17.08 -11.72 0.76
CA GLY D 67 -16.31 -10.83 -0.09
C GLY D 67 -15.45 -9.83 0.66
N TYR D 68 -16.09 -8.94 1.41
CA TYR D 68 -15.35 -7.97 2.24
C TYR D 68 -14.53 -8.64 3.35
N ASN D 69 -14.89 -9.86 3.73
CA ASN D 69 -14.12 -10.60 4.74
C ASN D 69 -13.47 -11.86 4.16
N GLY D 70 -13.16 -11.81 2.86
CA GLY D 70 -12.68 -12.96 2.12
C GLY D 70 -11.26 -13.44 2.42
N THR D 71 -10.39 -12.54 2.87
CA THR D 71 -9.02 -12.91 3.15
C THR D 71 -8.79 -13.10 4.64
N ILE D 72 -8.31 -14.27 5.01
CA ILE D 72 -7.88 -14.52 6.38
C ILE D 72 -6.37 -14.38 6.38
N ALA D 73 -5.88 -13.30 6.97
CA ALA D 73 -4.47 -12.97 6.90
C ALA D 73 -3.65 -14.04 7.62
N ALA D 74 -2.41 -14.20 7.17
CA ALA D 74 -1.50 -15.19 7.73
C ALA D 74 -1.02 -14.76 9.12
N ASN D 75 -0.34 -15.66 9.81
CA ASN D 75 0.32 -15.35 11.07
C ASN D 75 -0.65 -14.86 12.13
N GLY D 76 -1.81 -15.48 12.20
CA GLY D 76 -2.79 -15.18 13.24
C GLY D 76 -4.01 -14.37 12.86
N GLY D 77 -4.20 -14.11 11.56
CA GLY D 77 -5.37 -13.38 11.13
C GLY D 77 -6.63 -14.21 11.37
N THR D 78 -7.77 -13.54 11.51
CA THR D 78 -9.05 -14.20 11.69
C THR D 78 -10.14 -13.61 10.80
N GLN D 79 -11.17 -14.39 10.56
CA GLN D 79 -12.44 -13.86 10.08
C GLN D 79 -13.52 -14.61 10.85
N SER D 80 -14.70 -14.03 10.95
CA SER D 80 -15.78 -14.59 11.75
C SER D 80 -17.10 -14.45 11.04
N PHE D 81 -18.02 -15.36 11.34
CA PHE D 81 -19.39 -15.23 10.89
C PHE D 81 -20.27 -15.88 11.95
N GLY D 82 -21.58 -15.76 11.80
CA GLY D 82 -22.52 -16.32 12.75
C GLY D 82 -23.78 -16.75 12.05
N PHE D 83 -24.60 -17.53 12.76
CA PHE D 83 -25.86 -18.01 12.21
C PHE D 83 -26.74 -18.53 13.33
N ASN D 84 -28.04 -18.64 13.06
CA ASN D 84 -28.98 -19.26 14.00
C ASN D 84 -29.32 -20.65 13.53
N ILE D 85 -29.59 -21.54 14.48
CA ILE D 85 -30.12 -22.87 14.14
C ILE D 85 -31.35 -23.17 14.98
N ASN D 86 -32.20 -24.06 14.48
CA ASN D 86 -33.15 -24.77 15.32
C ASN D 86 -32.56 -26.15 15.56
N TYR D 87 -32.78 -26.70 16.75
CA TYR D 87 -32.27 -28.02 17.04
C TYR D 87 -33.15 -28.78 18.04
N SER D 88 -32.94 -30.09 18.11
CA SER D 88 -33.53 -30.89 19.16
C SER D 88 -32.43 -31.77 19.76
N GLY D 89 -32.69 -32.32 20.94
CA GLY D 89 -31.68 -33.08 21.64
C GLY D 89 -30.64 -32.18 22.27
N VAL D 90 -29.46 -32.75 22.50
CA VAL D 90 -28.34 -32.01 23.08
C VAL D 90 -27.78 -31.06 22.04
N LEU D 91 -27.30 -29.90 22.49
CA LEU D 91 -26.73 -28.93 21.56
C LEU D 91 -25.28 -29.33 21.24
N SER D 92 -25.11 -30.23 20.28
CA SER D 92 -23.79 -30.72 19.92
C SER D 92 -23.10 -29.78 18.92
N LYS D 93 -21.78 -29.87 18.81
CA LYS D 93 -21.08 -29.12 17.78
C LYS D 93 -20.36 -30.05 16.82
N PRO D 94 -20.04 -29.55 15.61
CA PRO D 94 -19.27 -30.32 14.64
C PRO D 94 -17.93 -30.74 15.24
N THR D 95 -17.37 -31.83 14.72
CA THR D 95 -16.16 -32.41 15.28
C THR D 95 -14.92 -32.09 14.44
N GLY D 96 -15.14 -31.56 13.24
CA GLY D 96 -14.03 -31.11 12.42
C GLY D 96 -14.49 -30.17 11.33
N PHE D 97 -13.54 -29.48 10.71
CA PHE D 97 -13.83 -28.49 9.67
C PHE D 97 -12.75 -28.52 8.58
N THR D 98 -13.12 -28.14 7.38
CA THR D 98 -12.15 -27.99 6.31
C THR D 98 -12.21 -26.57 5.74
N VAL D 99 -11.05 -25.90 5.67
CA VAL D 99 -10.99 -24.57 5.05
C VAL D 99 -10.22 -24.64 3.74
N ASN D 100 -10.88 -24.28 2.65
CA ASN D 100 -10.25 -24.42 1.33
C ASN D 100 -9.45 -25.72 1.20
N GLY D 101 -10.02 -26.82 1.69
CA GLY D 101 -9.41 -28.14 1.54
C GLY D 101 -8.50 -28.54 2.70
N THR D 102 -8.15 -27.59 3.55
CA THR D 102 -7.24 -27.87 4.66
C THR D 102 -7.98 -28.22 5.95
N GLU D 103 -7.60 -29.34 6.56
CA GLU D 103 -8.23 -29.78 7.81
C GLU D 103 -7.89 -28.82 8.95
N CYS D 104 -8.89 -28.42 9.71
CA CYS D 104 -8.67 -27.46 10.80
C CYS D 104 -8.56 -28.14 12.14
N THR D 105 -7.84 -27.50 13.05
CA THR D 105 -7.84 -27.88 14.45
C THR D 105 -9.10 -27.27 15.07
N VAL D 106 -9.85 -28.06 15.82
CA VAL D 106 -11.04 -27.54 16.50
C VAL D 106 -10.64 -27.01 17.88
N LYS D 107 -10.68 -25.68 18.03
CA LYS D 107 -10.31 -25.05 19.31
C LYS D 107 -11.52 -24.55 20.06
N SER E 1 -11.75 37.60 -13.74
CA SER E 1 -12.49 37.13 -12.57
C SER E 1 -12.56 35.60 -12.51
N THR E 2 -12.15 35.03 -11.39
CA THR E 2 -12.26 33.59 -11.18
C THR E 2 -13.65 33.22 -10.65
N ALA E 3 -14.63 34.00 -11.05
CA ALA E 3 -16.01 33.72 -10.71
C ALA E 3 -16.47 32.43 -11.39
N PHE E 4 -16.83 32.53 -12.68
CA PHE E 4 -17.48 31.43 -13.39
C PHE E 4 -16.59 30.82 -14.46
N THR E 5 -15.38 30.44 -14.09
CA THR E 5 -14.41 29.93 -15.06
C THR E 5 -14.56 28.43 -15.30
N GLY E 6 -15.59 27.83 -14.71
CA GLY E 6 -15.79 26.40 -14.80
C GLY E 6 -14.97 25.65 -13.76
N VAL E 7 -15.13 24.33 -13.73
CA VAL E 7 -14.43 23.50 -12.75
C VAL E 7 -13.51 22.52 -13.46
N ARG E 8 -12.21 22.76 -13.35
CA ARG E 8 -11.23 21.89 -13.98
C ARG E 8 -11.19 20.55 -13.31
N ASP E 9 -10.66 19.57 -14.02
CA ASP E 9 -10.35 18.32 -13.41
C ASP E 9 -8.84 18.15 -13.38
N VAL E 10 -8.21 18.63 -12.31
CA VAL E 10 -6.78 18.45 -12.13
C VAL E 10 -6.56 17.81 -10.77
N PRO E 11 -5.34 17.33 -10.50
CA PRO E 11 -5.11 16.74 -9.17
C PRO E 11 -5.32 17.79 -8.09
N ALA E 12 -5.93 17.40 -6.98
CA ALA E 12 -6.16 18.34 -5.90
C ALA E 12 -4.85 19.02 -5.48
N GLN E 13 -3.73 18.33 -5.59
CA GLN E 13 -2.44 18.95 -5.25
C GLN E 13 -2.16 20.18 -6.14
N GLN E 14 -2.61 20.13 -7.39
CA GLN E 14 -2.40 21.26 -8.29
C GLN E 14 -3.22 22.47 -7.84
N ILE E 15 -4.46 22.20 -7.42
CA ILE E 15 -5.29 23.26 -6.85
C ILE E 15 -4.57 23.90 -5.65
N VAL E 16 -4.07 23.05 -4.75
CA VAL E 16 -3.43 23.56 -3.56
C VAL E 16 -2.19 24.39 -3.90
N ASN E 17 -1.43 23.94 -4.89
CA ASN E 17 -0.28 24.70 -5.38
C ASN E 17 -0.68 26.07 -5.89
N GLU E 18 -1.79 26.13 -6.61
CA GLU E 18 -2.29 27.39 -7.15
C GLU E 18 -2.81 28.33 -6.06
N MET E 19 -3.48 27.76 -5.05
CA MET E 19 -3.95 28.54 -3.92
C MET E 19 -2.75 29.26 -3.29
N LYS E 20 -1.62 28.56 -3.25
CA LYS E 20 -0.29 29.13 -3.00
C LYS E 20 -0.01 29.57 -1.57
N VAL E 21 -0.71 30.60 -1.12
CA VAL E 21 -0.61 31.09 0.23
C VAL E 21 -1.83 31.96 0.43
N GLY E 22 -2.39 31.94 1.64
CA GLY E 22 -3.64 32.64 1.89
C GLY E 22 -3.67 33.54 3.12
N TRP E 23 -4.75 34.30 3.23
CA TRP E 23 -5.02 35.22 4.32
C TRP E 23 -6.47 35.01 4.77
N ASN E 24 -6.70 34.91 6.08
CA ASN E 24 -8.07 34.79 6.64
C ASN E 24 -8.71 36.14 6.93
N LEU E 25 -9.94 36.31 6.46
CA LEU E 25 -10.79 37.40 6.96
C LEU E 25 -11.35 36.99 8.31
N GLY E 26 -10.52 36.97 9.34
CA GLY E 26 -10.96 36.45 10.62
C GLY E 26 -11.73 37.44 11.48
N ASN E 27 -12.50 36.91 12.43
CA ASN E 27 -13.34 37.73 13.30
C ASN E 27 -14.22 38.69 12.52
N THR E 28 -14.78 38.23 11.42
CA THR E 28 -15.61 39.07 10.56
C THR E 28 -16.93 38.37 10.33
N MET E 29 -17.04 37.60 9.25
CA MET E 29 -18.27 36.85 9.00
C MET E 29 -18.41 35.65 9.96
N ASP E 30 -17.32 35.34 10.65
CA ASP E 30 -17.32 34.33 11.69
C ASP E 30 -17.69 34.90 13.06
N ALA E 31 -17.68 36.22 13.21
CA ALA E 31 -17.93 36.87 14.50
C ALA E 31 -19.37 36.66 14.99
N ILE E 32 -19.52 36.25 16.25
CA ILE E 32 -20.85 36.07 16.80
C ILE E 32 -21.55 37.42 16.87
N GLY E 33 -22.70 37.54 16.23
CA GLY E 33 -23.46 38.77 16.27
C GLY E 33 -23.24 39.68 15.08
N GLY E 34 -22.51 39.20 14.08
CA GLY E 34 -22.44 39.90 12.82
C GLY E 34 -21.09 40.50 12.48
N GLU E 35 -20.99 40.97 11.24
CA GLU E 35 -19.71 41.31 10.60
C GLU E 35 -18.81 42.26 11.36
N THR E 36 -19.40 43.27 12.02
CA THR E 36 -18.60 44.30 12.70
C THR E 36 -18.63 44.16 14.22
N ASN E 37 -19.22 43.08 14.72
CA ASN E 37 -19.44 42.91 16.15
C ASN E 37 -18.19 42.58 16.97
N TRP E 38 -17.12 42.15 16.31
CA TRP E 38 -15.87 41.89 17.01
C TRP E 38 -14.77 42.86 16.59
N GLY E 39 -15.16 44.08 16.25
CA GLY E 39 -14.22 45.17 16.10
C GLY E 39 -13.60 45.36 14.74
N ASN E 40 -14.08 44.64 13.74
CA ASN E 40 -13.60 44.90 12.38
C ASN E 40 -14.58 45.76 11.62
N PRO E 41 -14.08 46.60 10.72
CA PRO E 41 -14.89 47.45 9.85
C PRO E 41 -15.61 46.59 8.84
N MET E 42 -16.63 47.14 8.17
CA MET E 42 -17.28 46.42 7.08
C MET E 42 -16.23 46.16 6.02
N THR E 43 -16.16 44.91 5.55
CA THR E 43 -15.18 44.51 4.55
C THR E 43 -15.42 45.26 3.24
N THR E 44 -14.37 45.64 2.54
CA THR E 44 -14.55 46.32 1.27
C THR E 44 -13.69 45.69 0.18
N HIS E 45 -14.07 45.97 -1.06
CA HIS E 45 -13.31 45.53 -2.22
C HIS E 45 -11.88 46.02 -2.15
N ALA E 46 -11.68 47.24 -1.66
CA ALA E 46 -10.33 47.82 -1.60
C ALA E 46 -9.42 47.00 -0.69
N MET E 47 -9.93 46.58 0.46
CA MET E 47 -9.17 45.73 1.36
C MET E 47 -8.65 44.49 0.65
N ILE E 48 -9.55 43.73 0.05
CA ILE E 48 -9.13 42.50 -0.65
C ILE E 48 -8.14 42.77 -1.78
N ASN E 49 -8.31 43.90 -2.48
CA ASN E 49 -7.33 44.29 -3.49
C ASN E 49 -5.93 44.34 -2.90
N LYS E 50 -5.82 44.83 -1.67
CA LYS E 50 -4.51 44.95 -1.04
C LYS E 50 -3.97 43.58 -0.68
N ILE E 51 -4.87 42.67 -0.31
CA ILE E 51 -4.45 41.33 0.08
C ILE E 51 -3.78 40.67 -1.11
N LYS E 52 -4.43 40.75 -2.26
CA LYS E 52 -3.90 40.21 -3.49
C LYS E 52 -2.55 40.84 -3.83
N GLU E 53 -2.48 42.17 -3.72
CA GLU E 53 -1.28 42.90 -4.08
C GLU E 53 -0.06 42.47 -3.28
N ALA E 54 -0.28 42.12 -2.00
CA ALA E 54 0.80 41.69 -1.12
C ALA E 54 1.36 40.33 -1.54
N GLY E 55 0.60 39.58 -2.32
CA GLY E 55 1.07 38.29 -2.82
C GLY E 55 0.22 37.10 -2.41
N PHE E 56 -0.87 37.36 -1.70
CA PHE E 56 -1.77 36.26 -1.33
C PHE E 56 -2.64 35.87 -2.52
N ASN E 57 -2.80 34.58 -2.75
CA ASN E 57 -3.70 34.16 -3.82
C ASN E 57 -4.96 33.45 -3.31
N THR E 58 -5.06 33.32 -1.99
CA THR E 58 -6.26 32.70 -1.41
C THR E 58 -6.86 33.53 -0.29
N LEU E 59 -8.16 33.76 -0.36
CA LEU E 59 -8.89 34.36 0.74
C LEU E 59 -9.68 33.26 1.41
N ARG E 60 -9.38 32.98 2.68
CA ARG E 60 -10.29 32.12 3.45
C ARG E 60 -11.32 33.03 4.07
N LEU E 61 -12.58 32.67 3.88
CA LEU E 61 -13.70 33.48 4.31
C LEU E 61 -14.50 32.71 5.35
N PRO E 62 -14.06 32.72 6.62
CA PRO E 62 -14.80 31.95 7.62
C PRO E 62 -16.17 32.57 7.87
N VAL E 63 -17.21 31.75 7.95
CA VAL E 63 -18.55 32.24 8.21
C VAL E 63 -19.23 31.47 9.34
N THR E 64 -19.74 32.18 10.33
CA THR E 64 -20.59 31.56 11.34
C THR E 64 -22.04 31.74 10.91
N TRP E 65 -22.73 30.64 10.66
CA TRP E 65 -24.11 30.67 10.18
C TRP E 65 -25.13 30.62 11.32
N ASP E 66 -24.74 30.00 12.43
CA ASP E 66 -25.56 30.01 13.63
C ASP E 66 -25.88 31.46 13.99
N GLY E 67 -27.15 31.76 14.23
CA GLY E 67 -27.56 33.14 14.45
C GLY E 67 -28.13 33.78 13.19
N HIS E 68 -28.01 33.09 12.05
CA HIS E 68 -28.52 33.64 10.80
C HIS E 68 -29.44 32.65 10.12
N MET E 69 -29.91 31.65 10.85
CA MET E 69 -30.79 30.67 10.25
C MET E 69 -32.02 30.35 11.09
N GLY E 70 -33.09 29.97 10.41
CA GLY E 70 -34.36 29.65 11.06
C GLY E 70 -34.35 28.30 11.75
N ALA E 71 -35.54 27.83 12.15
CA ALA E 71 -35.68 26.60 12.90
C ALA E 71 -35.78 25.39 11.97
N ALA E 72 -35.71 24.20 12.56
CA ALA E 72 -35.99 22.98 11.80
C ALA E 72 -37.43 23.06 11.31
N PRO E 73 -37.74 22.38 10.20
CA PRO E 73 -36.85 21.45 9.51
C PRO E 73 -36.00 22.06 8.40
N GLU E 74 -36.26 23.31 8.01
CA GLU E 74 -35.60 23.87 6.81
C GLU E 74 -34.32 24.64 7.15
N TYR E 75 -34.21 25.14 8.37
CA TYR E 75 -33.04 25.89 8.79
C TYR E 75 -32.68 26.97 7.79
N THR E 76 -33.68 27.72 7.35
CA THR E 76 -33.50 28.69 6.30
C THR E 76 -32.50 29.78 6.70
N ILE E 77 -31.48 29.97 5.87
CA ILE E 77 -30.46 30.98 6.13
C ILE E 77 -30.97 32.35 5.67
N ASP E 78 -30.83 33.37 6.49
CA ASP E 78 -31.27 34.73 6.13
CA ASP E 78 -31.28 34.71 6.13
C ASP E 78 -30.68 35.10 4.78
N GLN E 79 -31.54 35.55 3.86
CA GLN E 79 -31.11 35.83 2.50
CA GLN E 79 -31.16 35.88 2.49
C GLN E 79 -30.11 36.98 2.46
N THR E 80 -30.26 37.95 3.34
CA THR E 80 -29.36 39.10 3.40
C THR E 80 -27.96 38.68 3.84
N TRP E 81 -27.89 37.76 4.79
CA TRP E 81 -26.61 37.22 5.22
C TRP E 81 -25.91 36.50 4.07
N MET E 82 -26.64 35.62 3.41
CA MET E 82 -26.08 34.82 2.34
C MET E 82 -25.51 35.73 1.25
N LYS E 83 -26.29 36.76 0.93
CA LYS E 83 -25.95 37.69 -0.13
C LYS E 83 -24.68 38.46 0.26
N ARG E 84 -24.49 38.72 1.55
CA ARG E 84 -23.30 39.46 1.98
C ARG E 84 -22.05 38.58 1.86
N VAL E 85 -22.15 37.33 2.28
CA VAL E 85 -21.04 36.39 2.10
C VAL E 85 -20.62 36.35 0.62
N GLU E 86 -21.60 36.22 -0.28
CA GLU E 86 -21.32 36.16 -1.71
C GLU E 86 -20.65 37.44 -2.24
N GLU E 87 -21.15 38.59 -1.77
CA GLU E 87 -20.58 39.86 -2.16
C GLU E 87 -19.07 39.92 -1.82
N ILE E 88 -18.73 39.51 -0.60
CA ILE E 88 -17.31 39.45 -0.19
C ILE E 88 -16.50 38.45 -1.01
N ALA E 89 -17.06 37.26 -1.23
CA ALA E 89 -16.36 36.29 -2.07
C ALA E 89 -15.98 36.92 -3.41
N ASN E 90 -16.91 37.66 -4.00
CA ASN E 90 -16.66 38.30 -5.29
C ASN E 90 -15.56 39.39 -5.29
N TYR E 91 -15.29 40.01 -4.14
CA TYR E 91 -14.15 40.92 -4.06
C TYR E 91 -12.88 40.15 -4.39
N ALA E 92 -12.85 38.88 -3.97
CA ALA E 92 -11.67 38.05 -4.21
C ALA E 92 -11.65 37.49 -5.62
N PHE E 93 -12.82 37.07 -6.11
CA PHE E 93 -12.92 36.56 -7.48
C PHE E 93 -12.45 37.61 -8.48
N ASP E 94 -12.84 38.87 -8.26
CA ASP E 94 -12.40 39.98 -9.10
C ASP E 94 -10.89 40.06 -9.15
N ASN E 95 -10.23 39.61 -8.08
CA ASN E 95 -8.77 39.60 -8.02
C ASN E 95 -8.16 38.27 -8.50
N ASP E 96 -9.00 37.39 -9.05
CA ASP E 96 -8.55 36.09 -9.56
CA ASP E 96 -8.51 36.12 -9.58
C ASP E 96 -8.00 35.20 -8.46
N MET E 97 -8.55 35.35 -7.25
CA MET E 97 -8.10 34.57 -6.11
C MET E 97 -8.97 33.33 -5.86
N TYR E 98 -8.41 32.36 -5.13
CA TYR E 98 -9.21 31.27 -4.58
C TYR E 98 -9.94 31.79 -3.35
N VAL E 99 -11.11 31.23 -3.09
CA VAL E 99 -11.89 31.57 -1.91
C VAL E 99 -12.35 30.30 -1.23
N ILE E 100 -12.13 30.23 0.09
CA ILE E 100 -12.67 29.13 0.89
C ILE E 100 -13.79 29.65 1.78
N ILE E 101 -14.96 29.04 1.66
CA ILE E 101 -16.07 29.34 2.54
C ILE E 101 -16.36 28.13 3.42
N ASN E 102 -16.46 28.34 4.73
CA ASN E 102 -16.73 27.24 5.66
C ASN E 102 -18.00 27.43 6.49
N LEU E 103 -18.22 26.51 7.45
CA LEU E 103 -19.05 26.79 8.62
C LEU E 103 -18.05 26.97 9.74
N HIS E 104 -18.23 27.99 10.56
CA HIS E 104 -17.19 28.33 11.52
C HIS E 104 -17.57 28.04 12.98
N HIS E 105 -18.00 29.04 13.73
CA HIS E 105 -18.32 28.81 15.15
C HIS E 105 -19.70 28.21 15.33
N GLU E 106 -19.87 26.94 14.97
CA GLU E 106 -21.18 26.33 15.03
C GLU E 106 -21.32 25.42 16.25
N ASN E 107 -20.48 25.63 17.25
CA ASN E 107 -20.38 24.70 18.36
C ASN E 107 -21.67 24.48 19.15
N GLU E 108 -22.55 25.48 19.14
CA GLU E 108 -23.80 25.36 19.88
C GLU E 108 -24.72 24.28 19.33
N TRP E 109 -24.58 23.94 18.05
CA TRP E 109 -25.43 22.92 17.45
C TRP E 109 -24.65 21.74 16.86
N LEU E 110 -23.39 21.96 16.52
CA LEU E 110 -22.63 20.94 15.84
C LEU E 110 -21.82 20.18 16.87
N LYS E 111 -22.37 19.08 17.38
CA LYS E 111 -21.76 18.33 18.49
C LYS E 111 -21.44 16.91 18.07
N PRO E 112 -20.16 16.52 18.24
CA PRO E 112 -19.65 15.24 17.74
C PRO E 112 -19.92 14.04 18.68
N PHE E 113 -21.17 13.80 19.05
CA PHE E 113 -21.52 12.65 19.90
C PHE E 113 -22.62 11.82 19.25
N TYR E 114 -22.65 10.52 19.51
CA TYR E 114 -23.69 9.67 18.94
C TYR E 114 -25.08 10.21 19.25
N ALA E 115 -25.21 10.80 20.44
CA ALA E 115 -26.53 11.23 20.91
C ALA E 115 -27.10 12.36 20.06
N ASN E 116 -26.23 13.15 19.47
CA ASN E 116 -26.63 14.34 18.70
C ASN E 116 -26.65 14.11 17.20
N GLU E 117 -26.05 13.01 16.77
CA GLU E 117 -25.76 12.78 15.37
C GLU E 117 -26.95 12.97 14.44
N ALA E 118 -28.10 12.46 14.84
CA ALA E 118 -29.28 12.55 13.97
C ALA E 118 -29.74 14.00 13.73
N GLN E 119 -29.91 14.77 14.82
CA GLN E 119 -30.21 16.21 14.72
C GLN E 119 -29.14 16.94 13.91
N VAL E 120 -27.88 16.74 14.27
CA VAL E 120 -26.81 17.50 13.63
C VAL E 120 -26.74 17.23 12.14
N LYS E 121 -26.89 15.97 11.76
CA LYS E 121 -26.88 15.61 10.34
C LYS E 121 -28.01 16.27 9.56
N ALA E 122 -29.20 16.32 10.14
CA ALA E 122 -30.32 16.94 9.46
C ALA E 122 -30.04 18.42 9.20
N GLN E 123 -29.57 19.11 10.22
CA GLN E 123 -29.21 20.51 10.07
C GLN E 123 -28.03 20.71 9.10
N LEU E 124 -27.00 19.88 9.22
CA LEU E 124 -25.81 20.01 8.37
C LEU E 124 -26.22 19.89 6.92
N THR E 125 -27.12 18.96 6.68
CA THR E 125 -27.61 18.70 5.34
C THR E 125 -28.34 19.92 4.76
N LYS E 126 -29.23 20.52 5.54
CA LYS E 126 -29.98 21.69 5.12
C LYS E 126 -29.09 22.91 4.92
N VAL E 127 -28.12 23.08 5.81
CA VAL E 127 -27.22 24.23 5.72
C VAL E 127 -26.33 24.14 4.48
N TRP E 128 -25.74 22.98 4.24
CA TRP E 128 -24.86 22.87 3.07
C TRP E 128 -25.64 22.85 1.75
N THR E 129 -26.88 22.39 1.79
CA THR E 129 -27.69 22.38 0.59
C THR E 129 -27.89 23.83 0.14
N GLN E 130 -28.24 24.69 1.08
CA GLN E 130 -28.47 26.11 0.81
C GLN E 130 -27.19 26.84 0.38
N ILE E 131 -26.08 26.53 1.04
CA ILE E 131 -24.88 27.26 0.71
C ILE E 131 -24.44 26.81 -0.66
N ALA E 132 -24.46 25.50 -0.89
CA ALA E 132 -24.05 24.95 -2.18
C ALA E 132 -24.92 25.50 -3.32
N ASN E 133 -26.23 25.54 -3.12
CA ASN E 133 -27.13 26.08 -4.15
C ASN E 133 -26.88 27.55 -4.47
N ASN E 134 -26.62 28.35 -3.45
CA ASN E 134 -26.34 29.75 -3.66
C ASN E 134 -25.05 29.97 -4.44
N PHE E 135 -24.03 29.17 -4.16
CA PHE E 135 -22.71 29.36 -4.76
C PHE E 135 -22.40 28.42 -5.93
N LYS E 136 -23.41 27.67 -6.37
CA LYS E 136 -23.22 26.67 -7.43
C LYS E 136 -22.55 27.26 -8.67
N LYS E 137 -22.87 28.50 -8.99
CA LYS E 137 -22.45 29.10 -10.26
C LYS E 137 -20.94 29.31 -10.35
N TYR E 138 -20.26 29.33 -9.21
CA TYR E 138 -18.83 29.65 -9.21
C TYR E 138 -17.96 28.44 -9.53
N GLY E 139 -16.85 28.70 -10.23
CA GLY E 139 -15.96 27.64 -10.71
C GLY E 139 -15.02 27.12 -9.63
N ASP E 140 -13.95 26.46 -10.04
CA ASP E 140 -13.07 25.75 -9.09
C ASP E 140 -12.22 26.66 -8.21
N HIS E 141 -12.27 27.97 -8.43
CA HIS E 141 -11.63 28.88 -7.49
C HIS E 141 -12.45 29.07 -6.22
N LEU E 142 -13.69 28.58 -6.20
CA LEU E 142 -14.43 28.53 -4.95
C LEU E 142 -14.35 27.15 -4.33
N ILE E 143 -13.81 27.08 -3.12
CA ILE E 143 -13.67 25.83 -2.36
C ILE E 143 -14.56 25.85 -1.12
N PHE E 144 -15.29 24.77 -0.86
CA PHE E 144 -16.09 24.63 0.35
C PHE E 144 -15.29 23.85 1.41
N GLU E 145 -15.31 24.34 2.63
CA GLU E 145 -14.69 23.66 3.77
C GLU E 145 -15.83 23.28 4.70
N THR E 146 -16.02 21.98 4.91
CA THR E 146 -17.26 21.44 5.48
C THR E 146 -17.54 21.90 6.89
N MET E 147 -16.49 22.01 7.71
CA MET E 147 -16.60 22.42 9.11
C MET E 147 -15.28 23.05 9.53
N ASN E 148 -15.28 23.75 10.66
CA ASN E 148 -14.08 24.44 11.11
C ASN E 148 -13.24 23.55 12.02
N GLU E 149 -13.56 23.55 13.32
CA GLU E 149 -12.85 22.75 14.30
C GLU E 149 -13.81 21.93 15.16
N PRO E 150 -14.51 20.97 14.54
CA PRO E 150 -15.49 20.14 15.25
C PRO E 150 -14.79 19.38 16.37
N ARG E 151 -15.27 19.52 17.60
CA ARG E 151 -14.65 18.85 18.74
C ARG E 151 -15.62 18.80 19.92
N PRO E 152 -15.36 17.91 20.87
CA PRO E 152 -16.20 17.91 22.08
C PRO E 152 -15.91 19.20 22.84
N VAL E 153 -16.94 19.78 23.46
CA VAL E 153 -16.75 21.03 24.19
C VAL E 153 -16.07 20.78 25.54
N GLY E 154 -15.48 21.83 26.12
CA GLY E 154 -14.81 21.70 27.39
C GLY E 154 -13.36 22.12 27.28
N ALA E 155 -12.96 23.09 28.10
CA ALA E 155 -11.62 23.65 28.02
C ALA E 155 -10.54 22.59 28.23
N SER E 156 -10.83 21.62 29.11
CA SER E 156 -9.88 20.56 29.41
C SER E 156 -9.64 19.64 28.22
N LEU E 157 -10.54 19.70 27.23
CA LEU E 157 -10.46 18.83 26.06
C LEU E 157 -9.88 19.55 24.84
N GLN E 158 -9.66 20.85 24.97
CA GLN E 158 -9.34 21.70 23.83
C GLN E 158 -8.15 21.22 22.97
N TRP E 159 -7.08 20.77 23.62
CA TRP E 159 -5.87 20.33 22.90
C TRP E 159 -5.73 18.80 22.88
N THR E 160 -6.85 18.09 22.95
CA THR E 160 -6.84 16.63 22.86
C THR E 160 -7.42 16.18 21.52
N GLY E 161 -7.26 14.90 21.23
CA GLY E 161 -7.82 14.34 20.01
C GLY E 161 -9.20 13.74 20.23
N GLY E 162 -9.85 14.12 21.33
CA GLY E 162 -11.19 13.62 21.60
C GLY E 162 -11.24 12.13 21.89
N SER E 163 -12.44 11.58 21.96
CA SER E 163 -12.60 10.14 22.11
C SER E 163 -12.79 9.52 20.73
N TYR E 164 -12.77 8.19 20.67
CA TYR E 164 -13.03 7.49 19.41
C TYR E 164 -14.40 7.90 18.91
N GLU E 165 -15.37 7.93 19.82
CA GLU E 165 -16.71 8.38 19.48
C GLU E 165 -16.68 9.74 18.75
N ASN E 166 -16.00 10.73 19.32
CA ASN E 166 -15.92 12.06 18.71
C ASN E 166 -15.32 12.00 17.30
N ARG E 167 -14.27 11.21 17.11
CA ARG E 167 -13.60 11.20 15.82
C ARG E 167 -14.46 10.44 14.80
N GLU E 168 -15.18 9.41 15.24
CA GLU E 168 -16.08 8.68 14.37
C GLU E 168 -17.18 9.61 13.89
N VAL E 169 -17.78 10.35 14.82
CA VAL E 169 -18.90 11.20 14.45
C VAL E 169 -18.46 12.36 13.55
N VAL E 170 -17.27 12.92 13.80
CA VAL E 170 -16.73 13.93 12.88
C VAL E 170 -16.60 13.37 11.46
N ASN E 171 -16.11 12.14 11.34
CA ASN E 171 -16.02 11.52 10.02
C ASN E 171 -17.40 11.38 9.40
N ARG E 172 -18.40 11.06 10.24
CA ARG E 172 -19.77 10.93 9.76
C ARG E 172 -20.31 12.29 9.28
N TYR E 173 -20.00 13.35 10.01
CA TYR E 173 -20.49 14.69 9.65
C TYR E 173 -19.86 15.15 8.34
N ASN E 174 -18.56 14.87 8.14
CA ASN E 174 -17.90 15.22 6.89
C ASN E 174 -18.55 14.54 5.69
N LEU E 175 -18.93 13.28 5.87
CA LEU E 175 -19.60 12.53 4.81
C LEU E 175 -20.93 13.20 4.51
N THR E 176 -21.68 13.46 5.57
CA THR E 176 -22.98 14.12 5.44
C THR E 176 -22.88 15.45 4.68
N ALA E 177 -21.89 16.27 5.02
CA ALA E 177 -21.66 17.58 4.40
C ALA E 177 -21.27 17.47 2.93
N VAL E 178 -20.30 16.60 2.64
CA VAL E 178 -19.87 16.38 1.27
C VAL E 178 -21.03 15.88 0.40
N ASN E 179 -21.78 14.90 0.90
CA ASN E 179 -22.91 14.37 0.16
C ASN E 179 -23.96 15.45 -0.12
N ALA E 180 -24.20 16.31 0.88
CA ALA E 180 -25.16 17.40 0.74
C ALA E 180 -24.74 18.38 -0.37
N ILE E 181 -23.45 18.72 -0.40
CA ILE E 181 -22.89 19.56 -1.46
C ILE E 181 -22.97 18.89 -2.83
N ARG E 182 -22.51 17.64 -2.91
CA ARG E 182 -22.49 16.93 -4.18
C ARG E 182 -23.90 16.76 -4.76
N ALA E 183 -24.86 16.54 -3.88
CA ALA E 183 -26.24 16.27 -4.28
C ALA E 183 -26.92 17.43 -5.02
N THR E 184 -26.39 18.64 -4.85
CA THR E 184 -26.94 19.78 -5.59
C THR E 184 -26.52 19.76 -7.06
N GLY E 185 -25.53 18.94 -7.41
CA GLY E 185 -25.20 18.75 -8.80
C GLY E 185 -24.48 19.93 -9.45
N GLY E 186 -24.42 19.93 -10.77
CA GLY E 186 -23.73 20.99 -11.51
C GLY E 186 -22.28 21.11 -11.10
N ASN E 187 -21.78 22.34 -10.94
CA ASN E 187 -20.40 22.56 -10.50
C ASN E 187 -20.13 21.92 -9.13
N ASN E 188 -21.16 21.82 -8.30
CA ASN E 188 -20.97 21.25 -6.97
C ASN E 188 -20.67 19.75 -6.99
N ALA E 189 -20.86 19.13 -8.14
CA ALA E 189 -20.56 17.70 -8.27
C ALA E 189 -19.07 17.46 -8.39
N THR E 190 -18.34 18.48 -8.86
CA THR E 190 -16.92 18.31 -9.15
C THR E 190 -16.06 19.35 -8.44
N ARG E 191 -16.69 20.22 -7.66
CA ARG E 191 -15.97 21.23 -6.88
C ARG E 191 -15.00 20.58 -5.91
N TYR E 192 -13.90 21.28 -5.59
CA TYR E 192 -12.97 20.83 -4.56
C TYR E 192 -13.48 21.23 -3.18
N ILE E 193 -13.32 20.31 -2.24
CA ILE E 193 -13.88 20.44 -0.90
C ILE E 193 -12.82 20.12 0.18
N MET E 194 -12.71 20.98 1.17
CA MET E 194 -11.83 20.75 2.30
C MET E 194 -12.58 20.10 3.46
N VAL E 195 -12.00 19.08 4.08
CA VAL E 195 -12.62 18.52 5.29
C VAL E 195 -11.62 18.53 6.42
N PRO E 196 -12.08 18.84 7.65
CA PRO E 196 -11.12 18.83 8.75
C PRO E 196 -11.06 17.51 9.52
N THR E 197 -9.94 17.32 10.21
CA THR E 197 -9.86 16.30 11.23
C THR E 197 -10.60 16.82 12.44
N LEU E 198 -10.77 16.00 13.45
CA LEU E 198 -11.30 16.51 14.70
C LEU E 198 -10.45 17.70 15.18
N ALA E 199 -11.11 18.81 15.53
CA ALA E 199 -10.46 20.06 15.94
C ALA E 199 -9.54 20.65 14.88
N ALA E 200 -9.61 20.14 13.65
CA ALA E 200 -8.63 20.45 12.61
C ALA E 200 -7.21 20.24 13.13
N SER E 201 -7.03 19.32 14.08
CA SER E 201 -5.71 19.09 14.62
C SER E 201 -4.85 18.22 13.72
N ALA E 202 -3.54 18.49 13.73
CA ALA E 202 -2.58 17.73 12.96
C ALA E 202 -1.97 16.58 13.76
N MET E 203 -2.37 16.44 15.02
CA MET E 203 -1.78 15.41 15.88
C MET E 203 -2.03 14.03 15.28
N SER E 204 -1.16 13.06 15.60
CA SER E 204 -1.28 11.73 15.01
C SER E 204 -2.66 11.12 15.24
N THR E 205 -3.18 11.27 16.45
CA THR E 205 -4.45 10.63 16.79
C THR E 205 -5.52 11.02 15.80
N THR E 206 -5.59 12.30 15.48
CA THR E 206 -6.67 12.79 14.65
C THR E 206 -6.42 12.58 13.16
N ILE E 207 -5.20 12.87 12.66
CA ILE E 207 -4.91 12.62 11.25
C ILE E 207 -4.99 11.12 10.92
N ASN E 208 -4.59 10.25 11.85
CA ASN E 208 -4.68 8.80 11.60
C ASN E 208 -6.11 8.29 11.56
N ASP E 209 -7.04 8.98 12.22
CA ASP E 209 -8.44 8.56 12.22
C ASP E 209 -9.33 9.26 11.19
N LEU E 210 -8.79 10.23 10.46
CA LEU E 210 -9.56 10.87 9.38
C LEU E 210 -9.97 9.88 8.30
N VAL E 211 -11.24 9.90 7.93
CA VAL E 211 -11.73 9.12 6.80
C VAL E 211 -12.27 10.04 5.71
N ILE E 212 -11.68 9.98 4.52
CA ILE E 212 -12.11 10.80 3.40
C ILE E 212 -13.49 10.32 2.87
N PRO E 213 -14.52 11.20 2.91
CA PRO E 213 -15.84 10.83 2.39
C PRO E 213 -15.79 10.23 0.99
N ASN E 214 -16.29 9.01 0.85
CA ASN E 214 -16.32 8.31 -0.44
C ASN E 214 -14.98 8.15 -1.14
N ASN E 215 -13.90 8.39 -0.40
CA ASN E 215 -12.55 8.39 -0.98
C ASN E 215 -12.38 9.39 -2.12
N ASP E 216 -13.29 10.35 -2.15
CA ASP E 216 -13.38 11.36 -3.20
C ASP E 216 -12.02 12.02 -3.47
N SER E 217 -11.51 11.91 -4.70
CA SER E 217 -10.21 12.49 -5.00
C SER E 217 -10.23 14.03 -5.04
N LYS E 218 -11.42 14.63 -5.05
CA LYS E 218 -11.54 16.08 -5.04
C LYS E 218 -11.53 16.66 -3.61
N VAL E 219 -11.31 15.80 -2.62
CA VAL E 219 -11.25 16.22 -1.23
C VAL E 219 -9.82 16.60 -0.76
N ILE E 220 -9.75 17.75 -0.10
CA ILE E 220 -8.51 18.30 0.44
C ILE E 220 -8.62 18.29 1.96
N VAL E 221 -7.54 17.90 2.65
CA VAL E 221 -7.57 17.94 4.11
C VAL E 221 -7.33 19.34 4.67
N SER E 222 -8.12 19.68 5.67
CA SER E 222 -7.98 20.96 6.34
C SER E 222 -7.37 20.81 7.75
N LEU E 223 -6.16 21.34 7.94
CA LEU E 223 -5.52 21.36 9.26
C LEU E 223 -5.23 22.79 9.74
N HIS E 224 -5.32 23.01 11.04
CA HIS E 224 -4.87 24.28 11.62
C HIS E 224 -3.61 24.03 12.44
N MET E 225 -2.54 24.77 12.14
CA MET E 225 -1.26 24.47 12.78
C MET E 225 -0.56 25.75 13.23
N TYR E 226 -0.97 26.24 14.39
CA TYR E 226 -0.32 27.42 14.99
C TYR E 226 0.94 26.96 15.70
N SER E 227 1.96 26.56 14.95
CA SER E 227 3.16 25.97 15.55
C SER E 227 4.36 26.89 15.46
N PRO E 228 5.25 26.86 16.48
CA PRO E 228 5.07 26.10 17.73
C PRO E 228 4.15 26.83 18.72
N TYR E 229 3.43 26.07 19.54
CA TYR E 229 2.43 26.64 20.43
C TYR E 229 2.91 27.79 21.31
N PHE E 230 3.97 27.55 22.09
CA PHE E 230 4.44 28.55 23.03
C PHE E 230 4.83 29.86 22.34
N PHE E 231 5.52 29.78 21.20
CA PHE E 231 5.96 30.99 20.52
C PHE E 231 4.79 31.70 19.82
N ALA E 232 4.01 30.93 19.07
CA ALA E 232 3.01 31.48 18.16
C ALA E 232 1.73 31.94 18.84
N MET E 233 1.34 31.27 19.92
CA MET E 233 -0.01 31.44 20.44
C MET E 233 -0.09 31.88 21.90
N ASP E 234 0.89 31.45 22.69
CA ASP E 234 0.83 31.64 24.14
C ASP E 234 1.41 32.98 24.56
N ILE E 235 0.56 33.86 25.08
CA ILE E 235 1.01 35.18 25.46
C ILE E 235 2.14 35.09 26.50
N ASN E 236 2.18 33.99 27.25
CA ASN E 236 3.22 33.79 28.27
C ASN E 236 4.37 32.90 27.82
N GLY E 237 4.31 32.45 26.57
CA GLY E 237 5.36 31.63 26.01
C GLY E 237 6.51 32.48 25.52
N THR E 238 7.59 31.81 25.12
CA THR E 238 8.79 32.49 24.67
C THR E 238 8.50 33.45 23.54
N SER E 239 9.38 34.45 23.40
CA SER E 239 9.26 35.47 22.37
C SER E 239 10.29 35.21 21.28
N SER E 240 11.10 34.18 21.47
CA SER E 240 12.19 33.90 20.53
C SER E 240 11.89 32.69 19.66
N TRP E 241 12.37 32.72 18.43
CA TRP E 241 12.26 31.55 17.56
C TRP E 241 13.38 31.55 16.53
N GLY E 242 14.00 30.39 16.32
CA GLY E 242 14.94 30.26 15.22
C GLY E 242 16.16 29.40 15.49
N SER E 243 16.16 28.67 16.60
CA SER E 243 17.24 27.74 16.87
C SER E 243 17.13 26.53 15.95
N ASP E 244 18.20 25.73 15.89
CA ASP E 244 18.19 24.47 15.17
C ASP E 244 17.05 23.58 15.65
N TYR E 245 16.81 23.58 16.96
CA TYR E 245 15.71 22.81 17.55
C TYR E 245 14.37 23.34 17.07
N ASP E 246 14.21 24.64 17.06
CA ASP E 246 12.99 25.25 16.56
C ASP E 246 12.70 24.79 15.12
N LYS E 247 13.72 24.89 14.26
CA LYS E 247 13.55 24.57 12.86
C LYS E 247 13.20 23.09 12.70
N SER E 248 13.95 22.25 13.39
CA SER E 248 13.73 20.81 13.33
C SER E 248 12.35 20.41 13.80
N SER E 249 11.88 21.00 14.90
CA SER E 249 10.58 20.64 15.45
C SER E 249 9.46 20.97 14.49
N LEU E 250 9.54 22.15 13.87
CA LEU E 250 8.53 22.57 12.91
C LEU E 250 8.55 21.66 11.67
N ASP E 251 9.74 21.41 11.14
CA ASP E 251 9.90 20.49 10.01
C ASP E 251 9.19 19.18 10.30
N SER E 252 9.36 18.67 11.52
CA SER E 252 8.81 17.36 11.89
C SER E 252 7.29 17.40 11.96
N GLU E 253 6.74 18.52 12.42
CA GLU E 253 5.29 18.70 12.38
C GLU E 253 4.80 18.54 10.96
N PHE E 254 5.42 19.25 10.03
CA PHE E 254 5.02 19.14 8.62
C PHE E 254 5.30 17.75 8.04
N ASP E 255 6.42 17.13 8.42
CA ASP E 255 6.74 15.78 7.95
C ASP E 255 5.63 14.77 8.27
N ALA E 256 5.00 14.91 9.44
CA ALA E 256 3.91 14.00 9.79
C ALA E 256 2.77 14.11 8.79
N VAL E 257 2.51 15.34 8.35
CA VAL E 257 1.44 15.62 7.40
C VAL E 257 1.81 15.18 5.99
N TYR E 258 3.04 15.46 5.58
CA TYR E 258 3.58 14.99 4.30
C TYR E 258 3.43 13.46 4.19
N ASN E 259 3.88 12.74 5.21
CA ASN E 259 3.91 11.29 5.12
C ASN E 259 2.53 10.64 5.17
N LYS E 260 1.64 11.20 5.97
CA LYS E 260 0.28 10.67 6.07
C LYS E 260 -0.52 10.97 4.81
N PHE E 261 -0.47 12.22 4.35
CA PHE E 261 -1.35 12.67 3.26
C PHE E 261 -0.64 12.99 1.94
N VAL E 262 0.19 14.03 1.95
CA VAL E 262 0.68 14.59 0.69
C VAL E 262 1.40 13.57 -0.19
N LYS E 263 2.28 12.77 0.40
CA LYS E 263 3.08 11.86 -0.42
C LYS E 263 2.22 10.74 -0.99
N ASN E 264 1.03 10.55 -0.41
CA ASN E 264 0.07 9.58 -0.93
C ASN E 264 -0.97 10.20 -1.88
N GLY E 265 -0.71 11.43 -2.33
CA GLY E 265 -1.60 12.08 -3.28
C GLY E 265 -2.79 12.79 -2.65
N ARG E 266 -2.86 12.80 -1.33
CA ARG E 266 -3.93 13.52 -0.64
C ARG E 266 -3.47 14.94 -0.30
N ALA E 267 -4.03 15.95 -0.97
CA ALA E 267 -3.58 17.34 -0.77
C ALA E 267 -4.06 17.90 0.58
N VAL E 268 -3.31 18.89 1.06
CA VAL E 268 -3.52 19.44 2.40
C VAL E 268 -3.37 20.95 2.43
N VAL E 269 -4.32 21.62 3.06
CA VAL E 269 -4.22 23.05 3.27
C VAL E 269 -4.15 23.35 4.77
N ILE E 270 -3.15 24.12 5.18
CA ILE E 270 -3.10 24.63 6.55
C ILE E 270 -3.94 25.91 6.61
N GLY E 271 -5.23 25.73 6.91
CA GLY E 271 -6.19 26.81 6.81
C GLY E 271 -6.01 27.96 7.79
N GLU E 272 -5.33 27.68 8.89
CA GLU E 272 -5.03 28.71 9.89
C GLU E 272 -3.68 28.45 10.48
N MET E 273 -2.90 29.52 10.62
CA MET E 273 -1.64 29.50 11.33
C MET E 273 -1.27 30.96 11.61
N GLY E 274 -0.12 31.19 12.23
CA GLY E 274 0.31 32.55 12.51
C GLY E 274 0.91 32.71 13.90
N SER E 275 1.41 33.90 14.18
CA SER E 275 1.96 34.20 15.49
C SER E 275 1.35 35.48 16.06
N ILE E 276 1.22 35.55 17.37
CA ILE E 276 0.74 36.78 17.98
C ILE E 276 1.89 37.76 18.18
N ASN E 277 1.54 38.99 18.55
CA ASN E 277 2.53 40.06 18.66
C ASN E 277 3.05 40.21 20.09
N LYS E 278 4.27 39.75 20.31
CA LYS E 278 4.93 39.92 21.61
C LYS E 278 6.06 40.93 21.50
N ASN E 279 5.84 41.99 20.72
CA ASN E 279 6.87 42.98 20.49
C ASN E 279 8.16 42.29 20.11
N ASN E 280 8.06 41.38 19.15
CA ASN E 280 9.15 40.51 18.78
C ASN E 280 9.21 40.34 17.28
N THR E 281 9.31 41.46 16.59
CA THR E 281 9.19 41.46 15.13
C THR E 281 10.26 40.58 14.46
N ALA E 282 11.52 40.74 14.85
CA ALA E 282 12.59 39.97 14.23
C ALA E 282 12.37 38.47 14.36
N ALA E 283 11.90 38.02 15.53
CA ALA E 283 11.64 36.60 15.72
C ALA E 283 10.47 36.15 14.86
N ARG E 284 9.43 36.99 14.79
CA ARG E 284 8.24 36.66 14.02
C ARG E 284 8.55 36.61 12.53
N VAL E 285 9.52 37.43 12.11
CA VAL E 285 9.97 37.46 10.73
C VAL E 285 10.71 36.18 10.41
N THR E 286 11.60 35.76 11.31
CA THR E 286 12.34 34.53 11.11
C THR E 286 11.38 33.35 11.04
N HIS E 287 10.45 33.30 11.98
CA HIS E 287 9.45 32.23 12.06
C HIS E 287 8.54 32.17 10.82
N ALA E 288 7.98 33.32 10.42
CA ALA E 288 7.05 33.35 9.31
C ALA E 288 7.69 32.88 8.02
N GLU E 289 8.91 33.35 7.75
CA GLU E 289 9.60 32.97 6.53
C GLU E 289 9.96 31.49 6.53
N TYR E 290 10.45 31.00 7.67
CA TYR E 290 10.82 29.59 7.76
C TYR E 290 9.58 28.70 7.69
N TYR E 291 8.50 29.10 8.35
CA TYR E 291 7.24 28.35 8.32
C TYR E 291 6.79 28.18 6.87
N ALA E 292 6.74 29.29 6.15
CA ALA E 292 6.29 29.29 4.76
C ALA E 292 7.11 28.33 3.90
N LYS E 293 8.44 28.44 3.97
CA LYS E 293 9.24 27.62 3.06
C LYS E 293 9.30 26.15 3.51
N SER E 294 9.25 25.91 4.81
CA SER E 294 9.21 24.55 5.34
C SER E 294 7.89 23.85 4.96
N ALA E 295 6.77 24.52 5.18
CA ALA E 295 5.46 24.00 4.78
C ALA E 295 5.38 23.73 3.28
N LYS E 296 5.83 24.70 2.49
CA LYS E 296 5.78 24.59 1.05
C LYS E 296 6.64 23.43 0.54
N ALA E 297 7.72 23.10 1.25
CA ALA E 297 8.55 21.96 0.87
C ALA E 297 7.88 20.60 1.12
N ARG E 298 6.79 20.61 1.90
CA ARG E 298 5.97 19.42 2.08
C ARG E 298 4.66 19.55 1.32
N GLY E 299 4.60 20.47 0.35
CA GLY E 299 3.46 20.60 -0.53
C GLY E 299 2.25 21.28 0.09
N LEU E 300 2.47 21.92 1.23
CA LEU E 300 1.38 22.52 1.97
C LEU E 300 1.23 24.00 1.63
N THR E 301 -0.03 24.46 1.59
CA THR E 301 -0.35 25.87 1.43
C THR E 301 -0.84 26.46 2.76
N PRO E 302 -0.06 27.39 3.33
CA PRO E 302 -0.41 27.97 4.63
C PRO E 302 -1.31 29.18 4.47
N ILE E 303 -2.22 29.37 5.40
CA ILE E 303 -3.10 30.51 5.37
C ILE E 303 -3.06 31.23 6.71
N TRP E 304 -2.62 32.49 6.68
CA TRP E 304 -2.48 33.29 7.89
C TRP E 304 -3.83 33.64 8.51
N TRP E 305 -3.92 33.47 9.84
CA TRP E 305 -5.14 33.86 10.56
C TRP E 305 -5.03 35.31 10.96
N ASP E 306 -5.83 36.15 10.32
CA ASP E 306 -5.82 37.57 10.62
C ASP E 306 -7.16 38.00 11.20
N ASN E 307 -7.16 38.33 12.49
CA ASN E 307 -8.40 38.69 13.15
C ASN E 307 -8.55 40.20 13.34
N GLY E 308 -7.63 40.96 12.74
CA GLY E 308 -7.70 42.41 12.78
C GLY E 308 -7.24 43.02 14.09
N TYR E 309 -6.59 42.21 14.92
CA TYR E 309 -6.15 42.68 16.24
C TYR E 309 -4.64 42.53 16.35
N SER E 310 -3.91 43.64 16.43
CA SER E 310 -2.46 43.58 16.29
C SER E 310 -1.66 44.24 17.42
N VAL E 311 -2.34 44.64 18.49
CA VAL E 311 -1.70 45.33 19.61
C VAL E 311 -0.57 44.53 20.27
N ALA E 312 0.63 45.08 20.29
CA ALA E 312 1.76 44.40 20.92
C ALA E 312 1.49 44.06 22.40
N GLY E 313 1.79 42.82 22.78
CA GLY E 313 1.77 42.43 24.18
C GLY E 313 0.47 41.83 24.66
N LYS E 314 -0.47 41.61 23.76
CA LYS E 314 -1.76 41.03 24.16
C LYS E 314 -1.98 39.69 23.49
N ALA E 315 -2.77 38.84 24.15
CA ALA E 315 -3.15 37.57 23.56
C ALA E 315 -3.95 37.77 22.26
N GLU E 316 -3.94 36.74 21.42
CA GLU E 316 -4.81 36.72 20.25
C GLU E 316 -4.52 37.86 19.28
N THR E 317 -3.31 38.40 19.32
CA THR E 317 -2.98 39.49 18.40
C THR E 317 -2.37 38.98 17.08
N PHE E 318 -3.17 38.24 16.32
CA PHE E 318 -2.72 37.67 15.04
C PHE E 318 -2.83 38.63 13.85
N GLY E 319 -3.51 39.75 14.02
CA GLY E 319 -3.76 40.66 12.93
C GLY E 319 -2.49 41.27 12.35
N ILE E 320 -2.37 41.25 11.02
CA ILE E 320 -1.20 41.85 10.37
C ILE E 320 -1.57 42.92 9.34
N PHE E 321 -2.85 42.93 8.94
CA PHE E 321 -3.32 43.88 7.93
C PHE E 321 -4.15 44.96 8.61
N ASN E 322 -3.95 46.21 8.21
CA ASN E 322 -4.73 47.30 8.78
C ASN E 322 -5.90 47.63 7.88
N ARG E 323 -7.08 47.21 8.30
CA ARG E 323 -8.25 47.30 7.45
C ARG E 323 -8.79 48.73 7.37
N SER E 324 -8.52 49.52 8.40
CA SER E 324 -8.96 50.91 8.43
C SER E 324 -8.24 51.79 7.40
N ASN E 325 -6.93 51.60 7.25
CA ASN E 325 -6.23 52.46 6.30
C ASN E 325 -5.50 51.72 5.17
N LEU E 326 -5.71 50.41 5.08
CA LEU E 326 -5.24 49.64 3.94
C LEU E 326 -3.72 49.51 3.89
N THR E 327 -3.06 49.63 5.04
CA THR E 327 -1.62 49.37 5.12
C THR E 327 -1.43 48.09 5.94
N TRP E 328 -0.20 47.59 6.04
CA TRP E 328 0.09 46.43 6.88
C TRP E 328 0.56 46.84 8.27
N ASP E 329 -0.11 46.34 9.30
CA ASP E 329 0.32 46.61 10.67
C ASP E 329 1.64 45.93 10.98
N ALA E 330 1.88 44.81 10.30
CA ALA E 330 3.12 44.07 10.44
C ALA E 330 3.72 43.81 9.07
N PRO E 331 4.22 44.88 8.42
CA PRO E 331 4.71 44.81 7.04
C PRO E 331 5.79 43.76 6.88
N GLU E 332 6.70 43.72 7.84
CA GLU E 332 7.87 42.86 7.75
C GLU E 332 7.50 41.40 7.92
N VAL E 333 6.58 41.13 8.84
CA VAL E 333 6.14 39.76 9.05
C VAL E 333 5.43 39.28 7.79
N MET E 334 4.52 40.10 7.27
CA MET E 334 3.81 39.77 6.04
C MET E 334 4.79 39.53 4.90
N LYS E 335 5.77 40.43 4.72
CA LYS E 335 6.67 40.29 3.57
C LYS E 335 7.54 39.04 3.69
N ALA E 336 7.94 38.71 4.91
CA ALA E 336 8.76 37.53 5.15
C ALA E 336 7.99 36.24 4.83
N PHE E 337 6.73 36.21 5.27
CA PHE E 337 5.84 35.08 5.04
C PHE E 337 5.71 34.85 3.54
N ILE E 338 5.37 35.91 2.81
CA ILE E 338 5.23 35.82 1.37
C ILE E 338 6.56 35.44 0.73
N LYS E 339 7.66 36.02 1.19
CA LYS E 339 8.95 35.74 0.58
C LYS E 339 9.29 34.24 0.70
N GLY E 340 8.92 33.63 1.82
CA GLY E 340 9.25 32.24 2.06
C GLY E 340 8.47 31.31 1.15
N ILE E 341 7.31 31.78 0.71
CA ILE E 341 6.48 30.99 -0.18
C ILE E 341 7.11 30.84 -1.55
N GLY E 342 7.86 31.85 -1.97
CA GLY E 342 8.47 31.81 -3.29
C GLY E 342 7.47 31.90 -4.44
N GLY E 343 7.90 31.47 -5.63
CA GLY E 343 7.05 31.65 -6.79
C GLY E 343 7.60 30.97 -8.03
N SER E 344 6.86 31.10 -9.12
CA SER E 344 7.24 30.45 -10.37
C SER E 344 7.87 31.45 -11.33
N SER E 345 7.95 32.72 -10.90
CA SER E 345 8.70 33.73 -11.65
C SER E 345 9.25 34.81 -10.71
N SER F 1 29.19 11.44 -3.93
CA SER F 1 27.85 11.68 -3.41
C SER F 1 26.82 10.76 -4.04
N ALA F 2 25.87 10.29 -3.23
CA ALA F 2 24.83 9.41 -3.74
C ALA F 2 23.67 10.18 -4.42
N VAL F 3 23.70 11.50 -4.34
CA VAL F 3 22.72 12.32 -5.06
C VAL F 3 23.36 13.03 -6.27
N GLU F 4 22.81 12.82 -7.46
CA GLU F 4 23.30 13.46 -8.68
C GLU F 4 22.30 14.47 -9.22
N VAL F 5 22.82 15.57 -9.73
CA VAL F 5 22.02 16.56 -10.43
C VAL F 5 22.45 16.65 -11.89
N THR F 6 21.48 16.56 -12.80
CA THR F 6 21.73 16.78 -14.20
C THR F 6 21.05 18.09 -14.58
N TYR F 7 21.86 19.06 -14.99
CA TYR F 7 21.40 20.39 -15.41
C TYR F 7 21.65 20.49 -16.91
N ALA F 8 20.59 20.41 -17.70
CA ALA F 8 20.73 20.29 -19.15
C ALA F 8 19.91 21.33 -19.90
N ILE F 9 20.42 21.73 -21.06
CA ILE F 9 19.77 22.76 -21.86
C ILE F 9 18.90 22.14 -22.94
N THR F 10 17.62 22.45 -22.88
CA THR F 10 16.63 21.83 -23.75
C THR F 10 16.59 22.56 -25.07
N ASN F 11 16.80 23.87 -25.00
CA ASN F 11 16.61 24.73 -26.14
C ASN F 11 17.14 26.11 -25.75
N SER F 12 17.70 26.84 -26.70
CA SER F 12 18.15 28.21 -26.43
C SER F 12 17.80 29.11 -27.61
N TRP F 13 17.72 30.41 -27.36
CA TRP F 13 17.35 31.37 -28.40
C TRP F 13 18.12 32.70 -28.31
N GLY F 14 19.42 32.60 -28.04
CA GLY F 14 20.29 33.76 -28.10
C GLY F 14 20.26 34.63 -26.86
N SER F 15 19.07 35.07 -26.48
CA SER F 15 18.87 35.91 -25.31
C SER F 15 18.29 35.13 -24.12
N GLY F 16 18.03 33.85 -24.32
CA GLY F 16 17.46 33.03 -23.27
C GLY F 16 17.56 31.55 -23.56
N ALA F 17 17.17 30.73 -22.59
CA ALA F 17 17.25 29.28 -22.77
C ALA F 17 16.21 28.57 -21.90
N SER F 18 15.94 27.32 -22.26
CA SER F 18 15.06 26.48 -21.47
C SER F 18 15.91 25.39 -20.85
N VAL F 19 15.72 25.15 -19.56
CA VAL F 19 16.56 24.22 -18.83
C VAL F 19 15.71 23.07 -18.28
N ASN F 20 16.27 21.86 -18.32
CA ASN F 20 15.66 20.76 -17.60
C ASN F 20 16.61 20.24 -16.51
N VAL F 21 16.07 20.10 -15.30
CA VAL F 21 16.86 19.58 -14.21
C VAL F 21 16.30 18.24 -13.73
N THR F 22 17.18 17.23 -13.67
CA THR F 22 16.80 15.92 -13.10
C THR F 22 17.64 15.65 -11.86
N ILE F 23 16.97 15.39 -10.74
CA ILE F 23 17.67 15.00 -9.52
C ILE F 23 17.53 13.49 -9.36
N LYS F 24 18.65 12.82 -9.14
CA LYS F 24 18.65 11.37 -9.03
C LYS F 24 19.19 10.94 -7.68
N ASN F 25 18.43 10.12 -6.97
CA ASN F 25 18.80 9.67 -5.63
C ASN F 25 19.29 8.23 -5.68
N ASN F 26 20.60 8.07 -5.62
CA ASN F 26 21.21 6.75 -5.61
C ASN F 26 21.44 6.22 -4.22
N GLY F 27 20.87 6.87 -3.21
CA GLY F 27 21.07 6.44 -1.84
C GLY F 27 20.05 5.41 -1.38
N THR F 28 20.05 5.10 -0.09
CA THR F 28 19.13 4.08 0.43
C THR F 28 17.86 4.71 1.02
N THR F 29 17.90 6.00 1.28
CA THR F 29 16.78 6.67 1.95
C THR F 29 16.06 7.58 0.97
N PRO F 30 14.74 7.44 0.85
CA PRO F 30 13.98 8.39 0.04
C PRO F 30 14.18 9.82 0.52
N ILE F 31 14.19 10.75 -0.41
CA ILE F 31 14.23 12.17 -0.06
C ILE F 31 12.81 12.67 -0.01
N ASN F 32 12.30 12.91 1.21
CA ASN F 32 10.89 13.26 1.39
C ASN F 32 10.66 14.76 1.41
N GLY F 33 10.34 15.33 0.25
CA GLY F 33 10.13 16.76 0.11
C GLY F 33 11.46 17.40 -0.27
N TRP F 34 11.86 17.21 -1.53
CA TRP F 34 13.17 17.68 -1.95
C TRP F 34 13.21 19.21 -2.07
N THR F 35 14.39 19.76 -1.78
CA THR F 35 14.70 21.16 -2.09
C THR F 35 16.08 21.21 -2.72
N LEU F 36 16.28 22.09 -3.69
CA LEU F 36 17.54 22.13 -4.42
C LEU F 36 18.10 23.56 -4.46
N LYS F 37 19.37 23.70 -4.09
CA LYS F 37 19.96 25.02 -3.96
C LYS F 37 21.22 25.07 -4.80
N TRP F 38 21.45 26.22 -5.42
CA TRP F 38 22.69 26.48 -6.15
C TRP F 38 23.01 27.98 -6.18
N THR F 39 24.22 28.30 -6.65
CA THR F 39 24.62 29.69 -6.84
C THR F 39 24.38 30.11 -8.29
N MET F 40 23.51 31.10 -8.49
CA MET F 40 23.10 31.53 -9.82
C MET F 40 24.19 32.34 -10.49
N PRO F 41 24.60 31.93 -11.69
CA PRO F 41 25.59 32.74 -12.41
C PRO F 41 25.10 34.18 -12.54
N ILE F 42 26.02 35.11 -12.69
CA ILE F 42 25.64 36.46 -13.08
C ILE F 42 25.07 36.45 -14.50
N ASN F 43 24.24 37.45 -14.80
CA ASN F 43 23.73 37.65 -16.15
C ASN F 43 22.56 36.73 -16.50
N GLN F 44 22.10 35.95 -15.53
CA GLN F 44 20.98 35.04 -15.75
C GLN F 44 19.82 35.31 -14.80
N THR F 45 18.61 35.16 -15.31
CA THR F 45 17.42 35.37 -14.52
C THR F 45 16.40 34.33 -14.94
N ILE F 46 15.79 33.66 -13.96
CA ILE F 46 14.71 32.73 -14.24
C ILE F 46 13.44 33.50 -14.51
N THR F 47 12.80 33.25 -15.64
CA THR F 47 11.62 34.00 -16.03
C THR F 47 10.34 33.25 -15.66
N ASN F 48 10.36 31.94 -15.77
CA ASN F 48 9.29 31.13 -15.21
C ASN F 48 9.72 29.68 -15.03
N MET F 49 9.05 28.99 -14.10
CA MET F 49 9.44 27.65 -13.69
C MET F 49 8.20 26.75 -13.63
N TRP F 50 8.36 25.48 -13.95
CA TRP F 50 7.27 24.53 -13.86
C TRP F 50 7.68 23.27 -13.10
N SER F 51 6.73 22.68 -12.37
CA SER F 51 6.96 21.46 -11.58
C SER F 51 7.79 21.73 -10.32
N ALA F 52 7.90 23.00 -9.97
CA ALA F 52 8.72 23.44 -8.86
C ALA F 52 8.54 24.94 -8.72
N SER F 53 8.99 25.50 -7.61
CA SER F 53 8.92 26.93 -7.41
C SER F 53 10.27 27.33 -6.85
N PHE F 54 10.58 28.63 -6.85
CA PHE F 54 11.90 29.04 -6.41
C PHE F 54 11.91 30.35 -5.65
N VAL F 55 12.98 30.54 -4.88
CA VAL F 55 13.26 31.80 -4.23
C VAL F 55 14.67 32.24 -4.63
N ALA F 56 14.77 33.45 -5.19
CA ALA F 56 16.06 34.01 -5.55
C ALA F 56 16.50 34.92 -4.42
N SER F 57 17.68 34.67 -3.88
CA SER F 57 18.16 35.45 -2.74
C SER F 57 19.66 35.73 -2.81
N GLY F 58 20.00 36.90 -3.35
CA GLY F 58 21.40 37.23 -3.62
C GLY F 58 21.82 36.41 -4.82
N THR F 59 22.98 35.76 -4.73
CA THR F 59 23.40 34.81 -5.76
C THR F 59 22.90 33.40 -5.47
N THR F 60 22.08 33.22 -4.44
CA THR F 60 21.56 31.90 -4.12
C THR F 60 20.19 31.68 -4.75
N LEU F 61 20.02 30.50 -5.34
CA LEU F 61 18.75 30.13 -5.96
C LEU F 61 18.25 28.87 -5.24
N SER F 62 17.07 28.95 -4.63
CA SER F 62 16.53 27.81 -3.88
C SER F 62 15.26 27.31 -4.54
N VAL F 63 15.28 26.05 -4.96
CA VAL F 63 14.16 25.48 -5.67
C VAL F 63 13.43 24.46 -4.78
N THR F 64 12.11 24.47 -4.82
CA THR F 64 11.32 23.58 -3.97
C THR F 64 10.37 22.75 -4.83
N ASN F 65 10.19 21.48 -4.47
CA ASN F 65 9.30 20.58 -5.19
C ASN F 65 7.89 21.13 -5.23
N ALA F 66 7.06 20.57 -6.10
CA ALA F 66 5.67 20.99 -6.24
C ALA F 66 4.69 20.07 -5.53
N GLY F 67 5.15 19.34 -4.52
CA GLY F 67 4.25 18.49 -3.77
C GLY F 67 4.01 17.11 -4.36
N TYR F 68 3.37 17.04 -5.53
CA TYR F 68 3.11 15.76 -6.17
C TYR F 68 4.42 15.06 -6.58
N ASN F 69 5.49 15.82 -6.74
CA ASN F 69 6.80 15.26 -7.08
C ASN F 69 7.83 15.40 -5.96
N GLY F 70 7.35 15.50 -4.72
CA GLY F 70 8.18 15.81 -3.57
C GLY F 70 9.11 14.73 -3.08
N THR F 71 8.80 13.46 -3.36
CA THR F 71 9.64 12.35 -2.89
C THR F 71 10.56 11.82 -3.97
N ILE F 72 11.86 11.87 -3.73
CA ILE F 72 12.78 11.22 -4.66
C ILE F 72 13.10 9.84 -4.11
N ALA F 73 12.60 8.80 -4.79
CA ALA F 73 12.77 7.42 -4.29
C ALA F 73 14.24 7.03 -4.25
N ALA F 74 14.56 6.16 -3.30
CA ALA F 74 15.90 5.66 -3.15
C ALA F 74 16.30 4.73 -4.31
N ASN F 75 17.58 4.36 -4.35
CA ASN F 75 18.09 3.38 -5.30
C ASN F 75 17.78 3.72 -6.78
N GLY F 76 18.01 4.96 -7.18
CA GLY F 76 17.85 5.33 -8.57
C GLY F 76 16.66 6.19 -8.93
N GLY F 77 15.82 6.52 -7.95
CA GLY F 77 14.66 7.34 -8.22
C GLY F 77 15.04 8.73 -8.71
N THR F 78 14.17 9.33 -9.52
CA THR F 78 14.40 10.69 -10.00
C THR F 78 13.17 11.56 -9.82
N GLN F 79 13.40 12.86 -9.82
CA GLN F 79 12.33 13.83 -10.03
C GLN F 79 12.93 14.92 -10.91
N SER F 80 12.08 15.56 -11.73
CA SER F 80 12.54 16.57 -12.68
C SER F 80 11.69 17.84 -12.68
N PHE F 81 12.31 18.96 -12.98
CA PHE F 81 11.57 20.19 -13.20
C PHE F 81 12.31 20.97 -14.29
N GLY F 82 11.72 22.07 -14.74
CA GLY F 82 12.35 22.86 -15.77
C GLY F 82 12.02 24.31 -15.59
N PHE F 83 12.71 25.17 -16.33
CA PHE F 83 12.45 26.60 -16.27
C PHE F 83 13.09 27.33 -17.44
N ASN F 84 12.65 28.55 -17.70
CA ASN F 84 13.24 29.39 -18.72
C ASN F 84 14.11 30.47 -18.08
N ILE F 85 15.24 30.76 -18.69
CA ILE F 85 16.08 31.86 -18.25
C ILE F 85 16.25 32.91 -19.34
N ASN F 86 16.45 34.16 -18.91
CA ASN F 86 17.03 35.19 -19.77
C ASN F 86 18.47 35.34 -19.32
N TYR F 87 19.37 35.52 -20.29
CA TYR F 87 20.79 35.65 -19.99
C TYR F 87 21.47 36.60 -20.94
N SER F 88 22.67 37.01 -20.56
CA SER F 88 23.51 37.84 -21.42
C SER F 88 24.94 37.37 -21.22
N GLY F 89 25.81 37.68 -22.18
CA GLY F 89 27.15 37.13 -22.16
C GLY F 89 27.12 35.64 -22.41
N VAL F 90 28.02 34.91 -21.76
CA VAL F 90 28.11 33.47 -21.95
C VAL F 90 27.12 32.70 -21.09
N LEU F 91 26.49 31.68 -21.66
CA LEU F 91 25.53 30.87 -20.93
C LEU F 91 26.20 29.84 -20.02
N SER F 92 26.43 30.21 -18.77
CA SER F 92 27.09 29.33 -17.79
C SER F 92 26.13 28.41 -17.05
N LYS F 93 26.63 27.28 -16.60
CA LYS F 93 25.85 26.41 -15.73
C LYS F 93 26.27 26.64 -14.29
N PRO F 94 25.32 26.52 -13.36
CA PRO F 94 25.68 26.63 -11.94
C PRO F 94 26.75 25.60 -11.62
N THR F 95 27.56 25.84 -10.60
CA THR F 95 28.74 25.03 -10.36
C THR F 95 28.49 23.97 -9.29
N GLY F 96 27.74 24.37 -8.27
CA GLY F 96 27.44 23.52 -7.14
C GLY F 96 25.95 23.26 -7.08
N PHE F 97 25.56 22.21 -6.39
CA PHE F 97 24.16 21.91 -6.15
C PHE F 97 24.10 21.21 -4.80
N THR F 98 23.12 21.58 -3.99
CA THR F 98 22.87 20.92 -2.71
CA THR F 98 22.88 20.84 -2.75
C THR F 98 21.41 20.50 -2.65
N VAL F 99 21.13 19.28 -2.22
CA VAL F 99 19.75 18.82 -2.10
C VAL F 99 19.52 18.46 -0.64
N ASN F 100 18.57 19.13 -0.02
CA ASN F 100 18.32 18.94 1.40
C ASN F 100 19.64 18.86 2.18
N GLY F 101 20.54 19.80 1.89
CA GLY F 101 21.78 19.91 2.64
C GLY F 101 22.93 19.05 2.15
N THR F 102 22.62 18.10 1.27
CA THR F 102 23.64 17.18 0.77
C THR F 102 24.27 17.68 -0.53
N GLU F 103 25.61 17.74 -0.58
CA GLU F 103 26.33 18.15 -1.79
C GLU F 103 26.20 17.09 -2.86
N CYS F 104 25.74 17.50 -4.03
CA CYS F 104 25.47 16.57 -5.13
C CYS F 104 26.66 16.39 -6.06
N THR F 105 26.63 15.32 -6.84
CA THR F 105 27.53 15.17 -7.99
C THR F 105 26.90 15.82 -9.22
N VAL F 106 27.72 16.38 -10.11
CA VAL F 106 27.20 16.96 -11.33
C VAL F 106 27.46 16.07 -12.54
N LYS F 107 26.38 15.49 -13.09
CA LYS F 107 26.47 14.67 -14.29
C LYS F 107 26.26 15.50 -15.54
N SER G 1 37.62 -13.16 -13.95
CA SER G 1 36.51 -14.01 -13.56
C SER G 1 35.50 -13.26 -12.69
N THR G 2 34.22 -13.64 -12.79
CA THR G 2 33.21 -13.07 -11.91
C THR G 2 32.97 -13.96 -10.71
N ALA G 3 33.79 -15.00 -10.56
CA ALA G 3 33.59 -15.97 -9.49
C ALA G 3 33.66 -15.31 -8.11
N PHE G 4 34.64 -14.44 -7.91
CA PHE G 4 34.93 -13.96 -6.56
C PHE G 4 34.86 -12.44 -6.42
N THR G 5 33.76 -11.85 -6.88
CA THR G 5 33.63 -10.39 -6.91
C THR G 5 33.05 -9.78 -5.63
N GLY G 6 32.77 -10.60 -4.63
CA GLY G 6 32.13 -10.09 -3.42
C GLY G 6 30.63 -9.90 -3.60
N VAL G 7 29.94 -9.40 -2.59
CA VAL G 7 28.49 -9.27 -2.65
C VAL G 7 28.02 -7.84 -2.42
N ARG G 8 27.34 -7.28 -3.42
CA ARG G 8 26.81 -5.92 -3.34
C ARG G 8 25.52 -5.85 -2.50
N ASP G 9 25.11 -4.63 -2.17
CA ASP G 9 23.84 -4.43 -1.46
C ASP G 9 22.80 -3.73 -2.33
N VAL G 10 22.95 -3.80 -3.64
CA VAL G 10 22.00 -3.15 -4.55
C VAL G 10 20.64 -3.88 -4.61
N PRO G 11 19.61 -3.18 -5.11
CA PRO G 11 18.29 -3.82 -5.29
C PRO G 11 18.41 -4.99 -6.24
N ALA G 12 17.61 -6.01 -6.00
CA ALA G 12 17.66 -7.21 -6.81
C ALA G 12 17.33 -6.89 -8.28
N GLN G 13 16.51 -5.87 -8.51
CA GLN G 13 16.19 -5.48 -9.88
C GLN G 13 17.46 -5.16 -10.70
N GLN G 14 18.44 -4.53 -10.05
CA GLN G 14 19.70 -4.22 -10.73
C GLN G 14 20.46 -5.48 -11.09
N ILE G 15 20.43 -6.47 -10.20
CA ILE G 15 21.07 -7.75 -10.47
C ILE G 15 20.36 -8.42 -11.65
N VAL G 16 19.03 -8.36 -11.68
CA VAL G 16 18.29 -8.98 -12.78
C VAL G 16 18.60 -8.29 -14.10
N ASN G 17 18.66 -6.96 -14.08
CA ASN G 17 19.07 -6.21 -15.26
C ASN G 17 20.46 -6.61 -15.79
N GLU G 18 21.43 -6.78 -14.90
CA GLU G 18 22.77 -7.19 -15.30
C GLU G 18 22.83 -8.64 -15.79
N MET G 19 22.02 -9.50 -15.17
CA MET G 19 21.83 -10.86 -15.65
C MET G 19 21.42 -10.84 -17.12
N LYS G 20 20.53 -9.91 -17.44
CA LYS G 20 20.21 -9.51 -18.83
C LYS G 20 19.43 -10.53 -19.65
N VAL G 21 20.05 -11.65 -19.96
CA VAL G 21 19.41 -12.70 -20.74
C VAL G 21 20.23 -13.97 -20.55
N GLY G 22 19.57 -15.11 -20.48
CA GLY G 22 20.28 -16.31 -20.14
C GLY G 22 19.99 -17.51 -21.01
N TRP G 23 20.78 -18.56 -20.78
CA TRP G 23 20.69 -19.81 -21.50
C TRP G 23 20.78 -20.92 -20.47
N ASN G 24 19.91 -21.93 -20.59
CA ASN G 24 19.91 -23.08 -19.68
C ASN G 24 20.78 -24.20 -20.23
N LEU G 25 21.63 -24.77 -19.38
CA LEU G 25 22.29 -26.03 -19.70
C LEU G 25 21.31 -27.16 -19.37
N GLY G 26 20.27 -27.30 -20.19
CA GLY G 26 19.20 -28.26 -19.91
C GLY G 26 19.50 -29.71 -20.24
N ASN G 27 18.80 -30.61 -19.54
CA ASN G 27 18.98 -32.06 -19.68
C ASN G 27 20.43 -32.48 -19.54
N THR G 28 21.11 -31.94 -18.53
CA THR G 28 22.53 -32.18 -18.34
C THR G 28 22.79 -32.57 -16.88
N MET G 29 23.19 -31.62 -16.02
CA MET G 29 23.34 -31.92 -14.60
C MET G 29 21.99 -32.18 -13.96
N ASP G 30 20.91 -31.79 -14.64
CA ASP G 30 19.56 -32.08 -14.19
C ASP G 30 19.08 -33.46 -14.64
N ALA G 31 19.77 -34.07 -15.60
CA ALA G 31 19.33 -35.36 -16.12
C ALA G 31 19.39 -36.46 -15.04
N ILE G 32 18.33 -37.25 -14.93
CA ILE G 32 18.31 -38.35 -13.97
C ILE G 32 19.41 -39.34 -14.33
N GLY G 33 20.32 -39.59 -13.40
CA GLY G 33 21.36 -40.58 -13.61
C GLY G 33 22.70 -40.11 -14.16
N GLY G 34 22.88 -38.79 -14.32
CA GLY G 34 24.16 -38.29 -14.76
C GLY G 34 24.14 -37.35 -15.94
N GLU G 35 25.20 -36.55 -16.03
CA GLU G 35 25.35 -35.48 -17.00
C GLU G 35 25.06 -35.86 -18.47
N THR G 36 25.53 -37.03 -18.88
CA THR G 36 25.39 -37.44 -20.27
C THR G 36 24.20 -38.38 -20.48
N ASN G 37 23.48 -38.66 -19.41
CA ASN G 37 22.46 -39.70 -19.44
C ASN G 37 21.25 -39.39 -20.32
N TRP G 38 21.04 -38.11 -20.63
CA TRP G 38 19.93 -37.77 -21.53
C TRP G 38 20.43 -37.27 -22.89
N GLY G 39 21.55 -37.82 -23.35
CA GLY G 39 21.99 -37.60 -24.71
C GLY G 39 22.89 -36.41 -24.96
N ASN G 40 23.12 -35.61 -23.92
CA ASN G 40 24.05 -34.50 -24.08
C ASN G 40 25.47 -34.94 -23.79
N PRO G 41 26.44 -34.33 -24.48
CA PRO G 41 27.85 -34.62 -24.26
C PRO G 41 28.27 -33.96 -22.97
N MET G 42 29.47 -34.29 -22.51
CA MET G 42 29.97 -33.64 -21.31
C MET G 42 30.27 -32.18 -21.60
N THR G 43 29.82 -31.33 -20.68
CA THR G 43 29.93 -29.90 -20.87
C THR G 43 31.39 -29.45 -20.86
N THR G 44 31.74 -28.55 -21.79
CA THR G 44 33.10 -28.03 -21.84
C THR G 44 33.14 -26.52 -21.72
N HIS G 45 34.31 -26.02 -21.36
CA HIS G 45 34.56 -24.60 -21.27
C HIS G 45 34.31 -23.93 -22.62
N ALA G 46 34.67 -24.64 -23.68
CA ALA G 46 34.49 -24.12 -25.04
C ALA G 46 33.00 -23.92 -25.38
N MET G 47 32.15 -24.85 -24.96
CA MET G 47 30.71 -24.68 -25.12
C MET G 47 30.21 -23.39 -24.48
N ILE G 48 30.56 -23.18 -23.21
CA ILE G 48 30.11 -22.00 -22.49
C ILE G 48 30.67 -20.69 -23.10
N ASN G 49 31.88 -20.76 -23.66
CA ASN G 49 32.45 -19.61 -24.38
C ASN G 49 31.52 -19.15 -25.50
N LYS G 50 30.97 -20.11 -26.24
CA LYS G 50 30.05 -19.80 -27.33
C LYS G 50 28.77 -19.14 -26.81
N ILE G 51 28.29 -19.59 -25.66
CA ILE G 51 27.10 -19.03 -25.06
C ILE G 51 27.32 -17.54 -24.76
N LYS G 52 28.43 -17.20 -24.11
CA LYS G 52 28.75 -15.82 -23.83
C LYS G 52 28.93 -15.01 -25.11
N GLU G 53 29.62 -15.59 -26.09
CA GLU G 53 29.93 -14.89 -27.32
C GLU G 53 28.66 -14.53 -28.11
N ALA G 54 27.62 -15.35 -27.99
CA ALA G 54 26.37 -15.07 -28.67
C ALA G 54 25.60 -13.91 -28.00
N GLY G 55 26.02 -13.50 -26.81
CA GLY G 55 25.39 -12.39 -26.10
C GLY G 55 24.61 -12.72 -24.84
N PHE G 56 24.63 -13.98 -24.40
CA PHE G 56 23.99 -14.37 -23.16
C PHE G 56 24.89 -14.02 -21.98
N ASN G 57 24.33 -13.40 -20.94
CA ASN G 57 25.15 -13.06 -19.79
C ASN G 57 24.86 -13.91 -18.56
N THR G 58 23.92 -14.84 -18.67
CA THR G 58 23.57 -15.69 -17.55
C THR G 58 23.50 -17.15 -17.95
N LEU G 59 24.18 -18.01 -17.20
CA LEU G 59 24.04 -19.46 -17.38
C LEU G 59 23.21 -19.99 -16.23
N ARG G 60 22.04 -20.53 -16.54
CA ARG G 60 21.31 -21.30 -15.54
C ARG G 60 21.78 -22.73 -15.62
N LEU G 61 22.18 -23.24 -14.46
CA LEU G 61 22.81 -24.54 -14.32
C LEU G 61 21.87 -25.43 -13.52
N PRO G 62 20.84 -25.99 -14.16
CA PRO G 62 19.94 -26.84 -13.38
C PRO G 62 20.68 -28.09 -12.90
N VAL G 63 20.43 -28.51 -11.65
CA VAL G 63 21.10 -29.69 -11.09
C VAL G 63 20.09 -30.55 -10.34
N THR G 64 20.04 -31.83 -10.67
CA THR G 64 19.22 -32.77 -9.94
C THR G 64 20.14 -33.49 -8.97
N TRP G 65 19.86 -33.34 -7.68
CA TRP G 65 20.73 -33.87 -6.65
C TRP G 65 20.29 -35.26 -6.21
N ASP G 66 19.00 -35.55 -6.38
CA ASP G 66 18.49 -36.88 -6.10
C ASP G 66 19.27 -37.88 -6.95
N GLY G 67 19.79 -38.93 -6.32
CA GLY G 67 20.63 -39.89 -7.01
C GLY G 67 22.11 -39.67 -6.77
N HIS G 68 22.47 -38.55 -6.19
CA HIS G 68 23.88 -38.28 -5.88
C HIS G 68 24.03 -38.00 -4.40
N MET G 69 23.06 -38.42 -3.60
CA MET G 69 23.15 -38.17 -2.17
C MET G 69 22.75 -39.39 -1.35
N GLY G 70 23.30 -39.48 -0.14
CA GLY G 70 23.07 -40.60 0.75
C GLY G 70 21.72 -40.53 1.42
N ALA G 71 21.52 -41.38 2.42
CA ALA G 71 20.24 -41.42 3.11
C ALA G 71 20.24 -40.52 4.35
N ALA G 72 19.05 -40.32 4.93
CA ALA G 72 18.92 -39.59 6.18
C ALA G 72 19.85 -40.23 7.20
N PRO G 73 20.35 -39.45 8.18
CA PRO G 73 20.03 -38.04 8.45
C PRO G 73 20.90 -37.05 7.69
N GLU G 74 22.05 -37.46 7.20
CA GLU G 74 22.99 -36.52 6.60
C GLU G 74 22.73 -36.19 5.13
N TYR G 75 22.07 -37.07 4.40
CA TYR G 75 21.91 -36.93 2.95
C TYR G 75 23.17 -36.40 2.29
N THR G 76 24.30 -37.05 2.55
CA THR G 76 25.57 -36.55 2.07
C THR G 76 25.64 -36.61 0.54
N ILE G 77 25.97 -35.49 -0.07
CA ILE G 77 26.05 -35.38 -1.52
C ILE G 77 27.42 -35.86 -2.00
N ASP G 78 27.45 -36.70 -3.04
CA ASP G 78 28.74 -37.12 -3.62
C ASP G 78 29.62 -35.92 -3.90
N GLN G 79 30.83 -35.93 -3.37
CA GLN G 79 31.73 -34.79 -3.49
C GLN G 79 32.19 -34.59 -4.93
N THR G 80 32.34 -35.68 -5.66
CA THR G 80 32.71 -35.62 -7.06
C THR G 80 31.63 -34.87 -7.87
N TRP G 81 30.37 -35.16 -7.55
CA TRP G 81 29.25 -34.51 -8.21
C TRP G 81 29.28 -33.02 -7.89
N MET G 82 29.38 -32.70 -6.61
CA MET G 82 29.45 -31.31 -6.19
C MET G 82 30.56 -30.56 -6.92
N LYS G 83 31.74 -31.16 -7.01
CA LYS G 83 32.86 -30.48 -7.64
C LYS G 83 32.62 -30.28 -9.14
N ARG G 84 31.89 -31.21 -9.75
CA ARG G 84 31.57 -31.11 -11.18
C ARG G 84 30.65 -29.91 -11.40
N VAL G 85 29.60 -29.79 -10.60
CA VAL G 85 28.77 -28.61 -10.66
C VAL G 85 29.64 -27.36 -10.54
N GLU G 86 30.53 -27.32 -9.55
CA GLU G 86 31.33 -26.12 -9.34
C GLU G 86 32.20 -25.83 -10.55
N GLU G 87 32.72 -26.90 -11.13
CA GLU G 87 33.57 -26.75 -12.31
C GLU G 87 32.85 -26.08 -13.49
N ILE G 88 31.65 -26.56 -13.79
CA ILE G 88 30.85 -25.98 -14.88
C ILE G 88 30.53 -24.52 -14.56
N ALA G 89 30.21 -24.24 -13.30
CA ALA G 89 29.93 -22.87 -12.88
C ALA G 89 31.11 -21.97 -13.26
N ASN G 90 32.31 -22.47 -13.00
CA ASN G 90 33.50 -21.68 -13.31
C ASN G 90 33.79 -21.51 -14.81
N TYR G 91 33.26 -22.39 -15.66
CA TYR G 91 33.33 -22.12 -17.10
C TYR G 91 32.66 -20.77 -17.37
N ALA G 92 31.54 -20.53 -16.69
CA ALA G 92 30.76 -19.32 -16.90
C ALA G 92 31.36 -18.11 -16.17
N PHE G 93 31.87 -18.32 -14.97
CA PHE G 93 32.51 -17.23 -14.24
C PHE G 93 33.72 -16.73 -15.03
N ASP G 94 34.41 -17.65 -15.71
CA ASP G 94 35.56 -17.29 -16.55
C ASP G 94 35.14 -16.36 -17.69
N ASN G 95 33.85 -16.41 -18.04
CA ASN G 95 33.31 -15.58 -19.10
C ASN G 95 32.59 -14.33 -18.54
N ASP G 96 32.81 -14.08 -17.25
CA ASP G 96 32.18 -12.98 -16.54
C ASP G 96 30.65 -13.01 -16.56
N MET G 97 30.09 -14.19 -16.43
CA MET G 97 28.63 -14.35 -16.44
C MET G 97 28.05 -14.48 -15.03
N TYR G 98 26.73 -14.41 -14.94
CA TYR G 98 26.00 -14.83 -13.76
C TYR G 98 25.76 -16.34 -13.88
N VAL G 99 25.69 -17.03 -12.75
CA VAL G 99 25.33 -18.45 -12.73
C VAL G 99 24.21 -18.67 -11.73
N ILE G 100 23.20 -19.43 -12.13
CA ILE G 100 22.15 -19.86 -11.23
C ILE G 100 22.26 -21.37 -11.06
N ILE G 101 22.33 -21.82 -9.81
CA ILE G 101 22.35 -23.24 -9.49
C ILE G 101 21.10 -23.56 -8.66
N ASN G 102 20.33 -24.58 -9.06
CA ASN G 102 19.12 -24.92 -8.30
C ASN G 102 19.13 -26.33 -7.75
N LEU G 103 17.97 -26.78 -7.24
CA LEU G 103 17.66 -28.20 -7.10
C LEU G 103 16.60 -28.40 -8.15
N HIS G 104 16.68 -29.48 -8.93
CA HIS G 104 15.82 -29.59 -10.11
C HIS G 104 14.77 -30.68 -10.01
N HIS G 105 15.05 -31.86 -10.57
CA HIS G 105 14.05 -32.94 -10.55
C HIS G 105 14.08 -33.65 -9.21
N GLU G 106 13.60 -32.99 -8.18
CA GLU G 106 13.69 -33.54 -6.84
C GLU G 106 12.35 -34.11 -6.38
N ASN G 107 11.44 -34.32 -7.32
CA ASN G 107 10.05 -34.64 -7.00
C ASN G 107 9.81 -35.98 -6.28
N GLU G 108 10.77 -36.89 -6.36
CA GLU G 108 10.62 -38.16 -5.64
C GLU G 108 10.64 -37.93 -4.15
N TRP G 109 11.26 -36.85 -3.69
CA TRP G 109 11.35 -36.60 -2.26
C TRP G 109 10.76 -35.26 -1.82
N LEU G 110 10.75 -34.29 -2.73
CA LEU G 110 10.25 -32.96 -2.40
C LEU G 110 8.73 -32.88 -2.63
N LYS G 111 7.94 -33.27 -1.63
CA LYS G 111 6.48 -33.36 -1.75
C LYS G 111 5.78 -32.30 -0.90
N PRO G 112 4.99 -31.44 -1.54
CA PRO G 112 4.42 -30.32 -0.79
C PRO G 112 3.11 -30.68 -0.10
N PHE G 113 3.17 -31.55 0.90
CA PHE G 113 1.99 -31.84 1.70
C PHE G 113 2.36 -31.75 3.16
N TYR G 114 1.39 -31.40 3.98
CA TYR G 114 1.61 -31.32 5.42
C TYR G 114 2.25 -32.60 5.94
N ALA G 115 1.71 -33.75 5.53
CA ALA G 115 2.21 -35.05 6.00
C ALA G 115 3.69 -35.31 5.72
N ASN G 116 4.25 -34.69 4.69
CA ASN G 116 5.65 -34.91 4.35
C ASN G 116 6.54 -33.82 4.88
N GLU G 117 5.92 -32.74 5.36
CA GLU G 117 6.66 -31.50 5.59
C GLU G 117 7.91 -31.66 6.46
N ALA G 118 7.77 -32.30 7.61
CA ALA G 118 8.89 -32.45 8.53
C ALA G 118 10.10 -33.13 7.90
N GLN G 119 9.87 -34.25 7.21
CA GLN G 119 10.97 -34.98 6.57
C GLN G 119 11.56 -34.22 5.39
N VAL G 120 10.70 -33.60 4.58
CA VAL G 120 11.19 -32.81 3.45
C VAL G 120 12.05 -31.65 3.95
N LYS G 121 11.60 -30.96 4.99
CA LYS G 121 12.37 -29.83 5.53
C LYS G 121 13.72 -30.31 6.02
N ALA G 122 13.76 -31.50 6.60
CA ALA G 122 15.02 -32.03 7.12
C ALA G 122 15.99 -32.26 5.97
N GLN G 123 15.51 -32.86 4.88
CA GLN G 123 16.34 -33.11 3.73
C GLN G 123 16.76 -31.81 3.01
N LEU G 124 15.80 -30.90 2.84
CA LEU G 124 16.09 -29.58 2.23
C LEU G 124 17.18 -28.86 3.00
N THR G 125 17.11 -28.90 4.33
CA THR G 125 18.12 -28.22 5.14
C THR G 125 19.52 -28.83 4.89
N LYS G 126 19.62 -30.15 4.99
CA LYS G 126 20.90 -30.81 4.78
C LYS G 126 21.45 -30.58 3.36
N VAL G 127 20.57 -30.65 2.36
CA VAL G 127 21.01 -30.47 0.98
C VAL G 127 21.55 -29.07 0.75
N TRP G 128 20.80 -28.04 1.15
CA TRP G 128 21.25 -26.67 0.91
C TRP G 128 22.43 -26.26 1.78
N THR G 129 22.53 -26.83 2.97
CA THR G 129 23.70 -26.57 3.81
C THR G 129 24.98 -26.97 3.07
N GLN G 130 24.96 -28.15 2.46
CA GLN G 130 26.14 -28.67 1.73
C GLN G 130 26.47 -27.87 0.46
N ILE G 131 25.46 -27.58 -0.35
CA ILE G 131 25.69 -26.81 -1.57
C ILE G 131 26.20 -25.43 -1.20
N ALA G 132 25.53 -24.78 -0.27
CA ALA G 132 25.91 -23.43 0.15
C ALA G 132 27.33 -23.41 0.70
N ASN G 133 27.64 -24.38 1.56
CA ASN G 133 28.99 -24.46 2.14
C ASN G 133 30.07 -24.58 1.07
N ASN G 134 29.81 -25.42 0.08
CA ASN G 134 30.74 -25.60 -1.04
C ASN G 134 31.04 -24.28 -1.77
N PHE G 135 30.00 -23.48 -2.03
CA PHE G 135 30.14 -22.25 -2.81
C PHE G 135 30.24 -20.97 -1.98
N LYS G 136 30.54 -21.11 -0.69
CA LYS G 136 30.52 -19.98 0.23
C LYS G 136 31.38 -18.78 -0.21
N LYS G 137 32.52 -19.06 -0.84
CA LYS G 137 33.45 -18.00 -1.26
C LYS G 137 33.01 -17.23 -2.50
N TYR G 138 32.11 -17.81 -3.29
CA TYR G 138 31.64 -17.17 -4.52
C TYR G 138 30.82 -15.91 -4.27
N GLY G 139 31.03 -14.90 -5.11
CA GLY G 139 30.41 -13.61 -4.94
C GLY G 139 29.00 -13.55 -5.47
N ASP G 140 28.49 -12.33 -5.69
CA ASP G 140 27.08 -12.16 -6.04
C ASP G 140 26.73 -12.53 -7.49
N HIS G 141 27.74 -12.90 -8.27
CA HIS G 141 27.46 -13.50 -9.56
C HIS G 141 26.95 -14.94 -9.48
N LEU G 142 27.05 -15.53 -8.29
CA LEU G 142 26.41 -16.82 -8.05
C LEU G 142 25.07 -16.66 -7.33
N ILE G 143 24.02 -17.15 -7.98
CA ILE G 143 22.66 -17.09 -7.46
C ILE G 143 22.15 -18.51 -7.19
N PHE G 144 21.57 -18.72 -6.01
CA PHE G 144 20.91 -19.98 -5.70
C PHE G 144 19.43 -19.87 -5.97
N GLU G 145 18.87 -20.92 -6.58
CA GLU G 145 17.43 -21.02 -6.81
C GLU G 145 16.95 -22.20 -5.96
N THR G 146 16.09 -21.93 -4.98
CA THR G 146 15.83 -22.89 -3.89
C THR G 146 15.22 -24.22 -4.31
N MET G 147 14.39 -24.19 -5.34
CA MET G 147 13.69 -25.35 -5.87
C MET G 147 13.33 -25.02 -7.30
N ASN G 148 12.96 -26.03 -8.08
CA ASN G 148 12.59 -25.83 -9.47
C ASN G 148 11.09 -25.60 -9.65
N GLU G 149 10.33 -26.69 -9.75
CA GLU G 149 8.89 -26.58 -9.93
C GLU G 149 8.15 -27.46 -8.92
N PRO G 150 8.23 -27.09 -7.63
CA PRO G 150 7.64 -27.92 -6.58
C PRO G 150 6.11 -27.97 -6.74
N ARG G 151 5.53 -29.15 -6.72
CA ARG G 151 4.09 -29.28 -6.96
C ARG G 151 3.59 -30.65 -6.56
N PRO G 152 2.27 -30.79 -6.37
CA PRO G 152 1.71 -32.12 -6.05
C PRO G 152 1.89 -33.04 -7.25
N VAL G 153 2.17 -34.31 -6.99
CA VAL G 153 2.44 -35.27 -8.05
C VAL G 153 1.12 -35.66 -8.74
N GLY G 154 1.19 -35.96 -10.03
CA GLY G 154 0.00 -36.36 -10.77
C GLY G 154 -0.15 -35.64 -12.09
N ALA G 155 -0.38 -36.40 -13.15
CA ALA G 155 -0.48 -35.83 -14.49
C ALA G 155 -1.66 -34.87 -14.62
N SER G 156 -2.74 -35.15 -13.89
CA SER G 156 -3.93 -34.31 -13.96
C SER G 156 -3.75 -32.97 -13.25
N LEU G 157 -2.70 -32.87 -12.44
CA LEU G 157 -2.45 -31.64 -11.68
C LEU G 157 -1.32 -30.78 -12.26
N GLN G 158 -0.69 -31.25 -13.33
CA GLN G 158 0.49 -30.59 -13.89
C GLN G 158 0.30 -29.09 -14.20
N TRP G 159 -0.86 -28.73 -14.74
CA TRP G 159 -1.09 -27.33 -15.07
C TRP G 159 -2.09 -26.69 -14.12
N THR G 160 -2.10 -27.13 -12.87
CA THR G 160 -2.96 -26.52 -11.87
C THR G 160 -2.12 -25.77 -10.86
N GLY G 161 -2.78 -24.97 -10.03
CA GLY G 161 -2.08 -24.24 -8.98
C GLY G 161 -2.08 -25.02 -7.68
N GLY G 162 -2.39 -26.31 -7.77
CA GLY G 162 -2.44 -27.17 -6.58
C GLY G 162 -3.50 -26.71 -5.61
N SER G 163 -3.45 -27.23 -4.39
CA SER G 163 -4.37 -26.84 -3.34
C SER G 163 -3.73 -25.75 -2.49
N TYR G 164 -4.51 -25.14 -1.61
CA TYR G 164 -3.98 -24.19 -0.64
C TYR G 164 -2.88 -24.87 0.18
N GLU G 165 -3.13 -26.11 0.59
CA GLU G 165 -2.12 -26.89 1.27
C GLU G 165 -0.81 -26.93 0.50
N ASN G 166 -0.85 -27.28 -0.78
CA ASN G 166 0.36 -27.33 -1.58
C ASN G 166 1.09 -25.99 -1.61
N ARG G 167 0.36 -24.91 -1.82
CA ARG G 167 0.99 -23.59 -1.95
C ARG G 167 1.55 -23.12 -0.61
N GLU G 168 0.82 -23.37 0.48
CA GLU G 168 1.31 -23.05 1.81
C GLU G 168 2.61 -23.79 2.09
N VAL G 169 2.66 -25.08 1.76
CA VAL G 169 3.84 -25.88 2.07
C VAL G 169 5.03 -25.48 1.18
N VAL G 170 4.77 -25.13 -0.07
CA VAL G 170 5.86 -24.64 -0.92
C VAL G 170 6.49 -23.40 -0.26
N ASN G 171 5.65 -22.50 0.24
CA ASN G 171 6.16 -21.30 0.90
C ASN G 171 7.04 -21.66 2.10
N ARG G 172 6.60 -22.64 2.87
CA ARG G 172 7.37 -23.13 4.01
C ARG G 172 8.73 -23.70 3.59
N TYR G 173 8.74 -24.45 2.50
CA TYR G 173 10.00 -25.02 1.99
C TYR G 173 10.95 -23.94 1.50
N ASN G 174 10.43 -22.91 0.82
CA ASN G 174 11.26 -21.79 0.37
C ASN G 174 11.94 -21.13 1.56
N LEU G 175 11.19 -20.91 2.64
CA LEU G 175 11.76 -20.31 3.84
C LEU G 175 12.85 -21.23 4.42
N THR G 176 12.55 -22.53 4.51
CA THR G 176 13.51 -23.53 4.98
C THR G 176 14.80 -23.48 4.17
N ALA G 177 14.66 -23.45 2.84
CA ALA G 177 15.80 -23.44 1.93
C ALA G 177 16.63 -22.18 2.10
N VAL G 178 15.96 -21.04 2.13
CA VAL G 178 16.62 -19.75 2.30
C VAL G 178 17.35 -19.67 3.63
N ASN G 179 16.69 -20.09 4.71
CA ASN G 179 17.34 -20.10 6.02
C ASN G 179 18.57 -21.01 6.05
N ALA G 180 18.46 -22.19 5.43
CA ALA G 180 19.58 -23.12 5.37
C ALA G 180 20.76 -22.45 4.66
N ILE G 181 20.47 -21.76 3.57
CA ILE G 181 21.52 -21.11 2.81
C ILE G 181 22.17 -20.02 3.65
N ARG G 182 21.34 -19.13 4.19
CA ARG G 182 21.83 -18.00 4.95
C ARG G 182 22.59 -18.43 6.20
N ALA G 183 22.15 -19.52 6.83
CA ALA G 183 22.79 -19.96 8.06
C ALA G 183 24.26 -20.38 7.86
N THR G 184 24.67 -20.69 6.63
CA THR G 184 26.08 -21.02 6.40
C THR G 184 26.99 -19.79 6.49
N GLY G 185 26.41 -18.60 6.44
CA GLY G 185 27.15 -17.36 6.65
C GLY G 185 27.98 -16.90 5.47
N GLY G 186 28.92 -16.00 5.72
CA GLY G 186 29.74 -15.46 4.64
C GLY G 186 28.91 -14.84 3.53
N ASN G 187 29.37 -14.96 2.29
CA ASN G 187 28.60 -14.44 1.16
C ASN G 187 27.21 -15.09 1.02
N ASN G 188 27.01 -16.25 1.64
CA ASN G 188 25.70 -16.92 1.59
C ASN G 188 24.62 -16.17 2.37
N ALA G 189 25.03 -15.39 3.36
CA ALA G 189 24.08 -14.61 4.14
C ALA G 189 23.60 -13.37 3.39
N THR G 190 24.33 -12.97 2.35
CA THR G 190 23.99 -11.77 1.59
C THR G 190 23.76 -11.99 0.10
N ARG G 191 24.03 -13.19 -0.42
CA ARG G 191 23.86 -13.37 -1.86
C ARG G 191 22.39 -13.28 -2.28
N TYR G 192 22.14 -13.09 -3.56
CA TYR G 192 20.78 -13.05 -4.09
C TYR G 192 20.28 -14.47 -4.34
N ILE G 193 18.99 -14.68 -4.04
CA ILE G 193 18.40 -16.01 -4.07
C ILE G 193 17.06 -15.97 -4.83
N MET G 194 16.86 -16.94 -5.72
CA MET G 194 15.61 -17.04 -6.45
C MET G 194 14.71 -18.07 -5.76
N VAL G 195 13.41 -17.78 -5.65
CA VAL G 195 12.44 -18.75 -5.14
C VAL G 195 11.25 -18.86 -6.08
N PRO G 196 10.79 -20.09 -6.33
CA PRO G 196 9.67 -20.29 -7.26
C PRO G 196 8.34 -20.22 -6.56
N THR G 197 7.30 -19.89 -7.33
CA THR G 197 5.92 -20.16 -6.96
C THR G 197 5.71 -21.65 -7.08
N LEU G 198 4.56 -22.14 -6.65
CA LEU G 198 4.23 -23.53 -6.90
C LEU G 198 4.27 -23.78 -8.40
N ALA G 199 4.94 -24.87 -8.79
CA ALA G 199 5.19 -25.19 -10.20
C ALA G 199 5.97 -24.11 -10.96
N ALA G 200 6.56 -23.14 -10.26
CA ALA G 200 7.15 -21.97 -10.92
C ALA G 200 6.15 -21.35 -11.89
N SER G 201 4.87 -21.50 -11.58
CA SER G 201 3.83 -21.01 -12.46
C SER G 201 3.55 -19.53 -12.24
N ALA G 202 3.27 -18.85 -13.35
CA ALA G 202 2.96 -17.42 -13.32
C ALA G 202 1.46 -17.18 -13.22
N MET G 203 0.67 -18.26 -13.19
CA MET G 203 -0.80 -18.12 -13.10
C MET G 203 -1.17 -17.33 -11.83
N SER G 204 -2.32 -16.65 -11.85
CA SER G 204 -2.72 -15.77 -10.75
C SER G 204 -2.80 -16.50 -9.41
N THR G 205 -3.41 -17.68 -9.41
CA THR G 205 -3.52 -18.44 -8.19
C THR G 205 -2.18 -18.56 -7.46
N THR G 206 -1.12 -18.88 -8.19
CA THR G 206 0.17 -19.16 -7.58
C THR G 206 1.03 -17.92 -7.28
N ILE G 207 0.99 -16.90 -8.15
CA ILE G 207 1.72 -15.67 -7.85
C ILE G 207 1.08 -14.90 -6.70
N ASN G 208 -0.26 -14.99 -6.61
CA ASN G 208 -0.97 -14.34 -5.53
C ASN G 208 -0.69 -14.99 -4.17
N ASP G 209 -0.30 -16.25 -4.17
CA ASP G 209 -0.09 -16.93 -2.89
C ASP G 209 1.39 -17.06 -2.47
N LEU G 210 2.30 -16.58 -3.34
CA LEU G 210 3.71 -16.61 -3.02
C LEU G 210 4.01 -15.76 -1.80
N VAL G 211 4.71 -16.31 -0.83
CA VAL G 211 5.24 -15.51 0.27
C VAL G 211 6.77 -15.51 0.23
N ILE G 212 7.36 -14.31 0.19
CA ILE G 212 8.82 -14.17 0.18
C ILE G 212 9.42 -14.45 1.55
N PRO G 213 10.29 -15.48 1.65
CA PRO G 213 10.96 -15.81 2.91
C PRO G 213 11.53 -14.56 3.60
N ASN G 214 11.06 -14.29 4.81
CA ASN G 214 11.48 -13.12 5.59
C ASN G 214 11.26 -11.77 4.90
N ASN G 215 10.48 -11.73 3.82
CA ASN G 215 10.29 -10.50 3.07
CA ASN G 215 10.28 -10.51 3.03
C ASN G 215 11.61 -9.99 2.48
N ASP G 216 12.64 -10.83 2.56
CA ASP G 216 14.01 -10.51 2.17
C ASP G 216 14.13 -9.81 0.81
N SER G 217 14.67 -8.60 0.79
CA SER G 217 14.77 -7.85 -0.46
C SER G 217 15.80 -8.40 -1.44
N LYS G 218 16.65 -9.33 -0.98
CA LYS G 218 17.61 -9.99 -1.86
C LYS G 218 16.99 -11.20 -2.56
N VAL G 219 15.72 -11.47 -2.32
CA VAL G 219 15.07 -12.59 -2.98
C VAL G 219 14.44 -12.19 -4.31
N ILE G 220 14.61 -13.05 -5.30
CA ILE G 220 14.10 -12.83 -6.65
C ILE G 220 13.06 -13.93 -6.91
N VAL G 221 11.95 -13.60 -7.57
CA VAL G 221 10.94 -14.60 -7.89
C VAL G 221 11.35 -15.36 -9.13
N SER G 222 11.18 -16.68 -9.09
CA SER G 222 11.51 -17.54 -10.22
C SER G 222 10.25 -18.05 -10.89
N LEU G 223 10.05 -17.70 -12.16
CA LEU G 223 8.89 -18.17 -12.93
C LEU G 223 9.27 -18.86 -14.23
N HIS G 224 8.49 -19.87 -14.62
CA HIS G 224 8.69 -20.50 -15.92
C HIS G 224 7.51 -20.19 -16.83
N MET G 225 7.79 -19.56 -17.97
CA MET G 225 6.72 -19.08 -18.84
C MET G 225 6.97 -19.43 -20.30
N TYR G 226 6.65 -20.67 -20.64
CA TYR G 226 6.70 -21.12 -22.03
C TYR G 226 5.40 -20.69 -22.72
N SER G 227 5.31 -19.42 -23.05
CA SER G 227 4.08 -18.86 -23.57
C SER G 227 4.29 -18.41 -25.00
N PRO G 228 3.26 -18.55 -25.84
CA PRO G 228 1.98 -19.16 -25.44
C PRO G 228 2.10 -20.67 -25.54
N TYR G 229 1.37 -21.39 -24.71
CA TYR G 229 1.48 -22.84 -24.65
C TYR G 229 1.42 -23.51 -26.03
N PHE G 230 0.35 -23.27 -26.79
CA PHE G 230 0.10 -24.05 -27.99
C PHE G 230 1.20 -23.94 -29.04
N PHE G 231 1.72 -22.74 -29.22
CA PHE G 231 2.76 -22.51 -30.21
C PHE G 231 4.11 -22.97 -29.69
N ALA G 232 4.38 -22.66 -28.43
CA ALA G 232 5.70 -22.82 -27.87
C ALA G 232 6.01 -24.24 -27.45
N MET G 233 4.99 -24.93 -26.95
CA MET G 233 5.24 -26.17 -26.23
C MET G 233 4.58 -27.39 -26.85
N ASP G 234 3.44 -27.19 -27.49
CA ASP G 234 2.60 -28.30 -27.95
C ASP G 234 2.93 -28.74 -29.38
N ILE G 235 3.44 -29.94 -29.54
CA ILE G 235 3.79 -30.45 -30.87
C ILE G 235 2.54 -30.48 -31.76
N ASN G 236 1.36 -30.53 -31.14
CA ASN G 236 0.10 -30.52 -31.87
C ASN G 236 -0.52 -29.13 -32.00
N GLY G 237 0.19 -28.12 -31.51
CA GLY G 237 -0.32 -26.76 -31.52
C GLY G 237 0.10 -26.01 -32.75
N THR G 238 -0.53 -24.86 -32.98
CA THR G 238 -0.22 -24.01 -34.12
C THR G 238 1.28 -23.81 -34.32
N SER G 239 1.67 -23.70 -35.58
CA SER G 239 3.07 -23.43 -35.94
C SER G 239 3.30 -21.95 -36.17
N SER G 240 2.22 -21.17 -36.08
CA SER G 240 2.28 -19.76 -36.41
C SER G 240 2.21 -18.89 -35.17
N TRP G 241 2.96 -17.78 -35.18
CA TRP G 241 2.89 -16.79 -34.12
C TRP G 241 3.19 -15.43 -34.74
N GLY G 242 2.35 -14.44 -34.43
CA GLY G 242 2.61 -13.08 -34.89
C GLY G 242 1.43 -12.13 -35.01
N SER G 243 0.23 -12.59 -34.71
CA SER G 243 -0.94 -11.73 -34.82
C SER G 243 -0.98 -10.69 -33.70
N ASP G 244 -1.84 -9.69 -33.85
CA ASP G 244 -2.06 -8.72 -32.79
C ASP G 244 -2.56 -9.46 -31.56
N TYR G 245 -3.37 -10.50 -31.77
CA TYR G 245 -3.85 -11.30 -30.65
C TYR G 245 -2.68 -11.95 -29.91
N ASP G 246 -1.80 -12.60 -30.67
CA ASP G 246 -0.63 -13.27 -30.11
C ASP G 246 0.21 -12.30 -29.30
N LYS G 247 0.45 -11.12 -29.87
CA LYS G 247 1.27 -10.10 -29.22
C LYS G 247 0.62 -9.62 -27.94
N SER G 248 -0.70 -9.42 -28.00
CA SER G 248 -1.44 -8.88 -26.88
C SER G 248 -1.55 -9.91 -25.74
N SER G 249 -1.83 -11.15 -26.09
CA SER G 249 -1.89 -12.22 -25.09
C SER G 249 -0.58 -12.36 -24.32
N LEU G 250 0.53 -12.33 -25.05
CA LEU G 250 1.84 -12.46 -24.42
C LEU G 250 2.15 -11.28 -23.48
N ASP G 251 1.89 -10.06 -23.96
CA ASP G 251 2.05 -8.85 -23.16
C ASP G 251 1.30 -9.00 -21.86
N SER G 252 0.07 -9.51 -21.93
CA SER G 252 -0.79 -9.58 -20.76
C SER G 252 -0.23 -10.55 -19.72
N GLU G 253 0.35 -11.66 -20.19
CA GLU G 253 1.00 -12.59 -19.26
C GLU G 253 2.10 -11.87 -18.49
N PHE G 254 2.93 -11.11 -19.21
CA PHE G 254 4.00 -10.36 -18.56
C PHE G 254 3.44 -9.25 -17.68
N ASP G 255 2.33 -8.65 -18.10
CA ASP G 255 1.70 -7.60 -17.29
C ASP G 255 1.25 -8.11 -15.92
N ALA G 256 0.79 -9.36 -15.84
CA ALA G 256 0.40 -9.90 -14.52
C ALA G 256 1.59 -9.92 -13.57
N VAL G 257 2.74 -10.31 -14.11
CA VAL G 257 3.98 -10.41 -13.35
C VAL G 257 4.52 -9.02 -12.97
N TYR G 258 4.50 -8.09 -13.92
CA TYR G 258 4.97 -6.74 -13.66
C TYR G 258 4.16 -6.10 -12.53
N ASN G 259 2.86 -6.27 -12.60
CA ASN G 259 1.98 -5.68 -11.63
C ASN G 259 2.03 -6.29 -10.23
N LYS G 260 2.16 -7.60 -10.16
CA LYS G 260 2.26 -8.27 -8.87
C LYS G 260 3.63 -8.04 -8.22
N PHE G 261 4.69 -8.12 -9.00
CA PHE G 261 6.05 -8.08 -8.44
C PHE G 261 6.88 -6.86 -8.84
N VAL G 262 7.26 -6.78 -10.11
CA VAL G 262 8.28 -5.82 -10.54
C VAL G 262 7.97 -4.38 -10.11
N LYS G 263 6.76 -3.93 -10.39
CA LYS G 263 6.40 -2.54 -10.12
C LYS G 263 6.43 -2.27 -8.62
N ASN G 264 6.39 -3.33 -7.82
CA ASN G 264 6.46 -3.18 -6.37
C ASN G 264 7.86 -3.37 -5.85
N GLY G 265 8.83 -3.41 -6.76
CA GLY G 265 10.22 -3.57 -6.38
C GLY G 265 10.67 -5.00 -6.10
N ARG G 266 9.82 -5.97 -6.44
CA ARG G 266 10.19 -7.37 -6.30
C ARG G 266 10.67 -7.87 -7.66
N ALA G 267 11.95 -8.20 -7.77
CA ALA G 267 12.53 -8.57 -9.06
C ALA G 267 12.12 -9.97 -9.49
N VAL G 268 12.10 -10.22 -10.79
CA VAL G 268 11.63 -11.50 -11.33
C VAL G 268 12.52 -11.98 -12.48
N VAL G 269 12.87 -13.25 -12.44
CA VAL G 269 13.59 -13.90 -13.52
C VAL G 269 12.71 -14.98 -14.13
N ILE G 270 12.59 -14.96 -15.46
CA ILE G 270 11.89 -16.05 -16.14
C ILE G 270 12.93 -17.11 -16.46
N GLY G 271 13.08 -18.04 -15.54
CA GLY G 271 14.21 -18.94 -15.56
C GLY G 271 14.17 -19.99 -16.66
N GLU G 272 12.99 -20.22 -17.23
CA GLU G 272 12.84 -21.11 -18.37
C GLU G 272 11.77 -20.60 -19.31
N MET G 273 12.07 -20.63 -20.61
CA MET G 273 11.09 -20.35 -21.66
C MET G 273 11.67 -20.85 -22.98
N GLY G 274 10.96 -20.60 -24.09
CA GLY G 274 11.45 -20.96 -25.40
C GLY G 274 10.38 -21.62 -26.26
N SER G 275 10.74 -22.03 -27.46
CA SER G 275 9.79 -22.68 -28.34
C SER G 275 10.38 -23.96 -28.90
N ILE G 276 9.53 -24.92 -29.26
CA ILE G 276 10.02 -26.13 -29.92
C ILE G 276 10.12 -25.94 -31.44
N ASN G 277 10.74 -26.91 -32.10
CA ASN G 277 10.98 -26.81 -33.53
C ASN G 277 9.91 -27.54 -34.33
N LYS G 278 8.96 -26.78 -34.86
CA LYS G 278 7.92 -27.31 -35.73
C LYS G 278 8.24 -26.93 -37.18
N ASN G 279 9.51 -26.93 -37.53
CA ASN G 279 9.91 -26.54 -38.87
C ASN G 279 9.30 -25.21 -39.25
N ASN G 280 9.42 -24.25 -38.33
CA ASN G 280 8.76 -22.96 -38.44
C ASN G 280 9.66 -21.83 -37.96
N THR G 281 10.88 -21.79 -38.49
CA THR G 281 11.89 -20.84 -38.06
C THR G 281 11.41 -19.38 -38.08
N ALA G 282 10.77 -18.97 -39.16
CA ALA G 282 10.31 -17.58 -39.29
C ALA G 282 9.38 -17.22 -38.13
N ALA G 283 8.48 -18.11 -37.79
CA ALA G 283 7.53 -17.87 -36.71
C ALA G 283 8.27 -17.80 -35.36
N ARG G 284 9.19 -18.72 -35.14
CA ARG G 284 10.01 -18.75 -33.93
C ARG G 284 10.88 -17.50 -33.79
N VAL G 285 11.42 -17.02 -34.90
CA VAL G 285 12.18 -15.77 -34.93
C VAL G 285 11.30 -14.62 -34.46
N THR G 286 10.14 -14.48 -35.08
CA THR G 286 9.17 -13.47 -34.69
C THR G 286 8.84 -13.58 -33.21
N HIS G 287 8.51 -14.78 -32.76
CA HIS G 287 8.13 -15.02 -31.36
C HIS G 287 9.28 -14.70 -30.42
N ALA G 288 10.47 -15.20 -30.72
CA ALA G 288 11.60 -15.03 -29.83
C ALA G 288 11.96 -13.55 -29.64
N GLU G 289 11.99 -12.79 -30.74
CA GLU G 289 12.38 -11.40 -30.63
C GLU G 289 11.35 -10.58 -29.86
N TYR G 290 10.07 -10.84 -30.12
CA TYR G 290 9.00 -10.12 -29.44
C TYR G 290 8.95 -10.48 -27.94
N TYR G 291 9.06 -11.77 -27.64
CA TYR G 291 9.14 -12.25 -26.25
C TYR G 291 10.25 -11.50 -25.49
N ALA G 292 11.43 -11.47 -26.06
CA ALA G 292 12.57 -10.80 -25.42
C ALA G 292 12.27 -9.33 -25.14
N LYS G 293 11.79 -8.60 -26.15
CA LYS G 293 11.53 -7.18 -25.95
C LYS G 293 10.32 -6.88 -25.07
N SER G 294 9.28 -7.72 -25.14
CA SER G 294 8.11 -7.56 -24.28
C SER G 294 8.43 -7.87 -22.82
N ALA G 295 9.17 -8.94 -22.58
CA ALA G 295 9.61 -9.30 -21.23
C ALA G 295 10.50 -8.22 -20.62
N LYS G 296 11.46 -7.75 -21.41
CA LYS G 296 12.41 -6.76 -20.95
C LYS G 296 11.71 -5.43 -20.61
N ALA G 297 10.66 -5.11 -21.37
CA ALA G 297 9.85 -3.92 -21.10
C ALA G 297 9.15 -3.99 -19.75
N ARG G 298 9.04 -5.19 -19.20
CA ARG G 298 8.49 -5.36 -17.87
C ARG G 298 9.55 -5.71 -16.82
N GLY G 299 10.79 -5.41 -17.13
CA GLY G 299 11.90 -5.60 -16.22
C GLY G 299 12.27 -7.05 -16.02
N LEU G 300 11.75 -7.92 -16.88
CA LEU G 300 11.98 -9.35 -16.75
C LEU G 300 13.21 -9.82 -17.54
N THR G 301 14.00 -10.70 -16.95
CA THR G 301 15.12 -11.32 -17.65
C THR G 301 14.74 -12.76 -17.98
N PRO G 302 14.68 -13.08 -19.28
CA PRO G 302 14.30 -14.42 -19.71
C PRO G 302 15.52 -15.32 -19.95
N ILE G 303 15.35 -16.63 -19.74
CA ILE G 303 16.43 -17.57 -19.90
C ILE G 303 15.91 -18.72 -20.76
N TRP G 304 16.56 -18.95 -21.89
CA TRP G 304 16.09 -19.95 -22.84
C TRP G 304 16.35 -21.35 -22.29
N TRP G 305 15.36 -22.23 -22.42
CA TRP G 305 15.54 -23.62 -22.02
C TRP G 305 16.14 -24.39 -23.18
N ASP G 306 17.38 -24.83 -23.03
CA ASP G 306 18.07 -25.53 -24.11
C ASP G 306 18.47 -26.92 -23.69
N ASN G 307 17.67 -27.92 -24.07
CA ASN G 307 17.92 -29.30 -23.69
C ASN G 307 18.84 -30.05 -24.67
N GLY G 308 19.39 -29.34 -25.64
CA GLY G 308 20.28 -29.94 -26.62
C GLY G 308 19.59 -30.78 -27.70
N TYR G 309 18.28 -30.68 -27.79
CA TYR G 309 17.50 -31.48 -28.73
C TYR G 309 16.76 -30.54 -29.68
N SER G 310 17.14 -30.54 -30.95
CA SER G 310 16.65 -29.54 -31.90
C SER G 310 15.98 -30.11 -33.15
N VAL G 311 15.52 -31.35 -33.09
CA VAL G 311 15.04 -32.04 -34.29
C VAL G 311 13.64 -31.63 -34.76
N ALA G 312 13.57 -31.04 -35.94
CA ALA G 312 12.31 -30.54 -36.50
C ALA G 312 11.17 -31.56 -36.45
N GLY G 313 10.00 -31.13 -36.01
CA GLY G 313 8.82 -31.98 -36.03
C GLY G 313 8.60 -32.85 -34.81
N LYS G 314 9.57 -32.87 -33.90
CA LYS G 314 9.44 -33.66 -32.68
C LYS G 314 9.08 -32.79 -31.48
N ALA G 315 8.45 -33.41 -30.49
CA ALA G 315 8.13 -32.72 -29.24
C ALA G 315 9.39 -32.46 -28.41
N GLU G 316 9.33 -31.45 -27.56
CA GLU G 316 10.43 -31.12 -26.63
C GLU G 316 11.72 -30.69 -27.32
N THR G 317 11.63 -30.24 -28.56
CA THR G 317 12.83 -29.80 -29.27
C THR G 317 13.19 -28.33 -29.00
N PHE G 318 13.64 -28.04 -27.77
CA PHE G 318 13.97 -26.67 -27.36
C PHE G 318 15.40 -26.27 -27.70
N GLY G 319 16.23 -27.23 -28.10
CA GLY G 319 17.64 -26.97 -28.33
C GLY G 319 17.93 -25.99 -29.44
N ILE G 320 18.82 -25.05 -29.19
CA ILE G 320 19.18 -24.08 -30.21
C ILE G 320 20.69 -24.03 -30.42
N PHE G 321 21.43 -24.53 -29.44
CA PHE G 321 22.89 -24.60 -29.56
C PHE G 321 23.33 -26.03 -29.84
N ASN G 322 24.22 -26.20 -30.82
CA ASN G 322 24.80 -27.52 -31.09
C ASN G 322 26.07 -27.71 -30.28
N ARG G 323 26.00 -28.54 -29.25
CA ARG G 323 27.10 -28.67 -28.29
C ARG G 323 28.33 -29.39 -28.88
N SER G 324 28.11 -30.37 -29.76
CA SER G 324 29.20 -31.10 -30.37
C SER G 324 29.96 -30.26 -31.40
N ASN G 325 29.24 -29.39 -32.10
CA ASN G 325 29.82 -28.58 -33.19
C ASN G 325 30.35 -27.23 -32.73
N LEU G 326 29.88 -26.76 -31.58
CA LEU G 326 30.17 -25.40 -31.15
C LEU G 326 29.57 -24.37 -32.13
N THR G 327 28.48 -24.76 -32.77
CA THR G 327 27.72 -23.89 -33.67
C THR G 327 26.27 -23.86 -33.19
N TRP G 328 25.49 -22.93 -33.73
CA TRP G 328 24.07 -22.80 -33.40
C TRP G 328 23.18 -23.58 -34.37
N ASP G 329 22.40 -24.51 -33.83
CA ASP G 329 21.39 -25.22 -34.63
C ASP G 329 20.28 -24.28 -35.08
N ALA G 330 19.97 -23.28 -34.27
CA ALA G 330 18.91 -22.33 -34.63
C ALA G 330 19.48 -20.93 -34.52
N PRO G 331 20.38 -20.58 -35.46
CA PRO G 331 21.10 -19.31 -35.35
C PRO G 331 20.16 -18.12 -35.43
N GLU G 332 19.14 -18.22 -36.28
CA GLU G 332 18.19 -17.12 -36.46
C GLU G 332 17.31 -16.89 -35.24
N VAL G 333 16.83 -17.98 -34.63
CA VAL G 333 16.09 -17.90 -33.38
C VAL G 333 16.97 -17.25 -32.31
N MET G 334 18.14 -17.83 -32.08
CA MET G 334 19.11 -17.25 -31.16
C MET G 334 19.34 -15.76 -31.40
N LYS G 335 19.63 -15.40 -32.63
CA LYS G 335 20.02 -14.02 -32.89
C LYS G 335 18.87 -13.05 -32.65
N ALA G 336 17.66 -13.50 -32.97
CA ALA G 336 16.47 -12.66 -32.78
C ALA G 336 16.15 -12.49 -31.30
N PHE G 337 16.32 -13.55 -30.53
CA PHE G 337 16.15 -13.49 -29.07
C PHE G 337 17.14 -12.48 -28.49
N ILE G 338 18.41 -12.62 -28.85
CA ILE G 338 19.43 -11.68 -28.37
C ILE G 338 19.14 -10.26 -28.82
N LYS G 339 18.70 -10.11 -30.06
CA LYS G 339 18.46 -8.79 -30.61
C LYS G 339 17.34 -8.07 -29.88
N GLY G 340 16.27 -8.80 -29.55
CA GLY G 340 15.17 -8.24 -28.80
C GLY G 340 15.51 -7.75 -27.40
N ILE G 341 16.54 -8.31 -26.80
CA ILE G 341 16.95 -7.94 -25.44
C ILE G 341 17.60 -6.56 -25.40
N GLY G 342 18.30 -6.21 -26.46
CA GLY G 342 19.00 -4.94 -26.51
C GLY G 342 20.21 -4.90 -25.61
N GLY G 343 20.60 -3.70 -25.22
CA GLY G 343 21.78 -3.53 -24.41
C GLY G 343 22.02 -2.07 -24.08
N SER G 344 23.10 -1.81 -23.36
CA SER G 344 23.41 -0.48 -22.88
C SER G 344 24.46 0.19 -23.76
N SER G 345 24.92 -0.53 -24.78
CA SER G 345 25.86 0.01 -25.77
C SER G 345 25.72 -0.70 -27.11
N SER H 1 -1.26 16.09 -27.22
CA SER H 1 -0.86 14.83 -26.58
C SER H 1 -0.66 15.00 -25.07
N ALA H 2 -1.01 13.98 -24.29
CA ALA H 2 -0.78 14.03 -22.84
C ALA H 2 0.58 13.47 -22.37
N VAL H 3 1.41 13.02 -23.31
CA VAL H 3 2.74 12.57 -22.94
C VAL H 3 3.79 13.53 -23.53
N GLU H 4 4.62 14.09 -22.66
CA GLU H 4 5.65 15.04 -23.08
C GLU H 4 7.05 14.45 -22.94
N VAL H 5 7.89 14.71 -23.93
CA VAL H 5 9.26 14.23 -23.88
C VAL H 5 10.21 15.41 -23.93
N THR H 6 11.16 15.43 -23.00
CA THR H 6 12.18 16.46 -23.02
C THR H 6 13.52 15.85 -23.33
N TYR H 7 14.13 16.30 -24.43
CA TYR H 7 15.40 15.76 -24.89
C TYR H 7 16.41 16.89 -24.80
N ALA H 8 17.36 16.75 -23.87
CA ALA H 8 18.25 17.86 -23.58
C ALA H 8 19.72 17.48 -23.56
N ILE H 9 20.56 18.40 -23.98
CA ILE H 9 22.00 18.20 -23.99
C ILE H 9 22.61 18.65 -22.68
N THR H 10 23.24 17.72 -21.99
CA THR H 10 23.81 17.96 -20.69
C THR H 10 25.20 18.55 -20.85
N ASN H 11 25.93 18.06 -21.84
CA ASN H 11 27.29 18.50 -22.11
C ASN H 11 27.74 18.00 -23.48
N SER H 12 28.58 18.77 -24.17
CA SER H 12 29.06 18.39 -25.49
C SER H 12 30.53 18.73 -25.67
N TRP H 13 31.27 17.83 -26.29
CA TRP H 13 32.71 18.02 -26.45
C TRP H 13 33.18 17.87 -27.91
N GLY H 14 32.48 18.52 -28.82
CA GLY H 14 32.87 18.54 -30.22
C GLY H 14 32.64 17.24 -30.98
N SER H 15 33.17 16.15 -30.45
CA SER H 15 33.07 14.85 -31.10
C SER H 15 32.03 13.94 -30.43
N GLY H 16 31.45 14.40 -29.34
CA GLY H 16 30.47 13.61 -28.59
C GLY H 16 29.64 14.48 -27.66
N ALA H 17 28.56 13.92 -27.12
CA ALA H 17 27.73 14.67 -26.18
C ALA H 17 27.02 13.74 -25.20
N SER H 18 26.48 14.33 -24.15
CA SER H 18 25.75 13.59 -23.16
C SER H 18 24.34 14.13 -23.19
N VAL H 19 23.37 13.22 -23.21
CA VAL H 19 21.97 13.60 -23.35
C VAL H 19 21.18 13.16 -22.13
N ASN H 20 20.22 13.98 -21.71
CA ASN H 20 19.25 13.57 -20.70
C ASN H 20 17.84 13.62 -21.26
N VAL H 21 17.09 12.53 -21.10
CA VAL H 21 15.72 12.46 -21.58
C VAL H 21 14.77 12.29 -20.39
N THR H 22 13.74 13.13 -20.34
CA THR H 22 12.72 13.01 -19.33
C THR H 22 11.39 12.76 -20.02
N ILE H 23 10.65 11.76 -19.56
CA ILE H 23 9.33 11.50 -20.10
C ILE H 23 8.30 11.88 -19.05
N LYS H 24 7.31 12.67 -19.45
CA LYS H 24 6.29 13.13 -18.53
C LYS H 24 4.89 12.67 -18.95
N ASN H 25 4.18 12.09 -18.00
CA ASN H 25 2.85 11.57 -18.27
C ASN H 25 1.76 12.42 -17.63
N ASN H 26 1.11 13.25 -18.42
CA ASN H 26 0.04 14.13 -17.93
C ASN H 26 -1.38 13.57 -18.07
N GLY H 27 -1.47 12.32 -18.51
CA GLY H 27 -2.75 11.66 -18.68
C GLY H 27 -3.27 11.02 -17.41
N THR H 28 -4.36 10.27 -17.51
CA THR H 28 -4.97 9.73 -16.31
C THR H 28 -4.48 8.33 -15.94
N THR H 29 -3.88 7.63 -16.91
CA THR H 29 -3.50 6.23 -16.74
C THR H 29 -1.99 6.08 -16.60
N PRO H 30 -1.53 5.42 -15.52
CA PRO H 30 -0.09 5.14 -15.44
C PRO H 30 0.36 4.37 -16.66
N ILE H 31 1.58 4.65 -17.10
CA ILE H 31 2.23 3.88 -18.14
C ILE H 31 3.06 2.79 -17.45
N ASN H 32 2.57 1.56 -17.51
CA ASN H 32 3.18 0.43 -16.81
C ASN H 32 4.19 -0.34 -17.65
N GLY H 33 5.45 0.06 -17.57
CA GLY H 33 6.48 -0.54 -18.38
C GLY H 33 6.70 0.28 -19.64
N TRP H 34 7.31 1.45 -19.50
CA TRP H 34 7.46 2.37 -20.64
C TRP H 34 8.52 2.00 -21.67
N THR H 35 8.23 2.34 -22.92
CA THR H 35 9.18 2.20 -24.01
C THR H 35 9.11 3.49 -24.83
N LEU H 36 10.26 3.95 -25.30
CA LEU H 36 10.33 5.21 -26.04
C LEU H 36 11.02 4.97 -27.37
N LYS H 37 10.43 5.45 -28.44
CA LYS H 37 10.96 5.17 -29.77
C LYS H 37 11.16 6.47 -30.52
N TRP H 38 12.23 6.55 -31.29
CA TRP H 38 12.41 7.70 -32.17
C TRP H 38 13.38 7.43 -33.30
N THR H 39 13.45 8.36 -34.25
CA THR H 39 14.38 8.26 -35.37
C THR H 39 15.56 9.20 -35.13
N MET H 40 16.76 8.63 -35.12
CA MET H 40 17.96 9.33 -34.70
C MET H 40 18.71 9.87 -35.90
N PRO H 41 19.08 11.16 -35.87
CA PRO H 41 19.85 11.76 -36.99
C PRO H 41 21.02 10.87 -37.39
N ILE H 42 21.40 10.80 -38.67
CA ILE H 42 22.36 9.79 -39.13
C ILE H 42 23.80 10.06 -38.72
N ASN H 43 24.09 11.27 -38.28
CA ASN H 43 25.46 11.60 -37.90
C ASN H 43 25.78 11.20 -36.45
N GLN H 44 24.89 10.44 -35.83
CA GLN H 44 24.98 10.17 -34.39
C GLN H 44 24.89 8.69 -34.02
N THR H 45 25.72 8.28 -33.07
CA THR H 45 25.69 6.91 -32.57
C THR H 45 25.71 6.92 -31.05
N ILE H 46 24.81 6.15 -30.44
CA ILE H 46 24.81 6.02 -29.00
C ILE H 46 25.93 5.09 -28.56
N THR H 47 26.80 5.58 -27.69
CA THR H 47 27.92 4.79 -27.21
C THR H 47 27.59 4.04 -25.92
N ASN H 48 26.91 4.72 -24.99
CA ASN H 48 26.43 4.04 -23.79
C ASN H 48 25.23 4.73 -23.14
N MET H 49 24.42 3.94 -22.43
CA MET H 49 23.16 4.42 -21.88
C MET H 49 22.98 3.92 -20.44
N TRP H 50 22.39 4.76 -19.58
CA TRP H 50 22.11 4.38 -18.20
C TRP H 50 20.64 4.60 -17.84
N SER H 51 20.13 3.75 -16.95
CA SER H 51 18.73 3.82 -16.49
C SER H 51 17.75 3.38 -17.56
N ALA H 52 18.29 2.78 -18.61
CA ALA H 52 17.51 2.29 -19.73
C ALA H 52 18.44 1.46 -20.60
N SER H 53 17.87 0.65 -21.48
CA SER H 53 18.65 -0.06 -22.48
C SER H 53 17.98 0.23 -23.81
N PHE H 54 18.67 -0.04 -24.91
CA PHE H 54 18.14 0.29 -26.22
C PHE H 54 18.45 -0.74 -27.29
N VAL H 55 17.64 -0.72 -28.33
CA VAL H 55 17.89 -1.47 -29.55
C VAL H 55 17.98 -0.47 -30.69
N ALA H 56 19.15 -0.38 -31.33
CA ALA H 56 19.32 0.52 -32.47
C ALA H 56 19.25 -0.28 -33.76
N SER H 57 18.31 0.09 -34.63
CA SER H 57 18.15 -0.58 -35.91
C SER H 57 18.19 0.47 -37.02
N GLY H 58 19.34 0.64 -37.63
CA GLY H 58 19.55 1.75 -38.54
C GLY H 58 19.41 3.04 -37.74
N THR H 59 18.44 3.88 -38.10
CA THR H 59 18.22 5.09 -37.35
C THR H 59 17.05 4.95 -36.37
N THR H 60 16.37 3.81 -36.41
CA THR H 60 15.29 3.57 -35.48
C THR H 60 15.88 3.23 -34.12
N LEU H 61 15.44 3.95 -33.11
CA LEU H 61 15.96 3.75 -31.76
C LEU H 61 14.81 3.41 -30.82
N SER H 62 14.92 2.26 -30.16
CA SER H 62 13.90 1.84 -29.21
C SER H 62 14.51 1.71 -27.83
N VAL H 63 14.00 2.50 -26.91
CA VAL H 63 14.53 2.55 -25.56
C VAL H 63 13.52 1.91 -24.60
N THR H 64 14.01 1.08 -23.70
CA THR H 64 13.16 0.37 -22.78
C THR H 64 13.62 0.73 -21.36
N ASN H 65 12.66 0.86 -20.45
CA ASN H 65 12.95 1.13 -19.04
C ASN H 65 13.84 0.07 -18.39
N ALA H 66 14.36 0.39 -17.22
CA ALA H 66 15.25 -0.52 -16.48
C ALA H 66 14.53 -1.23 -15.31
N GLY H 67 13.22 -1.36 -15.40
CA GLY H 67 12.48 -2.12 -14.40
C GLY H 67 12.07 -1.32 -13.18
N TYR H 68 13.05 -0.86 -12.40
CA TYR H 68 12.79 -0.04 -11.21
C TYR H 68 12.15 1.30 -11.55
N ASN H 69 12.33 1.76 -12.79
CA ASN H 69 11.73 3.01 -13.24
C ASN H 69 10.70 2.77 -14.36
N GLY H 70 10.03 1.61 -14.31
CA GLY H 70 9.18 1.18 -15.40
C GLY H 70 7.83 1.85 -15.49
N THR H 71 7.36 2.41 -14.38
CA THR H 71 6.05 3.03 -14.37
C THR H 71 6.15 4.55 -14.39
N ILE H 72 5.53 5.18 -15.37
CA ILE H 72 5.41 6.62 -15.35
C ILE H 72 4.04 6.95 -14.80
N ALA H 73 4.02 7.47 -13.58
CA ALA H 73 2.76 7.78 -12.90
C ALA H 73 1.90 8.78 -13.65
N ALA H 74 0.60 8.65 -13.46
CA ALA H 74 -0.37 9.55 -14.07
C ALA H 74 -0.26 10.98 -13.51
N ASN H 75 -0.93 11.92 -14.16
CA ASN H 75 -1.08 13.26 -13.62
C ASN H 75 0.23 13.96 -13.34
N GLY H 76 1.22 13.77 -14.20
CA GLY H 76 2.45 14.54 -14.10
C GLY H 76 3.65 13.76 -13.66
N GLY H 77 3.52 12.43 -13.59
CA GLY H 77 4.64 11.60 -13.23
C GLY H 77 5.75 11.67 -14.28
N THR H 78 6.99 11.54 -13.83
CA THR H 78 8.11 11.47 -14.78
C THR H 78 9.01 10.26 -14.53
N GLN H 79 9.75 9.90 -15.57
CA GLN H 79 10.93 9.03 -15.46
C GLN H 79 11.96 9.60 -16.43
N SER H 80 13.23 9.34 -16.16
CA SER H 80 14.31 9.91 -16.95
C SER H 80 15.40 8.88 -17.18
N PHE H 81 16.19 9.10 -18.23
CA PHE H 81 17.37 8.28 -18.47
C PHE H 81 18.36 9.11 -19.24
N GLY H 82 19.58 8.61 -19.42
CA GLY H 82 20.57 9.38 -20.15
C GLY H 82 21.48 8.51 -20.99
N PHE H 83 22.24 9.14 -21.88
CA PHE H 83 23.17 8.41 -22.72
C PHE H 83 24.21 9.33 -23.32
N ASN H 84 25.31 8.73 -23.76
CA ASN H 84 26.33 9.45 -24.50
C ASN H 84 26.22 9.11 -25.97
N ILE H 85 26.52 10.08 -26.83
CA ILE H 85 26.61 9.82 -28.25
C ILE H 85 27.96 10.27 -28.79
N ASN H 86 28.38 9.66 -29.89
CA ASN H 86 29.42 10.22 -30.72
C ASN H 86 28.73 10.83 -31.92
N TYR H 87 29.22 11.97 -32.37
CA TYR H 87 28.64 12.57 -33.56
C TYR H 87 29.66 13.37 -34.36
N SER H 88 29.38 13.50 -35.65
CA SER H 88 30.13 14.40 -36.52
C SER H 88 29.16 15.46 -36.99
N GLY H 89 29.69 16.54 -37.55
CA GLY H 89 28.86 17.59 -38.11
C GLY H 89 28.14 18.39 -37.05
N VAL H 90 26.93 18.83 -37.37
CA VAL H 90 26.15 19.65 -36.45
C VAL H 90 25.32 18.74 -35.56
N LEU H 91 25.27 19.04 -34.27
CA LEU H 91 24.48 18.24 -33.35
C LEU H 91 23.00 18.60 -33.49
N SER H 92 22.21 17.64 -33.97
CA SER H 92 20.76 17.80 -34.10
C SER H 92 20.07 16.98 -33.03
N LYS H 93 18.80 17.24 -32.79
CA LYS H 93 18.05 16.36 -31.92
C LYS H 93 16.79 15.84 -32.59
N PRO H 94 16.36 14.62 -32.21
CA PRO H 94 15.12 14.07 -32.74
C PRO H 94 13.99 15.04 -32.46
N THR H 95 12.94 15.01 -33.25
CA THR H 95 11.84 15.96 -33.10
C THR H 95 10.49 15.28 -32.86
N GLY H 96 10.46 13.96 -32.98
CA GLY H 96 9.24 13.19 -32.72
C GLY H 96 9.55 11.95 -31.91
N PHE H 97 8.66 11.60 -30.98
CA PHE H 97 8.88 10.47 -30.10
C PHE H 97 7.53 9.76 -29.91
N THR H 98 7.56 8.45 -29.72
CA THR H 98 6.39 7.69 -29.33
CA THR H 98 6.38 7.71 -29.29
C THR H 98 6.69 6.92 -28.03
N VAL H 99 5.75 6.95 -27.08
CA VAL H 99 5.90 6.18 -25.85
C VAL H 99 4.78 5.14 -25.88
N ASN H 100 5.14 3.86 -25.82
CA ASN H 100 4.14 2.79 -25.90
C ASN H 100 3.10 3.07 -27.00
N GLY H 101 3.56 3.59 -28.14
CA GLY H 101 2.68 3.82 -29.28
C GLY H 101 1.96 5.16 -29.32
N THR H 102 2.03 5.90 -28.22
CA THR H 102 1.44 7.24 -28.15
C THR H 102 2.42 8.34 -28.61
N GLU H 103 2.03 9.13 -29.62
CA GLU H 103 2.87 10.24 -30.09
C GLU H 103 3.00 11.30 -29.00
N CYS H 104 4.21 11.79 -28.76
CA CYS H 104 4.42 12.71 -27.65
C CYS H 104 4.49 14.15 -28.09
N THR H 105 4.32 15.06 -27.13
CA THR H 105 4.69 16.46 -27.32
C THR H 105 6.17 16.62 -26.99
N VAL H 106 6.91 17.34 -27.84
CA VAL H 106 8.29 17.64 -27.54
C VAL H 106 8.39 19.03 -26.91
N LYS H 107 8.86 19.09 -25.66
CA LYS H 107 8.98 20.36 -24.95
C LYS H 107 10.44 20.78 -24.78
C2 BGC I . 20.82 7.22 26.75
C3 BGC I . 21.13 6.72 28.15
C4 BGC I . 21.04 7.93 29.07
C5 BGC I . 19.55 8.53 29.07
C6 BGC I . 19.31 9.73 30.01
C1 BGC I . 19.44 7.82 26.78
O1 BGC I . 19.23 8.39 25.48
O2 BGC I . 20.77 6.08 25.89
O3 BGC I . 22.45 6.16 28.19
O4 BGC I . 21.32 7.49 30.39
O5 BGC I . 19.27 8.93 27.70
O6 BGC I . 20.12 10.85 29.70
C2 BGC I . 22.28 8.15 32.49
C3 BGC I . 23.14 9.24 33.10
C4 BGC I . 24.51 9.24 32.40
C5 BGC I . 24.31 9.52 30.93
C6 BGC I . 25.71 9.39 30.31
C1 BGC I . 22.14 8.49 31.01
O2 BGC I . 20.97 8.14 33.11
O3 BGC I . 23.33 8.93 34.49
O4 BGC I . 25.42 10.24 32.87
O5 BGC I . 23.46 8.51 30.36
O6 BGC I . 25.65 9.68 28.90
C2 BGC I . 27.56 11.11 33.44
C3 BGC I . 28.93 10.73 34.00
C4 BGC I . 28.70 10.25 35.41
C5 BGC I . 27.76 9.04 35.39
C6 BGC I . 27.39 8.60 36.82
C1 BGC I . 26.68 9.86 33.42
O2 BGC I . 27.71 11.56 32.09
O3 BGC I . 29.80 11.85 34.00
O4 BGC I . 29.96 9.89 35.97
O5 BGC I . 26.49 9.41 34.79
O6 BGC I . 26.70 9.66 37.48
C2 BGC J . 8.94 13.49 19.33
C3 BGC J . 7.48 13.80 19.57
C4 BGC J . 6.63 12.99 18.60
C5 BGC J . 6.83 11.55 18.84
C6 BGC J . 5.91 10.74 17.84
C1 BGC J . 9.08 11.99 19.57
O1 BGC J . 10.48 11.68 19.51
O2 BGC J . 9.81 14.14 20.24
O3 BGC J . 7.26 15.19 19.33
O4 BGC J . 5.24 13.24 18.82
O5 BGC J . 8.22 11.23 18.66
O6 BGC J . 6.20 11.10 16.43
C2 BGC J . 3.00 13.65 18.26
C3 BGC J . 2.16 14.48 17.33
C4 BGC J . 2.39 15.97 17.58
C5 BGC J . 3.92 16.19 17.22
C6 BGC J . 4.41 17.62 17.32
C1 BGC J . 4.45 14.01 17.97
O2 BGC J . 2.77 12.26 17.98
O3 BGC J . 0.81 14.07 17.64
O4 BGC J . 1.59 16.75 16.68
O5 BGC J . 4.75 15.42 18.11
O6 BGC J . 4.24 18.07 18.69
C2 BGC J . 0.72 18.83 15.80
C3 BGC J . 0.31 20.24 16.20
C4 BGC J . -0.83 20.04 17.21
C5 BGC J . -0.32 19.24 18.43
C6 BGC J . -1.47 19.01 19.43
C1 BGC J . 1.24 18.09 17.03
O2 BGC J . 1.78 18.80 14.85
O3 BGC J . -0.08 21.00 15.06
O4 BGC J . -1.36 21.30 17.66
O5 BGC J . 0.15 17.97 17.97
O6 BGC J . -1.00 18.24 20.55
C2 BGC K . -21.67 -8.76 -25.73
C3 BGC K . -23.05 -9.31 -26.02
C4 BGC K . -22.96 -10.33 -27.13
C5 BGC K . -21.92 -11.46 -26.83
C6 BGC K . -21.68 -12.45 -27.99
C1 BGC K . -20.74 -9.92 -25.30
O1 BGC K . -19.44 -9.44 -25.05
O2 BGC K . -21.75 -7.72 -24.75
O3 BGC K . -23.88 -8.24 -26.49
O4 BGC K . -24.24 -10.87 -27.45
O5 BGC K . -20.68 -10.89 -26.40
O6 BGC K . -20.73 -13.41 -27.61
C2 BGC K . -25.66 -11.90 -29.09
C3 BGC K . -25.73 -12.31 -30.56
C4 BGC K . -25.53 -11.00 -31.34
C5 BGC K . -24.22 -10.31 -30.96
C6 BGC K . -24.49 -8.94 -31.56
C1 BGC K . -24.29 -11.26 -28.81
O2 BGC K . -25.70 -13.08 -28.28
O3 BGC K . -27.00 -12.91 -30.80
O4 BGC K . -25.52 -10.90 -32.79
O5 BGC K . -24.18 -10.04 -29.57
O6 BGC K . -23.39 -8.05 -31.37
C2 BGC K . -26.20 -10.55 -34.96
C3 BGC K . -27.37 -10.13 -35.82
C4 BGC K . -28.42 -11.21 -35.73
C5 BGC K . -28.87 -11.38 -34.29
C6 BGC K . -29.88 -12.50 -34.44
C1 BGC K . -26.72 -10.69 -33.54
O2 BGC K . -25.28 -9.47 -35.09
O3 BGC K . -26.91 -9.98 -37.17
O4 BGC K . -29.56 -10.81 -36.48
O5 BGC K . -27.73 -11.73 -33.47
O6 BGC K . -30.44 -12.83 -33.17
C2 BGC L . -8.58 -13.42 -20.00
C3 BGC L . -7.95 -14.59 -19.29
C4 BGC L . -7.52 -14.16 -17.88
C5 BGC L . -8.73 -13.74 -17.13
C6 BGC L . -8.27 -13.30 -15.69
C1 BGC L . -9.82 -13.04 -19.15
O1 BGC L . -10.59 -12.06 -19.84
O2 BGC L . -9.08 -13.78 -21.30
O3 BGC L . -6.77 -14.95 -20.01
O4 BGC L . -6.92 -15.25 -17.16
O5 BGC L . -9.39 -12.66 -17.82
O6 BGC L . -7.26 -12.24 -15.77
C2 BGC L . -5.30 -16.22 -15.75
C3 BGC L . -3.81 -16.29 -15.53
C4 BGC L . -3.09 -16.87 -16.74
C5 BGC L . -3.37 -15.77 -17.86
C6 BGC L . -2.69 -16.02 -19.21
C1 BGC L . -5.53 -15.33 -16.96
O2 BGC L . -5.90 -15.59 -14.62
O3 BGC L . -3.69 -17.19 -14.41
O4 BGC L . -1.68 -16.92 -16.50
O5 BGC L . -4.79 -15.69 -18.15
O6 BGC L . -3.20 -17.26 -19.76
C2 BGC L . 0.52 -17.68 -17.09
C3 BGC L . 1.26 -18.76 -17.89
C4 BGC L . 0.80 -20.10 -17.31
C5 BGC L . -0.70 -20.25 -17.46
C6 BGC L . -1.00 -21.54 -16.67
C1 BGC L . -0.98 -17.88 -17.29
O2 BGC L . 0.84 -16.36 -17.53
O3 BGC L . 2.66 -18.58 -17.74
O4 BGC L . 1.46 -21.19 -17.98
O5 BGC L . -1.35 -19.19 -16.75
O6 BGC L . -2.42 -21.82 -16.69
C2 BGC M . -10.28 29.29 15.43
C3 BGC M . -10.34 30.78 15.17
C4 BGC M . -9.71 31.46 16.38
C5 BGC M . -8.18 31.00 16.56
C6 BGC M . -7.44 31.56 17.79
C1 BGC M . -8.83 28.90 15.60
O1 BGC M . -8.87 27.59 16.14
O2 BGC M . -10.79 28.64 14.24
O3 BGC M . -11.73 31.15 15.11
O4 BGC M . -9.71 32.88 16.26
O5 BGC M . -8.18 29.57 16.70
O6 BGC M . -8.07 31.17 19.00
C2 BGC M . -9.97 35.02 17.41
C3 BGC M . -10.23 35.67 18.78
C4 BGC M . -11.62 35.13 19.23
C5 BGC M . -11.66 33.60 19.20
C6 BGC M . -13.19 33.46 19.30
C1 BGC M . -9.95 33.48 17.54
O2 BGC M . -8.71 35.45 16.91
O3 BGC M . -10.22 37.11 18.67
O4 BGC M . -12.22 35.52 20.49
O5 BGC M . -11.28 33.07 17.91
O6 BGC M . -13.63 32.10 19.31
C2 BGC M . -13.70 36.67 21.95
C3 BGC M . -14.80 37.72 22.03
C4 BGC M . -14.23 39.06 21.65
C5 BGC M . -13.69 38.95 20.21
C6 BGC M . -13.14 40.29 19.77
C1 BGC M . -13.18 36.62 20.52
O2 BGC M . -14.34 35.44 22.32
O3 BGC M . -15.28 37.79 23.38
O4 BGC M . -15.28 40.02 21.72
O5 BGC M . -12.66 37.92 20.15
O6 BGC M . -12.07 40.68 20.66
C2 BGC N . 11.12 -28.22 -16.53
C3 BGC N . 12.25 -28.63 -17.46
C4 BGC N . 11.63 -29.37 -18.63
C5 BGC N . 10.57 -28.46 -19.42
C6 BGC N . 9.79 -29.12 -20.57
C1 BGC N . 10.17 -27.33 -17.31
O1 BGC N . 9.05 -27.10 -16.48
O2 BGC N . 11.71 -27.48 -15.43
O3 BGC N . 13.15 -29.50 -16.75
O4 BGC N . 12.62 -29.81 -19.58
O5 BGC N . 9.60 -28.00 -18.46
O6 BGC N . 9.00 -30.20 -20.09
C2 BGC N . 13.28 -31.61 -21.08
C3 BGC N . 12.87 -32.99 -21.62
C4 BGC N . 12.77 -33.90 -20.35
C5 BGC N . 11.84 -33.31 -19.32
C6 BGC N . 12.24 -34.18 -18.12
C1 BGC N . 12.23 -31.10 -20.08
O2 BGC N . 13.41 -30.68 -22.14
O3 BGC N . 13.78 -33.49 -22.60
O4 BGC N . 12.40 -35.30 -20.42
O5 BGC N . 12.23 -31.98 -18.95
O6 BGC N . 11.47 -33.84 -16.95
C2 BGC N . 12.68 -37.61 -20.44
C3 BGC N . 13.71 -38.71 -20.50
C4 BGC N . 14.34 -38.67 -21.87
C5 BGC N . 14.99 -37.31 -22.09
C6 BGC N . 15.48 -37.51 -23.54
C1 BGC N . 13.41 -36.29 -20.65
O2 BGC N . 12.13 -37.70 -19.13
O3 BGC N . 13.07 -39.98 -20.29
O4 BGC N . 15.37 -39.65 -21.93
O5 BGC N . 14.00 -36.26 -21.99
O6 BGC N . 16.13 -36.33 -24.01
#